data_2CU9
# 
_entry.id   2CU9 
# 
_audit_conform.dict_name       mmcif_pdbx.dic 
_audit_conform.dict_version    5.380 
_audit_conform.dict_location   http://mmcif.pdb.org/dictionaries/ascii/mmcif_pdbx.dic 
# 
loop_
_database_2.database_id 
_database_2.database_code 
_database_2.pdbx_database_accession 
_database_2.pdbx_DOI 
PDB   2CU9         pdb_00002cu9 10.2210/pdb2cu9/pdb 
RCSB  RCSB024625   ?            ?                   
WWPDB D_1000024625 ?            ?                   
# 
loop_
_pdbx_database_related.db_name 
_pdbx_database_related.db_id 
_pdbx_database_related.details 
_pdbx_database_related.content_type 
PDB      2DZE           'spASF1-H3 peptide complex'   unspecified 
PDB      2Z34           'spASF1-Hip1 peptide complex' unspecified 
PDB      2Z3F           'Cac21 peptide complex'       unspecified 
TargetDB ar_001000283.1 .                             unspecified 
# 
_pdbx_database_status.status_code                     REL 
_pdbx_database_status.entry_id                        2CU9 
_pdbx_database_status.recvd_initial_deposition_date   2005-05-25 
_pdbx_database_status.deposit_site                    PDBJ 
_pdbx_database_status.process_site                    PDBJ 
_pdbx_database_status.status_code_sf                  REL 
_pdbx_database_status.status_code_mr                  ? 
_pdbx_database_status.SG_entry                        Y 
_pdbx_database_status.pdb_format_compatible           Y 
_pdbx_database_status.status_code_cs                  ? 
_pdbx_database_status.status_code_nmr_data            ? 
_pdbx_database_status.methods_development_category    ? 
# 
loop_
_audit_author.name 
_audit_author.pdbx_ordinal 
'Padmanabhan, B.'                                        1 
'Yokoyama, S.'                                           2 
'RIKEN Structural Genomics/Proteomics Initiative (RSGI)' 3 
# 
_citation.id                        primary 
_citation.title                     
'Crystal Structures of Fission Yeast Histone Chaperone Asf1 Complexed with the Hip1 B-domain or the Cac2 C Terminus' 
_citation.journal_abbrev            J.Biol.Chem. 
_citation.journal_volume            283 
_citation.page_first                14022 
_citation.page_last                 14031 
_citation.year                      2008 
_citation.journal_id_ASTM           JBCHA3 
_citation.country                   US 
_citation.journal_id_ISSN           0021-9258 
_citation.journal_id_CSD            0071 
_citation.book_publisher            ? 
_citation.pdbx_database_id_PubMed   18334479 
_citation.pdbx_database_id_DOI      10.1074/jbc.M800594200 
# 
loop_
_citation_author.citation_id 
_citation_author.name 
_citation_author.ordinal 
_citation_author.identifier_ORCID 
primary 'Malay, A.D.'         1 ? 
primary 'Umehara, T.'         2 ? 
primary 'Matsubara-Malay, K.' 3 ? 
primary 'Padmanabhan, B.'     4 ? 
primary 'Yokoyama, S.'        5 ? 
# 
_cell.entry_id           2CU9 
_cell.length_a           78.623 
_cell.length_b           41.297 
_cell.length_c           67.211 
_cell.angle_alpha        90.00 
_cell.angle_beta         115.65 
_cell.angle_gamma        90.00 
_cell.Z_PDB              4 
_cell.pdbx_unique_axis   ? 
_cell.length_a_esd       ? 
_cell.length_b_esd       ? 
_cell.length_c_esd       ? 
_cell.angle_alpha_esd    ? 
_cell.angle_beta_esd     ? 
_cell.angle_gamma_esd    ? 
# 
_symmetry.entry_id                         2CU9 
_symmetry.space_group_name_H-M             'C 1 2 1' 
_symmetry.pdbx_full_space_group_name_H-M   ? 
_symmetry.cell_setting                     ? 
_symmetry.Int_Tables_number                5 
_symmetry.space_group_name_Hall            ? 
# 
loop_
_entity.id 
_entity.type 
_entity.src_method 
_entity.pdbx_description 
_entity.formula_weight 
_entity.pdbx_number_of_molecules 
_entity.pdbx_ec 
_entity.pdbx_mutation 
_entity.pdbx_fragment 
_entity.details 
1 polymer     man 'Histone chaperone cia1'     18347.934 1   ? ? 'N-terminal region 1-161' ? 
2 non-polymer syn '2-(2-METHOXYETHOXY)ETHANOL' 120.147   1   ? ? ?                         ? 
3 water       nat water                        18.015    248 ? ? ?                         ? 
# 
_entity_name_com.entity_id   1 
_entity_name_com.name        spCia1 
# 
_entity_poly.entity_id                      1 
_entity_poly.type                           'polypeptide(L)' 
_entity_poly.nstd_linkage                   no 
_entity_poly.nstd_monomer                   no 
_entity_poly.pdbx_seq_one_letter_code       
;MSIVNILSVNVLNNPAKFSDPYKFEITFECLEPLKSDLEWKLTYVGSATSQSYDQILDTLLVGPIPIGINKFVFEADPPN
IDLLPQLSDVLGVTVILLSCAYEDNEFVRVGYYVNNEMEGLNLQEMDDAEIKKVKVDISKVWRSILAEKPRVTRFNIQWD
N
;
_entity_poly.pdbx_seq_one_letter_code_can   
;MSIVNILSVNVLNNPAKFSDPYKFEITFECLEPLKSDLEWKLTYVGSATSQSYDQILDTLLVGPIPIGINKFVFEADPPN
IDLLPQLSDVLGVTVILLSCAYEDNEFVRVGYYVNNEMEGLNLQEMDDAEIKKVKVDISKVWRSILAEKPRVTRFNIQWD
N
;
_entity_poly.pdbx_strand_id                 A 
_entity_poly.pdbx_target_identifier         ar_001000283.1 
# 
loop_
_entity_poly_seq.entity_id 
_entity_poly_seq.num 
_entity_poly_seq.mon_id 
_entity_poly_seq.hetero 
1 1   MET n 
1 2   SER n 
1 3   ILE n 
1 4   VAL n 
1 5   ASN n 
1 6   ILE n 
1 7   LEU n 
1 8   SER n 
1 9   VAL n 
1 10  ASN n 
1 11  VAL n 
1 12  LEU n 
1 13  ASN n 
1 14  ASN n 
1 15  PRO n 
1 16  ALA n 
1 17  LYS n 
1 18  PHE n 
1 19  SER n 
1 20  ASP n 
1 21  PRO n 
1 22  TYR n 
1 23  LYS n 
1 24  PHE n 
1 25  GLU n 
1 26  ILE n 
1 27  THR n 
1 28  PHE n 
1 29  GLU n 
1 30  CYS n 
1 31  LEU n 
1 32  GLU n 
1 33  PRO n 
1 34  LEU n 
1 35  LYS n 
1 36  SER n 
1 37  ASP n 
1 38  LEU n 
1 39  GLU n 
1 40  TRP n 
1 41  LYS n 
1 42  LEU n 
1 43  THR n 
1 44  TYR n 
1 45  VAL n 
1 46  GLY n 
1 47  SER n 
1 48  ALA n 
1 49  THR n 
1 50  SER n 
1 51  GLN n 
1 52  SER n 
1 53  TYR n 
1 54  ASP n 
1 55  GLN n 
1 56  ILE n 
1 57  LEU n 
1 58  ASP n 
1 59  THR n 
1 60  LEU n 
1 61  LEU n 
1 62  VAL n 
1 63  GLY n 
1 64  PRO n 
1 65  ILE n 
1 66  PRO n 
1 67  ILE n 
1 68  GLY n 
1 69  ILE n 
1 70  ASN n 
1 71  LYS n 
1 72  PHE n 
1 73  VAL n 
1 74  PHE n 
1 75  GLU n 
1 76  ALA n 
1 77  ASP n 
1 78  PRO n 
1 79  PRO n 
1 80  ASN n 
1 81  ILE n 
1 82  ASP n 
1 83  LEU n 
1 84  LEU n 
1 85  PRO n 
1 86  GLN n 
1 87  LEU n 
1 88  SER n 
1 89  ASP n 
1 90  VAL n 
1 91  LEU n 
1 92  GLY n 
1 93  VAL n 
1 94  THR n 
1 95  VAL n 
1 96  ILE n 
1 97  LEU n 
1 98  LEU n 
1 99  SER n 
1 100 CYS n 
1 101 ALA n 
1 102 TYR n 
1 103 GLU n 
1 104 ASP n 
1 105 ASN n 
1 106 GLU n 
1 107 PHE n 
1 108 VAL n 
1 109 ARG n 
1 110 VAL n 
1 111 GLY n 
1 112 TYR n 
1 113 TYR n 
1 114 VAL n 
1 115 ASN n 
1 116 ASN n 
1 117 GLU n 
1 118 MET n 
1 119 GLU n 
1 120 GLY n 
1 121 LEU n 
1 122 ASN n 
1 123 LEU n 
1 124 GLN n 
1 125 GLU n 
1 126 MET n 
1 127 ASP n 
1 128 ASP n 
1 129 ALA n 
1 130 GLU n 
1 131 ILE n 
1 132 LYS n 
1 133 LYS n 
1 134 VAL n 
1 135 LYS n 
1 136 VAL n 
1 137 ASP n 
1 138 ILE n 
1 139 SER n 
1 140 LYS n 
1 141 VAL n 
1 142 TRP n 
1 143 ARG n 
1 144 SER n 
1 145 ILE n 
1 146 LEU n 
1 147 ALA n 
1 148 GLU n 
1 149 LYS n 
1 150 PRO n 
1 151 ARG n 
1 152 VAL n 
1 153 THR n 
1 154 ARG n 
1 155 PHE n 
1 156 ASN n 
1 157 ILE n 
1 158 GLN n 
1 159 TRP n 
1 160 ASP n 
1 161 ASN n 
# 
_entity_src_gen.entity_id                          1 
_entity_src_gen.pdbx_src_id                        1 
_entity_src_gen.pdbx_alt_source_flag               sample 
_entity_src_gen.pdbx_seq_type                      ? 
_entity_src_gen.pdbx_beg_seq_num                   ? 
_entity_src_gen.pdbx_end_seq_num                   ? 
_entity_src_gen.gene_src_common_name               'fission yeast' 
_entity_src_gen.gene_src_genus                     Schizosaccharomyces 
_entity_src_gen.pdbx_gene_src_gene                 ? 
_entity_src_gen.gene_src_species                   ? 
_entity_src_gen.gene_src_strain                    ? 
_entity_src_gen.gene_src_tissue                    ? 
_entity_src_gen.gene_src_tissue_fraction           ? 
_entity_src_gen.gene_src_details                   ? 
_entity_src_gen.pdbx_gene_src_fragment             ? 
_entity_src_gen.pdbx_gene_src_scientific_name      'Schizosaccharomyces pombe' 
_entity_src_gen.pdbx_gene_src_ncbi_taxonomy_id     4896 
_entity_src_gen.pdbx_gene_src_variant              ? 
_entity_src_gen.pdbx_gene_src_cell_line            ? 
_entity_src_gen.pdbx_gene_src_atcc                 ? 
_entity_src_gen.pdbx_gene_src_organ                ? 
_entity_src_gen.pdbx_gene_src_organelle            ? 
_entity_src_gen.pdbx_gene_src_cell                 ? 
_entity_src_gen.pdbx_gene_src_cellular_location    ? 
_entity_src_gen.host_org_common_name               ? 
_entity_src_gen.pdbx_host_org_scientific_name      'Escherichia coli' 
_entity_src_gen.pdbx_host_org_ncbi_taxonomy_id     562 
_entity_src_gen.host_org_genus                     Escherichia 
_entity_src_gen.pdbx_host_org_gene                 ? 
_entity_src_gen.pdbx_host_org_organ                ? 
_entity_src_gen.host_org_species                   ? 
_entity_src_gen.pdbx_host_org_tissue               ? 
_entity_src_gen.pdbx_host_org_tissue_fraction      ? 
_entity_src_gen.pdbx_host_org_strain               ? 
_entity_src_gen.pdbx_host_org_variant              ? 
_entity_src_gen.pdbx_host_org_cell_line            ? 
_entity_src_gen.pdbx_host_org_atcc                 ? 
_entity_src_gen.pdbx_host_org_culture_collection   ? 
_entity_src_gen.pdbx_host_org_cell                 ? 
_entity_src_gen.pdbx_host_org_organelle            ? 
_entity_src_gen.pdbx_host_org_cellular_location    ? 
_entity_src_gen.pdbx_host_org_vector_type          plasmid 
_entity_src_gen.pdbx_host_org_vector               ? 
_entity_src_gen.host_org_details                   ? 
_entity_src_gen.expression_system_id               ? 
_entity_src_gen.plasmid_name                       pET15b 
_entity_src_gen.plasmid_details                    ? 
_entity_src_gen.pdbx_description                   ? 
# 
_struct_ref.id                         1 
_struct_ref.db_name                    UNP 
_struct_ref.db_code                    CIA1_SCHPO 
_struct_ref.pdbx_db_accession          O74515 
_struct_ref.entity_id                  1 
_struct_ref.pdbx_seq_one_letter_code   
;MSIVNILSVNVLNNPAKFSDPYKFEITFECLEPLKSDLEWKLTYVGSATSQSYDQILDTLLVGPIPIGINKFVFEADPPN
IDLLPQLSDVLGVTVILLSCAYEDNEFVRVGYYVNNEMEGLNLQEMDDAEIKKVKVDISKVWRSILAEKPRVTRFNIQWD
N
;
_struct_ref.pdbx_align_begin           1 
_struct_ref.pdbx_db_isoform            ? 
# 
_struct_ref_seq.align_id                      1 
_struct_ref_seq.ref_id                        1 
_struct_ref_seq.pdbx_PDB_id_code              2CU9 
_struct_ref_seq.pdbx_strand_id                A 
_struct_ref_seq.seq_align_beg                 1 
_struct_ref_seq.pdbx_seq_align_beg_ins_code   ? 
_struct_ref_seq.seq_align_end                 161 
_struct_ref_seq.pdbx_seq_align_end_ins_code   ? 
_struct_ref_seq.pdbx_db_accession             O74515 
_struct_ref_seq.db_align_beg                  1 
_struct_ref_seq.pdbx_db_align_beg_ins_code    ? 
_struct_ref_seq.db_align_end                  161 
_struct_ref_seq.pdbx_db_align_end_ins_code    ? 
_struct_ref_seq.pdbx_auth_seq_align_beg       1 
_struct_ref_seq.pdbx_auth_seq_align_end       161 
# 
loop_
_chem_comp.id 
_chem_comp.type 
_chem_comp.mon_nstd_flag 
_chem_comp.name 
_chem_comp.pdbx_synonyms 
_chem_comp.formula 
_chem_comp.formula_weight 
ALA 'L-peptide linking' y ALANINE                      ?          'C3 H7 N O2'     89.093  
ARG 'L-peptide linking' y ARGININE                     ?          'C6 H15 N4 O2 1' 175.209 
ASN 'L-peptide linking' y ASPARAGINE                   ?          'C4 H8 N2 O3'    132.118 
ASP 'L-peptide linking' y 'ASPARTIC ACID'              ?          'C4 H7 N O4'     133.103 
CYS 'L-peptide linking' y CYSTEINE                     ?          'C3 H7 N O2 S'   121.158 
GLN 'L-peptide linking' y GLUTAMINE                    ?          'C5 H10 N2 O3'   146.144 
GLU 'L-peptide linking' y 'GLUTAMIC ACID'              ?          'C5 H9 N O4'     147.129 
GLY 'peptide linking'   y GLYCINE                      ?          'C2 H5 N O2'     75.067  
HOH non-polymer         . WATER                        ?          'H2 O'           18.015  
ILE 'L-peptide linking' y ISOLEUCINE                   ?          'C6 H13 N O2'    131.173 
LEU 'L-peptide linking' y LEUCINE                      ?          'C6 H13 N O2'    131.173 
LYS 'L-peptide linking' y LYSINE                       ?          'C6 H15 N2 O2 1' 147.195 
MET 'L-peptide linking' y METHIONINE                   ?          'C5 H11 N O2 S'  149.211 
PG0 non-polymer         . '2-(2-METHOXYETHOXY)ETHANOL' 'PEG 6000' 'C5 H12 O3'      120.147 
PHE 'L-peptide linking' y PHENYLALANINE                ?          'C9 H11 N O2'    165.189 
PRO 'L-peptide linking' y PROLINE                      ?          'C5 H9 N O2'     115.130 
SER 'L-peptide linking' y SERINE                       ?          'C3 H7 N O3'     105.093 
THR 'L-peptide linking' y THREONINE                    ?          'C4 H9 N O3'     119.119 
TRP 'L-peptide linking' y TRYPTOPHAN                   ?          'C11 H12 N2 O2'  204.225 
TYR 'L-peptide linking' y TYROSINE                     ?          'C9 H11 N O3'    181.189 
VAL 'L-peptide linking' y VALINE                       ?          'C5 H11 N O2'    117.146 
# 
_exptl.entry_id          2CU9 
_exptl.method            'X-RAY DIFFRACTION' 
_exptl.crystals_number   1 
# 
_exptl_crystal.id                    1 
_exptl_crystal.density_meas          ? 
_exptl_crystal.density_Matthews      2.68 
_exptl_crystal.density_percent_sol   58.0 
_exptl_crystal.description           ? 
_exptl_crystal.F_000                 ? 
_exptl_crystal.preparation           ? 
# 
_exptl_crystal_grow.crystal_id      1 
_exptl_crystal_grow.method          'VAPOR DIFFUSION' 
_exptl_crystal_grow.temp            293 
_exptl_crystal_grow.temp_details    ? 
_exptl_crystal_grow.pH              8.0 
_exptl_crystal_grow.pdbx_details    'PEG 6000, Ammonium Sulfate, pH 8.0, VAPOR DIFFUSION, temperature 293K' 
_exptl_crystal_grow.pdbx_pH_range   . 
# 
_diffrn.id                     1 
_diffrn.ambient_temp           120 
_diffrn.ambient_temp_details   ? 
_diffrn.crystal_id             1 
# 
_diffrn_detector.diffrn_id              1 
_diffrn_detector.detector               CCD 
_diffrn_detector.type                   'RIGAKU JUPITER 210' 
_diffrn_detector.pdbx_collection_date   2004-09-24 
_diffrn_detector.details                ? 
# 
_diffrn_radiation.diffrn_id                        1 
_diffrn_radiation.wavelength_id                    1 
_diffrn_radiation.pdbx_monochromatic_or_laue_m_l   M 
_diffrn_radiation.monochromator                    ? 
_diffrn_radiation.pdbx_diffrn_protocol             'SINGLE WAVELENGTH' 
_diffrn_radiation.pdbx_scattering_type             x-ray 
# 
_diffrn_radiation_wavelength.id           1 
_diffrn_radiation_wavelength.wavelength   1.0 
_diffrn_radiation_wavelength.wt           1.0 
# 
_diffrn_source.diffrn_id                   1 
_diffrn_source.source                      SYNCHROTRON 
_diffrn_source.type                        'SPRING-8 BEAMLINE BL26B1' 
_diffrn_source.pdbx_synchrotron_site       SPring-8 
_diffrn_source.pdbx_synchrotron_beamline   BL26B1 
_diffrn_source.pdbx_wavelength             ? 
_diffrn_source.pdbx_wavelength_list        1.0 
# 
_reflns.entry_id                     2CU9 
_reflns.observed_criterion_sigma_F   ? 
_reflns.observed_criterion_sigma_I   -3 
_reflns.d_resolution_high            1.8 
_reflns.d_resolution_low             50.0 
_reflns.number_all                   ? 
_reflns.number_obs                   17836 
_reflns.percent_possible_obs         97.7 
_reflns.pdbx_Rmerge_I_obs            0.082 
_reflns.pdbx_Rsym_value              ? 
_reflns.pdbx_netI_over_sigmaI        ? 
_reflns.B_iso_Wilson_estimate        ? 
_reflns.pdbx_redundancy              3.5 
_reflns.R_free_details               ? 
_reflns.limit_h_max                  ? 
_reflns.limit_h_min                  ? 
_reflns.limit_k_max                  ? 
_reflns.limit_k_min                  ? 
_reflns.limit_l_max                  ? 
_reflns.limit_l_min                  ? 
_reflns.observed_criterion_F_max     ? 
_reflns.observed_criterion_F_min     ? 
_reflns.pdbx_chi_squared             ? 
_reflns.pdbx_scaling_rejects         ? 
_reflns.pdbx_diffrn_id               1 
_reflns.pdbx_ordinal                 1 
# 
_reflns_shell.d_res_high             1.8 
_reflns_shell.d_res_low              1.86 
_reflns_shell.percent_possible_all   87.4 
_reflns_shell.Rmerge_I_obs           0.175 
_reflns_shell.pdbx_Rsym_value        ? 
_reflns_shell.meanI_over_sigI_obs    ? 
_reflns_shell.pdbx_redundancy        2.4 
_reflns_shell.percent_possible_obs   ? 
_reflns_shell.number_unique_all      1610 
_reflns_shell.number_measured_all    ? 
_reflns_shell.number_measured_obs    ? 
_reflns_shell.number_unique_obs      ? 
_reflns_shell.pdbx_chi_squared       ? 
_reflns_shell.pdbx_diffrn_id         ? 
_reflns_shell.pdbx_ordinal           1 
# 
_refine.entry_id                                 2CU9 
_refine.ls_number_reflns_obs                     16878 
_refine.ls_number_reflns_all                     ? 
_refine.pdbx_ls_sigma_I                          ? 
_refine.pdbx_ls_sigma_F                          0.0 
_refine.pdbx_data_cutoff_high_absF               ? 
_refine.pdbx_data_cutoff_low_absF                ? 
_refine.pdbx_data_cutoff_high_rms_absF           ? 
_refine.ls_d_res_low                             20.00 
_refine.ls_d_res_high                            1.80 
_refine.ls_percent_reflns_obs                    97.67 
_refine.ls_R_factor_obs                          0.19387 
_refine.ls_R_factor_all                          ? 
_refine.ls_R_factor_R_work                       0.19136 
_refine.ls_R_factor_R_free                       0.23891 
_refine.ls_R_factor_R_free_error                 ? 
_refine.ls_R_factor_R_free_error_details         ? 
_refine.ls_percent_reflns_R_free                 5.1 
_refine.ls_number_reflns_R_free                  911 
_refine.ls_number_parameters                     ? 
_refine.ls_number_restraints                     ? 
_refine.occupancy_min                            ? 
_refine.occupancy_max                            ? 
_refine.correlation_coeff_Fo_to_Fc               0.958 
_refine.correlation_coeff_Fo_to_Fc_free          0.940 
_refine.B_iso_mean                               33.102 
_refine.aniso_B[1][1]                            -0.16 
_refine.aniso_B[2][2]                            0.06 
_refine.aniso_B[3][3]                            1.07 
_refine.aniso_B[1][2]                            0.00 
_refine.aniso_B[1][3]                            1.12 
_refine.aniso_B[2][3]                            0.00 
_refine.solvent_model_details                    'BABINET MODEL WITH MASK' 
_refine.solvent_model_param_ksol                 ? 
_refine.solvent_model_param_bsol                 ? 
_refine.pdbx_solvent_vdw_probe_radii             1.40 
_refine.pdbx_solvent_ion_probe_radii             0.80 
_refine.pdbx_solvent_shrinkage_radii             0.80 
_refine.pdbx_ls_cross_valid_method               THROUGHOUT 
_refine.details                                  ? 
_refine.pdbx_starting_model                      'PDB ENTRY 1WG3' 
_refine.pdbx_method_to_determine_struct          'MOLECULAR REPLACEMENT' 
_refine.pdbx_isotropic_thermal_model             ? 
_refine.pdbx_stereochemistry_target_values       'MAXIMUM LIKELIHOOD' 
_refine.pdbx_stereochem_target_val_spec_case     ? 
_refine.pdbx_R_Free_selection_details            RANDOM 
_refine.pdbx_overall_ESU_R                       0.133 
_refine.pdbx_overall_ESU_R_Free                  0.133 
_refine.overall_SU_ML                            0.092 
_refine.overall_SU_B                             2.947 
_refine.ls_redundancy_reflns_obs                 ? 
_refine.B_iso_min                                ? 
_refine.B_iso_max                                ? 
_refine.overall_SU_R_Cruickshank_DPI             ? 
_refine.overall_SU_R_free                        ? 
_refine.ls_wR_factor_R_free                      ? 
_refine.ls_wR_factor_R_work                      ? 
_refine.overall_FOM_free_R_set                   ? 
_refine.overall_FOM_work_R_set                   ? 
_refine.pdbx_overall_phase_error                 ? 
_refine.pdbx_refine_id                           'X-RAY DIFFRACTION' 
_refine.pdbx_diffrn_id                           1 
_refine.pdbx_TLS_residual_ADP_flag               ? 
_refine.pdbx_overall_SU_R_free_Cruickshank_DPI   ? 
_refine.pdbx_overall_SU_R_Blow_DPI               ? 
_refine.pdbx_overall_SU_R_free_Blow_DPI          ? 
# 
_refine_hist.pdbx_refine_id                   'X-RAY DIFFRACTION' 
_refine_hist.cycle_id                         LAST 
_refine_hist.pdbx_number_atoms_protein        1274 
_refine_hist.pdbx_number_atoms_nucleic_acid   0 
_refine_hist.pdbx_number_atoms_ligand         8 
_refine_hist.number_atoms_solvent             248 
_refine_hist.number_atoms_total               1530 
_refine_hist.d_res_high                       1.80 
_refine_hist.d_res_low                        20.00 
# 
loop_
_refine_ls_restr.type 
_refine_ls_restr.dev_ideal 
_refine_ls_restr.dev_ideal_target 
_refine_ls_restr.weight 
_refine_ls_restr.number 
_refine_ls_restr.pdbx_refine_id 
_refine_ls_restr.pdbx_restraint_function 
r_bond_refined_d         0.012 0.022 ? 1307 'X-RAY DIFFRACTION' ? 
r_angle_refined_deg      1.366 1.971 ? 1778 'X-RAY DIFFRACTION' ? 
r_dihedral_angle_1_deg   5.787 5.000 ? 160  'X-RAY DIFFRACTION' ? 
r_chiral_restr           0.094 0.200 ? 207  'X-RAY DIFFRACTION' ? 
r_gen_planes_refined     0.005 0.020 ? 975  'X-RAY DIFFRACTION' ? 
r_nbd_refined            0.211 0.200 ? 571  'X-RAY DIFFRACTION' ? 
r_xyhbond_nbd_refined    0.138 0.200 ? 150  'X-RAY DIFFRACTION' ? 
r_symmetry_vdw_refined   0.227 0.200 ? 35   'X-RAY DIFFRACTION' ? 
r_symmetry_hbond_refined 0.141 0.200 ? 12   'X-RAY DIFFRACTION' ? 
r_mcbond_it              0.993 1.500 ? 807  'X-RAY DIFFRACTION' ? 
r_mcangle_it             1.802 2.000 ? 1317 'X-RAY DIFFRACTION' ? 
r_scbond_it              2.332 3.000 ? 500  'X-RAY DIFFRACTION' ? 
r_scangle_it             3.905 4.500 ? 461  'X-RAY DIFFRACTION' ? 
# 
_refine_ls_shell.pdbx_total_number_of_bins_used   20 
_refine_ls_shell.d_res_high                       1.800 
_refine_ls_shell.d_res_low                        1.846 
_refine_ls_shell.number_reflns_R_work             1059 
_refine_ls_shell.R_factor_R_work                  0.21 
_refine_ls_shell.percent_reflns_obs               ? 
_refine_ls_shell.R_factor_R_free                  0.259 
_refine_ls_shell.R_factor_R_free_error            ? 
_refine_ls_shell.percent_reflns_R_free            ? 
_refine_ls_shell.number_reflns_R_free             56 
_refine_ls_shell.number_reflns_obs                1059 
_refine_ls_shell.redundancy_reflns_obs            ? 
_refine_ls_shell.number_reflns_all                ? 
_refine_ls_shell.R_factor_all                     ? 
_refine_ls_shell.pdbx_refine_id                   'X-RAY DIFFRACTION' 
# 
_struct.entry_id                  2CU9 
_struct.title                     'Crystal structure of Histone chaperone cia1' 
_struct.pdbx_model_details        ? 
_struct.pdbx_CASP_flag            ? 
_struct.pdbx_model_type_details   ? 
# 
_struct_keywords.entry_id        2CU9 
_struct_keywords.pdbx_keywords   CHAPERONE 
_struct_keywords.text            
;immunoglobulin fold, Structural Genomics, NPPSFA, National Project on Protein Structural and Functional Analyses, RIKEN Structural Genomics/Proteomics Initiative, RSGI, CHAPERONE
;
# 
loop_
_struct_asym.id 
_struct_asym.pdbx_blank_PDB_chainid_flag 
_struct_asym.pdbx_modified 
_struct_asym.entity_id 
_struct_asym.details 
A N N 1 ? 
B N N 2 ? 
C N N 3 ? 
# 
_struct_biol.id        1 
_struct_biol.details   ? 
# 
loop_
_struct_conf.conf_type_id 
_struct_conf.id 
_struct_conf.pdbx_PDB_helix_id 
_struct_conf.beg_label_comp_id 
_struct_conf.beg_label_asym_id 
_struct_conf.beg_label_seq_id 
_struct_conf.pdbx_beg_PDB_ins_code 
_struct_conf.end_label_comp_id 
_struct_conf.end_label_asym_id 
_struct_conf.end_label_seq_id 
_struct_conf.pdbx_end_PDB_ins_code 
_struct_conf.beg_auth_comp_id 
_struct_conf.beg_auth_asym_id 
_struct_conf.beg_auth_seq_id 
_struct_conf.end_auth_comp_id 
_struct_conf.end_auth_asym_id 
_struct_conf.end_auth_seq_id 
_struct_conf.pdbx_PDB_helix_class 
_struct_conf.details 
_struct_conf.pdbx_PDB_helix_length 
HELX_P HELX_P1 1 ASN A 80  ? LEU A 84  ? ASN A 80  LEU A 84  5 ? 5 
HELX_P HELX_P2 2 GLN A 86  ? LEU A 91  ? GLN A 86  LEU A 91  5 ? 6 
HELX_P HELX_P3 3 ASN A 122 ? MET A 126 ? ASN A 122 MET A 126 5 ? 5 
HELX_P HELX_P4 4 ASP A 127 ? LYS A 132 ? ASP A 127 LYS A 132 1 ? 6 
HELX_P HELX_P5 5 ASP A 137 ? SER A 139 ? ASP A 137 SER A 139 5 ? 3 
# 
_struct_conf_type.id          HELX_P 
_struct_conf_type.criteria    ? 
_struct_conf_type.reference   ? 
# 
loop_
_struct_mon_prot_cis.pdbx_id 
_struct_mon_prot_cis.label_comp_id 
_struct_mon_prot_cis.label_seq_id 
_struct_mon_prot_cis.label_asym_id 
_struct_mon_prot_cis.label_alt_id 
_struct_mon_prot_cis.pdbx_PDB_ins_code 
_struct_mon_prot_cis.auth_comp_id 
_struct_mon_prot_cis.auth_seq_id 
_struct_mon_prot_cis.auth_asym_id 
_struct_mon_prot_cis.pdbx_label_comp_id_2 
_struct_mon_prot_cis.pdbx_label_seq_id_2 
_struct_mon_prot_cis.pdbx_label_asym_id_2 
_struct_mon_prot_cis.pdbx_PDB_ins_code_2 
_struct_mon_prot_cis.pdbx_auth_comp_id_2 
_struct_mon_prot_cis.pdbx_auth_seq_id_2 
_struct_mon_prot_cis.pdbx_auth_asym_id_2 
_struct_mon_prot_cis.pdbx_PDB_model_num 
_struct_mon_prot_cis.pdbx_omega_angle 
1 ASN 14 A . ? ASN 14 A PRO 15 A ? PRO 15 A 1 -6.55 
2 GLY 63 A . ? GLY 63 A PRO 64 A ? PRO 64 A 1 1.88  
# 
loop_
_struct_sheet.id 
_struct_sheet.type 
_struct_sheet.number_strands 
_struct_sheet.details 
A ? 3 ? 
B ? 6 ? 
C ? 4 ? 
# 
loop_
_struct_sheet_order.sheet_id 
_struct_sheet_order.range_id_1 
_struct_sheet_order.range_id_2 
_struct_sheet_order.offset 
_struct_sheet_order.sense 
A 1 2 ? anti-parallel 
A 2 3 ? anti-parallel 
B 1 2 ? anti-parallel 
B 2 3 ? anti-parallel 
B 3 4 ? anti-parallel 
B 4 5 ? anti-parallel 
B 5 6 ? anti-parallel 
C 1 2 ? anti-parallel 
C 2 3 ? anti-parallel 
C 3 4 ? anti-parallel 
# 
loop_
_struct_sheet_range.sheet_id 
_struct_sheet_range.id 
_struct_sheet_range.beg_label_comp_id 
_struct_sheet_range.beg_label_asym_id 
_struct_sheet_range.beg_label_seq_id 
_struct_sheet_range.pdbx_beg_PDB_ins_code 
_struct_sheet_range.end_label_comp_id 
_struct_sheet_range.end_label_asym_id 
_struct_sheet_range.end_label_seq_id 
_struct_sheet_range.pdbx_end_PDB_ins_code 
_struct_sheet_range.beg_auth_comp_id 
_struct_sheet_range.beg_auth_asym_id 
_struct_sheet_range.beg_auth_seq_id 
_struct_sheet_range.end_auth_comp_id 
_struct_sheet_range.end_auth_asym_id 
_struct_sheet_range.end_auth_seq_id 
A 1 VAL A 4   ? VAL A 11  ? VAL A 4   VAL A 11  
A 2 TYR A 22  ? CYS A 30  ? TYR A 22  CYS A 30  
A 3 GLY A 68  ? ALA A 76  ? GLY A 68  ALA A 76  
B 1 ALA A 16  ? LYS A 17  ? ALA A 16  LYS A 17  
B 2 VAL A 141 ? ILE A 145 ? VAL A 141 ILE A 145 
B 3 ASN A 105 ? MET A 118 ? ASN A 105 MET A 118 
B 4 GLY A 92  ? TYR A 102 ? GLY A 92  TYR A 102 
B 5 LEU A 38  ? VAL A 45  ? LEU A 38  VAL A 45  
B 6 ASP A 54  ? VAL A 62  ? ASP A 54  VAL A 62  
C 1 ALA A 16  ? LYS A 17  ? ALA A 16  LYS A 17  
C 2 VAL A 141 ? ILE A 145 ? VAL A 141 ILE A 145 
C 3 ASN A 105 ? MET A 118 ? ASN A 105 MET A 118 
C 4 ARG A 151 ? ARG A 154 ? ARG A 151 ARG A 154 
# 
loop_
_pdbx_struct_sheet_hbond.sheet_id 
_pdbx_struct_sheet_hbond.range_id_1 
_pdbx_struct_sheet_hbond.range_id_2 
_pdbx_struct_sheet_hbond.range_1_label_atom_id 
_pdbx_struct_sheet_hbond.range_1_label_comp_id 
_pdbx_struct_sheet_hbond.range_1_label_asym_id 
_pdbx_struct_sheet_hbond.range_1_label_seq_id 
_pdbx_struct_sheet_hbond.range_1_PDB_ins_code 
_pdbx_struct_sheet_hbond.range_1_auth_atom_id 
_pdbx_struct_sheet_hbond.range_1_auth_comp_id 
_pdbx_struct_sheet_hbond.range_1_auth_asym_id 
_pdbx_struct_sheet_hbond.range_1_auth_seq_id 
_pdbx_struct_sheet_hbond.range_2_label_atom_id 
_pdbx_struct_sheet_hbond.range_2_label_comp_id 
_pdbx_struct_sheet_hbond.range_2_label_asym_id 
_pdbx_struct_sheet_hbond.range_2_label_seq_id 
_pdbx_struct_sheet_hbond.range_2_PDB_ins_code 
_pdbx_struct_sheet_hbond.range_2_auth_atom_id 
_pdbx_struct_sheet_hbond.range_2_auth_comp_id 
_pdbx_struct_sheet_hbond.range_2_auth_asym_id 
_pdbx_struct_sheet_hbond.range_2_auth_seq_id 
A 1 2 N ASN A 10  ? N ASN A 10  O GLU A 25  ? O GLU A 25  
A 2 3 N PHE A 28  ? N PHE A 28  O ASN A 70  ? O ASN A 70  
B 1 2 N ALA A 16  ? N ALA A 16  O ARG A 143 ? O ARG A 143 
B 2 3 O TRP A 142 ? O TRP A 142 N GLU A 117 ? N GLU A 117 
B 3 4 O VAL A 110 ? O VAL A 110 N LEU A 98  ? N LEU A 98  
B 4 5 O VAL A 95  ? O VAL A 95  N VAL A 45  ? N VAL A 45  
B 5 6 N TYR A 44  ? N TYR A 44  O GLN A 55  ? O GLN A 55  
C 1 2 N ALA A 16  ? N ALA A 16  O ARG A 143 ? O ARG A 143 
C 2 3 O TRP A 142 ? O TRP A 142 N GLU A 117 ? N GLU A 117 
C 3 4 N ARG A 109 ? N ARG A 109 O THR A 153 ? O THR A 153 
# 
_struct_site.id                   AC1 
_struct_site.pdbx_evidence_code   Software 
_struct_site.pdbx_auth_asym_id    A 
_struct_site.pdbx_auth_comp_id    PG0 
_struct_site.pdbx_auth_seq_id     1203 
_struct_site.pdbx_auth_ins_code   ? 
_struct_site.pdbx_num_residues    6 
_struct_site.details              'BINDING SITE FOR RESIDUE PG0 A 1203' 
# 
loop_
_struct_site_gen.id 
_struct_site_gen.site_id 
_struct_site_gen.pdbx_num_res 
_struct_site_gen.label_comp_id 
_struct_site_gen.label_asym_id 
_struct_site_gen.label_seq_id 
_struct_site_gen.pdbx_auth_ins_code 
_struct_site_gen.auth_comp_id 
_struct_site_gen.auth_asym_id 
_struct_site_gen.auth_seq_id 
_struct_site_gen.label_atom_id 
_struct_site_gen.label_alt_id 
_struct_site_gen.symmetry 
_struct_site_gen.details 
1 AC1 6 VAL A 95  ? VAL A 95   . ? 1_555 ? 
2 AC1 6 TYR A 113 ? TYR A 113  . ? 1_555 ? 
3 AC1 6 LYS A 149 ? LYS A 149  . ? 1_555 ? 
4 AC1 6 ARG A 151 ? ARG A 151  . ? 1_555 ? 
5 AC1 6 HOH C .   ? HOH A 1302 . ? 1_555 ? 
6 AC1 6 HOH C .   ? HOH A 1439 . ? 1_555 ? 
# 
_atom_sites.entry_id                    2CU9 
_atom_sites.fract_transf_matrix[1][1]   -0.00876718 
_atom_sites.fract_transf_matrix[1][2]   -0.00834126 
_atom_sites.fract_transf_matrix[1][3]   0.00725454 
_atom_sites.fract_transf_matrix[2][1]   -0.01802805 
_atom_sites.fract_transf_matrix[2][2]   0.00583664 
_atom_sites.fract_transf_matrix[2][3]   -0.01507612 
_atom_sites.fract_transf_matrix[3][1]   -0.00080664 
_atom_sites.fract_transf_matrix[3][2]   -0.01567525 
_atom_sites.fract_transf_matrix[3][3]   -0.00510401 
_atom_sites.fract_transf_vector[1]      0.310834 
_atom_sites.fract_transf_vector[2]      0.051938 
_atom_sites.fract_transf_vector[3]      0.288806 
# 
loop_
_atom_type.symbol 
C 
N 
O 
S 
# 
loop_
_atom_site.group_PDB 
_atom_site.id 
_atom_site.type_symbol 
_atom_site.label_atom_id 
_atom_site.label_alt_id 
_atom_site.label_comp_id 
_atom_site.label_asym_id 
_atom_site.label_entity_id 
_atom_site.label_seq_id 
_atom_site.pdbx_PDB_ins_code 
_atom_site.Cartn_x 
_atom_site.Cartn_y 
_atom_site.Cartn_z 
_atom_site.occupancy 
_atom_site.B_iso_or_equiv 
_atom_site.pdbx_formal_charge 
_atom_site.auth_seq_id 
_atom_site.auth_comp_id 
_atom_site.auth_asym_id 
_atom_site.auth_atom_id 
_atom_site.pdbx_PDB_model_num 
ATOM   1    N N   . MET A 1 1   ? 8.941   -23.511 6.535   1.00 42.09 ? 1    MET A N   1 
ATOM   2    C CA  . MET A 1 1   ? 9.541   -22.524 7.489   1.00 41.68 ? 1    MET A CA  1 
ATOM   3    C C   . MET A 1 1   ? 9.950   -21.269 6.718   1.00 41.00 ? 1    MET A C   1 
ATOM   4    O O   . MET A 1 1   ? 10.730  -21.351 5.756   1.00 41.36 ? 1    MET A O   1 
ATOM   5    C CB  . MET A 1 1   ? 10.749  -23.138 8.209   1.00 42.09 ? 1    MET A CB  1 
ATOM   6    N N   . SER A 1 2   ? 9.406   -20.124 7.131   1.00 40.01 ? 2    SER A N   1 
ATOM   7    C CA  . SER A 1 2   ? 9.591   -18.857 6.408   1.00 38.32 ? 2    SER A CA  1 
ATOM   8    C C   . SER A 1 2   ? 11.038  -18.329 6.398   1.00 36.78 ? 2    SER A C   1 
ATOM   9    O O   . SER A 1 2   ? 11.646  -18.069 7.447   1.00 36.25 ? 2    SER A O   1 
ATOM   10   C CB  . SER A 1 2   ? 8.649   -17.792 6.946   1.00 38.83 ? 2    SER A CB  1 
ATOM   11   O OG  . SER A 1 2   ? 8.600   -16.709 6.042   1.00 40.88 ? 2    SER A OG  1 
ATOM   12   N N   . ILE A 1 3   ? 11.579  -18.168 5.201   1.00 33.79 ? 3    ILE A N   1 
ATOM   13   C CA  . ILE A 1 3   ? 12.947  -17.698 5.080   1.00 31.74 ? 3    ILE A CA  1 
ATOM   14   C C   . ILE A 1 3   ? 13.030  -16.184 5.284   1.00 30.06 ? 3    ILE A C   1 
ATOM   15   O O   . ILE A 1 3   ? 14.017  -15.678 5.802   1.00 28.42 ? 3    ILE A O   1 
ATOM   16   C CB  . ILE A 1 3   ? 13.552  -18.125 3.720   1.00 32.19 ? 3    ILE A CB  1 
ATOM   17   C CG1 . ILE A 1 3   ? 13.405  -19.644 3.515   1.00 33.58 ? 3    ILE A CG1 1 
ATOM   18   C CG2 . ILE A 1 3   ? 15.021  -17.724 3.659   1.00 30.84 ? 3    ILE A CG2 1 
ATOM   19   C CD1 . ILE A 1 3   ? 13.958  -20.507 4.686   1.00 35.39 ? 3    ILE A CD1 1 
ATOM   20   N N   . VAL A 1 4   ? 11.985  -15.464 4.892   1.00 28.40 ? 4    VAL A N   1 
ATOM   21   C CA  . VAL A 1 4   ? 11.996  -14.007 4.983   1.00 27.74 ? 4    VAL A CA  1 
ATOM   22   C C   . VAL A 1 4   ? 10.874  -13.561 5.886   1.00 27.93 ? 4    VAL A C   1 
ATOM   23   O O   . VAL A 1 4   ? 9.702   -13.911 5.656   1.00 27.80 ? 4    VAL A O   1 
ATOM   24   C CB  . VAL A 1 4   ? 11.851  -13.336 3.587   1.00 27.99 ? 4    VAL A CB  1 
ATOM   25   C CG1 . VAL A 1 4   ? 11.568  -11.846 3.714   1.00 27.58 ? 4    VAL A CG1 1 
ATOM   26   C CG2 . VAL A 1 4   ? 13.101  -13.551 2.766   1.00 26.93 ? 4    VAL A CG2 1 
ATOM   27   N N   . ASN A 1 5   ? 11.233  -12.798 6.917   1.00 27.45 ? 5    ASN A N   1 
ATOM   28   C CA  . ASN A 1 5   ? 10.270  -12.264 7.879   1.00 27.91 ? 5    ASN A CA  1 
ATOM   29   C C   . ASN A 1 5   ? 10.293  -10.748 7.965   1.00 27.68 ? 5    ASN A C   1 
ATOM   30   O O   . ASN A 1 5   ? 11.348  -10.149 8.193   1.00 26.56 ? 5    ASN A O   1 
ATOM   31   C CB  . ASN A 1 5   ? 10.560  -12.845 9.273   1.00 29.02 ? 5    ASN A CB  1 
ATOM   32   C CG  . ASN A 1 5   ? 10.444  -14.365 9.313   1.00 32.66 ? 5    ASN A CG  1 
ATOM   33   O OD1 . ASN A 1 5   ? 11.269  -15.059 9.924   1.00 36.89 ? 5    ASN A OD1 1 
ATOM   34   N ND2 . ASN A 1 5   ? 9.412   -14.892 8.667   1.00 35.96 ? 5    ASN A ND2 1 
ATOM   35   N N   . ILE A 1 6   ? 9.137   -10.110 7.791   1.00 26.13 ? 6    ILE A N   1 
ATOM   36   C CA  . ILE A 1 6   ? 9.105   -8.652  7.920   1.00 27.08 ? 6    ILE A CA  1 
ATOM   37   C C   . ILE A 1 6   ? 9.093   -8.301  9.407   1.00 27.21 ? 6    ILE A C   1 
ATOM   38   O O   . ILE A 1 6   ? 8.246   -8.799  10.150  1.00 27.66 ? 6    ILE A O   1 
ATOM   39   C CB  . ILE A 1 6   ? 7.873   -8.053  7.222   1.00 26.92 ? 6    ILE A CB  1 
ATOM   40   C CG1 . ILE A 1 6   ? 7.883   -8.357  5.713   1.00 27.59 ? 6    ILE A CG1 1 
ATOM   41   C CG2 . ILE A 1 6   ? 7.773   -6.555  7.498   1.00 26.65 ? 6    ILE A CG2 1 
ATOM   42   C CD1 . ILE A 1 6   ? 6.774   -7.578  4.910   1.00 29.07 ? 6    ILE A CD1 1 
ATOM   43   N N   . LEU A 1 7   ? 10.034  -7.458  9.825   1.00 27.44 ? 7    LEU A N   1 
ATOM   44   C CA  . LEU A 1 7   ? 10.146  -7.058  11.242  1.00 28.02 ? 7    LEU A CA  1 
ATOM   45   C C   . LEU A 1 7   ? 9.445   -5.728  11.535  1.00 27.86 ? 7    LEU A C   1 
ATOM   46   O O   . LEU A 1 7   ? 8.821   -5.569  12.591  1.00 27.99 ? 7    LEU A O   1 
ATOM   47   C CB  . LEU A 1 7   ? 11.611  -6.969  11.654  1.00 28.16 ? 7    LEU A CB  1 
ATOM   48   C CG  . LEU A 1 7   ? 12.418  -8.245  11.393  1.00 29.41 ? 7    LEU A CG  1 
ATOM   49   C CD1 . LEU A 1 7   ? 13.868  -8.029  11.757  1.00 32.58 ? 7    LEU A CD1 1 
ATOM   50   C CD2 . LEU A 1 7   ? 11.819  -9.434  12.148  1.00 30.78 ? 7    LEU A CD2 1 
ATOM   51   N N   . SER A 1 8   ? 9.557   -4.781  10.610  1.00 27.63 ? 8    SER A N   1 
ATOM   52   C CA  . SER A 1 8   ? 8.805   -3.523  10.722  1.00 27.39 ? 8    SER A CA  1 
ATOM   53   C C   . SER A 1 8   ? 8.520   -2.821  9.391   1.00 26.77 ? 8    SER A C   1 
ATOM   54   O O   . SER A 1 8   ? 9.228   -3.028  8.395   1.00 25.64 ? 8    SER A O   1 
ATOM   55   C CB  . SER A 1 8   ? 9.487   -2.554  11.701  1.00 27.76 ? 8    SER A CB  1 
ATOM   56   O OG  . SER A 1 8   ? 10.750  -2.159  11.217  1.00 27.15 ? 8    SER A OG  1 
ATOM   57   N N   . VAL A 1 9   ? 7.461   -2.007  9.395   1.00 25.83 ? 9    VAL A N   1 
ATOM   58   C CA  . VAL A 1 9   ? 7.110   -1.147  8.269   1.00 26.27 ? 9    VAL A CA  1 
ATOM   59   C C   . VAL A 1 9   ? 6.767   0.236   8.815   1.00 26.82 ? 9    VAL A C   1 
ATOM   60   O O   . VAL A 1 9   ? 5.831   0.375   9.605   1.00 27.47 ? 9    VAL A O   1 
ATOM   61   C CB  . VAL A 1 9   ? 5.883   -1.685  7.493   1.00 25.96 ? 9    VAL A CB  1 
ATOM   62   C CG1 . VAL A 1 9   ? 5.523   -0.728  6.342   1.00 25.36 ? 9    VAL A CG1 1 
ATOM   63   C CG2 . VAL A 1 9   ? 6.177   -3.103  6.962   1.00 25.25 ? 9    VAL A CG2 1 
ATOM   64   N N   . ASN A 1 10  ? 7.518   1.244   8.406   1.00 27.16 ? 10   ASN A N   1 
ATOM   65   C CA  . ASN A 1 10  ? 7.223   2.608   8.803   1.00 28.32 ? 10   ASN A CA  1 
ATOM   66   C C   . ASN A 1 10  ? 6.977   3.482   7.592   1.00 28.10 ? 10   ASN A C   1 
ATOM   67   O O   . ASN A 1 10  ? 7.791   3.516   6.664   1.00 27.73 ? 10   ASN A O   1 
ATOM   68   C CB  . ASN A 1 10  ? 8.361   3.165   9.677   1.00 29.51 ? 10   ASN A CB  1 
ATOM   69   C CG  . ASN A 1 10  ? 8.352   2.569   11.076  1.00 32.73 ? 10   ASN A CG  1 
ATOM   70   O OD1 . ASN A 1 10  ? 7.330   2.621   11.787  1.00 36.20 ? 10   ASN A OD1 1 
ATOM   71   N ND2 . ASN A 1 10  ? 9.476   1.984   11.478  1.00 34.46 ? 10   ASN A ND2 1 
ATOM   72   N N   . VAL A 1 11  ? 5.840   4.182   7.585   1.00 26.78 ? 11   VAL A N   1 
ATOM   73   C CA  . VAL A 1 11  ? 5.546   5.102   6.496   1.00 27.12 ? 11   VAL A CA  1 
ATOM   74   C C   . VAL A 1 11  ? 6.258   6.402   6.801   1.00 27.10 ? 11   VAL A C   1 
ATOM   75   O O   . VAL A 1 11  ? 6.030   6.978   7.871   1.00 28.30 ? 11   VAL A O   1 
ATOM   76   C CB  . VAL A 1 11  ? 4.019   5.407   6.357   1.00 26.20 ? 11   VAL A CB  1 
ATOM   77   C CG1 . VAL A 1 11  ? 3.778   6.355   5.162   1.00 25.58 ? 11   VAL A CG1 1 
ATOM   78   C CG2 . VAL A 1 11  ? 3.197   4.116   6.199   1.00 27.45 ? 11   VAL A CG2 1 
ATOM   79   N N   . LEU A 1 12  ? 7.099   6.870   5.881   1.00 27.69 ? 12   LEU A N   1 
ATOM   80   C CA  . LEU A 1 12  ? 7.960   8.024   6.129   1.00 27.74 ? 12   LEU A CA  1 
ATOM   81   C C   . LEU A 1 12  ? 7.309   9.379   5.852   1.00 28.19 ? 12   LEU A C   1 
ATOM   82   O O   . LEU A 1 12  ? 7.814   10.437  6.296   1.00 28.68 ? 12   LEU A O   1 
ATOM   83   C CB  . LEU A 1 12  ? 9.259   7.923   5.312   1.00 28.37 ? 12   LEU A CB  1 
ATOM   84   C CG  . LEU A 1 12  ? 10.098  6.660   5.554   1.00 26.67 ? 12   LEU A CG  1 
ATOM   85   C CD1 . LEU A 1 12  ? 11.294  6.678   4.613   1.00 27.38 ? 12   LEU A CD1 1 
ATOM   86   C CD2 . LEU A 1 12  ? 10.558  6.583   6.995   1.00 30.52 ? 12   LEU A CD2 1 
ATOM   87   N N   . ASN A 1 13  ? 6.234   9.367   5.077   1.00 26.49 ? 13   ASN A N   1 
ATOM   88   C CA  . ASN A 1 13  ? 5.593   10.613  4.710   1.00 25.50 ? 13   ASN A CA  1 
ATOM   89   C C   . ASN A 1 13  ? 4.098   10.462  4.919   1.00 25.34 ? 13   ASN A C   1 
ATOM   90   O O   . ASN A 1 13  ? 3.404   10.056  4.017   1.00 24.99 ? 13   ASN A O   1 
ATOM   91   C CB  . ASN A 1 13  ? 5.927   11.006  3.270   1.00 25.29 ? 13   ASN A CB  1 
ATOM   92   C CG  . ASN A 1 13  ? 5.520   9.936   2.236   1.00 25.84 ? 13   ASN A CG  1 
ATOM   93   O OD1 . ASN A 1 13  ? 5.600   8.731   2.498   1.00 25.18 ? 13   ASN A OD1 1 
ATOM   94   N ND2 . ASN A 1 13  ? 5.085   10.388  1.065   1.00 24.03 ? 13   ASN A ND2 1 
ATOM   95   N N   . ASN A 1 14  ? 3.637   10.762  6.129   1.00 24.10 ? 14   ASN A N   1 
ATOM   96   C CA  . ASN A 1 14  ? 2.264   10.475  6.543   1.00 24.09 ? 14   ASN A CA  1 
ATOM   97   C C   . ASN A 1 14  ? 1.802   11.440  7.620   1.00 25.02 ? 14   ASN A C   1 
ATOM   98   O O   . ASN A 1 14  ? 2.487   11.566  8.646   1.00 25.81 ? 14   ASN A O   1 
ATOM   99   C CB  . ASN A 1 14  ? 2.204   9.049   7.108   1.00 24.62 ? 14   ASN A CB  1 
ATOM   100  C CG  . ASN A 1 14  ? 0.803   8.503   7.158   1.00 23.73 ? 14   ASN A CG  1 
ATOM   101  O OD1 . ASN A 1 14  ? 0.008   8.679   6.225   1.00 24.82 ? 14   ASN A OD1 1 
ATOM   102  N ND2 . ASN A 1 14  ? 0.477   7.844   8.271   1.00 25.47 ? 14   ASN A ND2 1 
ATOM   103  N N   . PRO A 1 15  ? 0.669   12.127  7.433   1.00 24.49 ? 15   PRO A N   1 
ATOM   104  C CA  . PRO A 1 15  ? -0.124  12.135  6.190   1.00 24.05 ? 15   PRO A CA  1 
ATOM   105  C C   . PRO A 1 15  ? 0.625   12.760  5.026   1.00 23.94 ? 15   PRO A C   1 
ATOM   106  O O   . PRO A 1 15  ? 1.721   13.313  5.197   1.00 25.32 ? 15   PRO A O   1 
ATOM   107  C CB  . PRO A 1 15  ? -1.353  13.015  6.553   1.00 23.48 ? 15   PRO A CB  1 
ATOM   108  C CG  . PRO A 1 15  ? -0.987  13.752  7.776   1.00 24.51 ? 15   PRO A CG  1 
ATOM   109  C CD  . PRO A 1 15  ? 0.058   12.948  8.493   1.00 24.90 ? 15   PRO A CD  1 
ATOM   110  N N   . ALA A 1 16  ? 0.047   12.679  3.839   1.00 23.07 ? 16   ALA A N   1 
ATOM   111  C CA  . ALA A 1 16  ? 0.693   13.167  2.632   1.00 23.32 ? 16   ALA A CA  1 
ATOM   112  C C   . ALA A 1 16  ? -0.392  13.585  1.670   1.00 23.10 ? 16   ALA A C   1 
ATOM   113  O O   . ALA A 1 16  ? -1.528  13.198  1.848   1.00 22.86 ? 16   ALA A O   1 
ATOM   114  C CB  . ALA A 1 16  ? 1.527   12.060  1.980   1.00 22.45 ? 16   ALA A CB  1 
ATOM   115  N N   . LYS A 1 17  ? -0.020  14.373  0.662   1.00 23.40 ? 17   LYS A N   1 
ATOM   116  C CA  . LYS A 1 17  ? -0.908  14.646  -0.456  1.00 24.52 ? 17   LYS A CA  1 
ATOM   117  C C   . LYS A 1 17  ? -1.235  13.358  -1.203  1.00 24.78 ? 17   LYS A C   1 
ATOM   118  O O   . LYS A 1 17  ? -0.383  12.468  -1.327  1.00 24.70 ? 17   LYS A O   1 
ATOM   119  C CB  . LYS A 1 17  ? -0.279  15.690  -1.398  1.00 24.94 ? 17   LYS A CB  1 
ATOM   120  C CG  . LYS A 1 17  ? -0.275  17.099  -0.809  1.00 27.38 ? 17   LYS A CG  1 
ATOM   121  C CD  . LYS A 1 17  ? -1.698  17.651  -0.654  1.00 27.12 ? 17   LYS A CD  1 
ATOM   122  C CE  . LYS A 1 17  ? -1.692  19.130  -0.341  1.00 28.93 ? 17   LYS A CE  1 
ATOM   123  N NZ  . LYS A 1 17  ? -0.956  19.872  -1.403  1.00 29.28 ? 17   LYS A NZ  1 
ATOM   124  N N   . PHE A 1 18  ? -2.472  13.265  -1.688  1.00 24.14 ? 18   PHE A N   1 
ATOM   125  C CA  . PHE A 1 18  ? -2.900  12.128  -2.512  1.00 24.27 ? 18   PHE A CA  1 
ATOM   126  C C   . PHE A 1 18  ? -1.879  11.744  -3.580  1.00 24.39 ? 18   PHE A C   1 
ATOM   127  O O   . PHE A 1 18  ? -1.575  10.568  -3.764  1.00 22.63 ? 18   PHE A O   1 
ATOM   128  C CB  . PHE A 1 18  ? -4.258  12.409  -3.169  1.00 24.07 ? 18   PHE A CB  1 
ATOM   129  C CG  . PHE A 1 18  ? -4.756  11.281  -4.023  1.00 23.98 ? 18   PHE A CG  1 
ATOM   130  C CD1 . PHE A 1 18  ? -5.610  10.323  -3.499  1.00 26.25 ? 18   PHE A CD1 1 
ATOM   131  C CD2 . PHE A 1 18  ? -4.357  11.168  -5.351  1.00 25.83 ? 18   PHE A CD2 1 
ATOM   132  C CE1 . PHE A 1 18  ? -6.051  9.266   -4.278  1.00 26.17 ? 18   PHE A CE1 1 
ATOM   133  C CE2 . PHE A 1 18  ? -4.803  10.103  -6.132  1.00 25.55 ? 18   PHE A CE2 1 
ATOM   134  C CZ  . PHE A 1 18  ? -5.656  9.166   -5.589  1.00 24.62 ? 18   PHE A CZ  1 
ATOM   135  N N   . SER A 1 19  ? -1.338  12.752  -4.270  1.00 25.07 ? 19   SER A N   1 
ATOM   136  C CA  . SER A 1 19  ? -0.429  12.524  -5.399  1.00 26.24 ? 19   SER A CA  1 
ATOM   137  C C   . SER A 1 19  ? 1.043   12.347  -5.042  1.00 25.62 ? 19   SER A C   1 
ATOM   138  O O   . SER A 1 19  ? 1.869   12.214  -5.937  1.00 25.27 ? 19   SER A O   1 
ATOM   139  C CB  . SER A 1 19  ? -0.590  13.671  -6.413  1.00 27.16 ? 19   SER A CB  1 
ATOM   140  O OG  . SER A 1 19  ? -1.941  13.686  -6.880  1.00 30.24 ? 19   SER A OG  1 
ATOM   141  N N   . ASP A 1 20  ? 1.383   12.364  -3.753  1.00 24.82 ? 20   ASP A N   1 
ATOM   142  C CA  . ASP A 1 20  ? 2.762   12.141  -3.341  1.00 25.31 ? 20   ASP A CA  1 
ATOM   143  C C   . ASP A 1 20  ? 3.098   10.660  -3.435  1.00 24.88 ? 20   ASP A C   1 
ATOM   144  O O   . ASP A 1 20  ? 2.271   9.815   -3.082  1.00 24.64 ? 20   ASP A O   1 
ATOM   145  C CB  . ASP A 1 20  ? 3.003   12.582  -1.889  1.00 25.10 ? 20   ASP A CB  1 
ATOM   146  C CG  . ASP A 1 20  ? 3.000   14.092  -1.708  1.00 27.39 ? 20   ASP A CG  1 
ATOM   147  O OD1 . ASP A 1 20  ? 3.019   14.842  -2.712  1.00 27.56 ? 20   ASP A OD1 1 
ATOM   148  O OD2 . ASP A 1 20  ? 2.990   14.596  -0.563  1.00 27.54 ? 20   ASP A OD2 1 
ATOM   149  N N   . PRO A 1 21  ? 4.312   10.326  -3.870  1.00 25.20 ? 21   PRO A N   1 
ATOM   150  C CA  . PRO A 1 21  ? 4.736   8.914   -3.828  1.00 24.89 ? 21   PRO A CA  1 
ATOM   151  C C   . PRO A 1 21  ? 4.713   8.411   -2.400  1.00 24.27 ? 21   PRO A C   1 
ATOM   152  O O   . PRO A 1 21  ? 4.861   9.213   -1.463  1.00 22.66 ? 21   PRO A O   1 
ATOM   153  C CB  . PRO A 1 21  ? 6.172   8.947   -4.357  1.00 25.78 ? 21   PRO A CB  1 
ATOM   154  C CG  . PRO A 1 21  ? 6.231   10.220  -5.150  1.00 26.37 ? 21   PRO A CG  1 
ATOM   155  C CD  . PRO A 1 21  ? 5.360   11.211  -4.406  1.00 25.42 ? 21   PRO A CD  1 
ATOM   156  N N   . TYR A 1 22  ? 4.510   7.100   -2.236  1.00 23.18 ? 22   TYR A N   1 
ATOM   157  C CA  . TYR A 1 22  ? 4.450   6.494   -0.914  1.00 22.61 ? 22   TYR A CA  1 
ATOM   158  C C   . TYR A 1 22  ? 5.858   6.106   -0.571  1.00 23.98 ? 22   TYR A C   1 
ATOM   159  O O   . TYR A 1 22  ? 6.559   5.570   -1.430  1.00 23.07 ? 22   TYR A O   1 
ATOM   160  C CB  . TYR A 1 22  ? 3.600   5.210   -0.937  1.00 22.42 ? 22   TYR A CB  1 
ATOM   161  C CG  . TYR A 1 22  ? 2.157   5.382   -1.301  1.00 21.14 ? 22   TYR A CG  1 
ATOM   162  C CD1 . TYR A 1 22  ? 1.162   5.459   -0.312  1.00 20.94 ? 22   TYR A CD1 1 
ATOM   163  C CD2 . TYR A 1 22  ? 1.760   5.395   -2.647  1.00 22.82 ? 22   TYR A CD2 1 
ATOM   164  C CE1 . TYR A 1 22  ? -0.195  5.604   -0.662  1.00 22.64 ? 22   TYR A CE1 1 
ATOM   165  C CE2 . TYR A 1 22  ? 0.424   5.546   -2.997  1.00 21.85 ? 22   TYR A CE2 1 
ATOM   166  C CZ  . TYR A 1 22  ? -0.550  5.628   -2.015  1.00 22.61 ? 22   TYR A CZ  1 
ATOM   167  O OH  . TYR A 1 22  ? -1.886  5.778   -2.368  1.00 21.59 ? 22   TYR A OH  1 
ATOM   168  N N   . LYS A 1 23  ? 6.282   6.393   0.664   1.00 24.17 ? 23   LYS A N   1 
ATOM   169  C CA  . LYS A 1 23  ? 7.595   5.965   1.139   1.00 26.15 ? 23   LYS A CA  1 
ATOM   170  C C   . LYS A 1 23  ? 7.488   5.032   2.343   1.00 26.06 ? 23   LYS A C   1 
ATOM   171  O O   . LYS A 1 23  ? 7.143   5.441   3.446   1.00 26.24 ? 23   LYS A O   1 
ATOM   172  C CB  . LYS A 1 23  ? 8.497   7.175   1.438   1.00 25.68 ? 23   LYS A CB  1 
ATOM   173  C CG  . LYS A 1 23  ? 8.839   7.997   0.216   1.00 30.56 ? 23   LYS A CG  1 
ATOM   174  C CD  . LYS A 1 23  ? 9.905   9.064   0.553   1.00 36.12 ? 23   LYS A CD  1 
ATOM   175  C CE  . LYS A 1 23  ? 9.686   10.320  -0.299  1.00 39.04 ? 23   LYS A CE  1 
ATOM   176  N NZ  . LYS A 1 23  ? 10.814  11.311  -0.222  1.00 41.91 ? 23   LYS A NZ  1 
ATOM   177  N N   . PHE A 1 24  ? 7.771   3.755   2.097   1.00 26.38 ? 24   PHE A N   1 
ATOM   178  C CA  . PHE A 1 24  ? 7.633   2.708   3.106   1.00 26.94 ? 24   PHE A CA  1 
ATOM   179  C C   . PHE A 1 24  ? 9.028   2.239   3.485   1.00 27.30 ? 24   PHE A C   1 
ATOM   180  O O   . PHE A 1 24  ? 9.734   1.674   2.647   1.00 26.95 ? 24   PHE A O   1 
ATOM   181  C CB  . PHE A 1 24  ? 6.839   1.525   2.530   1.00 27.29 ? 24   PHE A CB  1 
ATOM   182  C CG  . PHE A 1 24  ? 5.345   1.676   2.612   1.00 29.59 ? 24   PHE A CG  1 
ATOM   183  C CD1 . PHE A 1 24  ? 4.646   1.121   3.674   1.00 33.28 ? 24   PHE A CD1 1 
ATOM   184  C CD2 . PHE A 1 24  ? 4.632   2.340   1.620   1.00 31.71 ? 24   PHE A CD2 1 
ATOM   185  C CE1 . PHE A 1 24  ? 3.257   1.226   3.760   1.00 33.93 ? 24   PHE A CE1 1 
ATOM   186  C CE2 . PHE A 1 24  ? 3.233   2.460   1.705   1.00 32.54 ? 24   PHE A CE2 1 
ATOM   187  C CZ  . PHE A 1 24  ? 2.555   1.899   2.782   1.00 33.16 ? 24   PHE A CZ  1 
ATOM   188  N N   . GLU A 1 25  ? 9.433   2.491   4.722   1.00 26.98 ? 25   GLU A N   1 
ATOM   189  C CA  . GLU A 1 25  ? 10.708  1.976   5.217   1.00 27.85 ? 25   GLU A CA  1 
ATOM   190  C C   . GLU A 1 25  ? 10.483  0.589   5.826   1.00 26.33 ? 25   GLU A C   1 
ATOM   191  O O   . GLU A 1 25  ? 9.766   0.433   6.836   1.00 25.78 ? 25   GLU A O   1 
ATOM   192  C CB  . GLU A 1 25  ? 11.333  2.907   6.245   1.00 28.23 ? 25   GLU A CB  1 
ATOM   193  C CG  . GLU A 1 25  ? 12.717  2.443   6.682   1.00 31.46 ? 25   GLU A CG  1 
ATOM   194  C CD  . GLU A 1 25  ? 13.488  3.523   7.400   1.00 36.73 ? 25   GLU A CD  1 
ATOM   195  O OE1 . GLU A 1 25  ? 13.150  3.800   8.562   1.00 37.13 ? 25   GLU A OE1 1 
ATOM   196  O OE2 . GLU A 1 25  ? 14.444  4.071   6.795   1.00 41.12 ? 25   GLU A OE2 1 
ATOM   197  N N   . ILE A 1 26  ? 11.089  -0.417  5.200   1.00 25.74 ? 26   ILE A N   1 
ATOM   198  C CA  . ILE A 1 26  ? 10.782  -1.801  5.534   1.00 24.92 ? 26   ILE A CA  1 
ATOM   199  C C   . ILE A 1 26  ? 12.049  -2.465  6.051   1.00 25.69 ? 26   ILE A C   1 
ATOM   200  O O   . ILE A 1 26  ? 13.111  -2.339  5.441   1.00 25.49 ? 26   ILE A O   1 
ATOM   201  C CB  . ILE A 1 26  ? 10.249  -2.552  4.281   1.00 25.26 ? 26   ILE A CB  1 
ATOM   202  C CG1 . ILE A 1 26  ? 8.952   -1.903  3.780   1.00 24.33 ? 26   ILE A CG1 1 
ATOM   203  C CG2 . ILE A 1 26  ? 10.067  -4.076  4.578   1.00 24.28 ? 26   ILE A CG2 1 
ATOM   204  C CD1 . ILE A 1 26  ? 8.651   -2.152  2.254   1.00 22.92 ? 26   ILE A CD1 1 
ATOM   205  N N   . THR A 1 27  ? 11.906  -3.138  7.179   1.00 25.42 ? 27   THR A N   1 
ATOM   206  C CA  . THR A 1 27  ? 12.981  -3.912  7.783   1.00 26.24 ? 27   THR A CA  1 
ATOM   207  C C   . THR A 1 27  ? 12.559  -5.370  7.794   1.00 25.73 ? 27   THR A C   1 
ATOM   208  O O   . THR A 1 27  ? 11.468  -5.697  8.230   1.00 26.13 ? 27   THR A O   1 
ATOM   209  C CB  . THR A 1 27  ? 13.197  -3.398  9.203   1.00 26.80 ? 27   THR A CB  1 
ATOM   210  O OG1 . THR A 1 27  ? 13.600  -2.023  9.130   1.00 27.24 ? 27   THR A OG1 1 
ATOM   211  C CG2 . THR A 1 27  ? 14.369  -4.132  9.891   1.00 27.47 ? 27   THR A CG2 1 
ATOM   212  N N   . PHE A 1 28  ? 13.422  -6.254  7.300   1.00 25.90 ? 28   PHE A N   1 
ATOM   213  C CA  . PHE A 1 28  ? 13.093  -7.665  7.293   1.00 25.71 ? 28   PHE A CA  1 
ATOM   214  C C   . PHE A 1 28  ? 14.332  -8.489  7.579   1.00 26.40 ? 28   PHE A C   1 
ATOM   215  O O   . PHE A 1 28  ? 15.449  -7.996  7.454   1.00 26.79 ? 28   PHE A O   1 
ATOM   216  C CB  . PHE A 1 28  ? 12.447  -8.092  5.960   1.00 25.93 ? 28   PHE A CB  1 
ATOM   217  C CG  . PHE A 1 28  ? 13.352  -7.994  4.748   1.00 25.15 ? 28   PHE A CG  1 
ATOM   218  C CD1 . PHE A 1 28  ? 14.171  -9.059  4.382   1.00 24.20 ? 28   PHE A CD1 1 
ATOM   219  C CD2 . PHE A 1 28  ? 13.309  -6.873  3.929   1.00 24.87 ? 28   PHE A CD2 1 
ATOM   220  C CE1 . PHE A 1 28  ? 15.006  -8.975  3.235   1.00 24.89 ? 28   PHE A CE1 1 
ATOM   221  C CE2 . PHE A 1 28  ? 14.116  -6.783  2.758   1.00 24.17 ? 28   PHE A CE2 1 
ATOM   222  C CZ  . PHE A 1 28  ? 14.960  -7.852  2.422   1.00 26.92 ? 28   PHE A CZ  1 
ATOM   223  N N   . GLU A 1 29  ? 14.129  -9.733  7.970   1.00 26.61 ? 29   GLU A N   1 
ATOM   224  C CA  . GLU A 1 29  ? 15.251  -10.647 8.112   1.00 27.42 ? 29   GLU A CA  1 
ATOM   225  C C   . GLU A 1 29  ? 15.170  -11.782 7.069   1.00 27.89 ? 29   GLU A C   1 
ATOM   226  O O   . GLU A 1 29  ? 14.074  -12.258 6.740   1.00 27.03 ? 29   GLU A O   1 
ATOM   227  C CB  . GLU A 1 29  ? 15.317  -11.200 9.536   1.00 28.62 ? 29   GLU A CB  1 
ATOM   228  C CG  . GLU A 1 29  ? 14.091  -12.025 9.938   1.00 31.76 ? 29   GLU A CG  1 
ATOM   229  C CD  . GLU A 1 29  ? 14.238  -12.693 11.299  1.00 37.21 ? 29   GLU A CD  1 
ATOM   230  O OE1 . GLU A 1 29  ? 15.306  -12.525 11.934  1.00 37.03 ? 29   GLU A OE1 1 
ATOM   231  O OE2 . GLU A 1 29  ? 13.279  -13.392 11.724  1.00 38.67 ? 29   GLU A OE2 1 
ATOM   232  N N   . CYS A 1 30  ? 16.333  -12.147 6.512   1.00 27.86 ? 30   CYS A N   1 
ATOM   233  C CA  . CYS A 1 30  ? 16.471  -13.291 5.597   1.00 28.19 ? 30   CYS A CA  1 
ATOM   234  C C   . CYS A 1 30  ? 17.326  -14.356 6.291   1.00 28.53 ? 30   CYS A C   1 
ATOM   235  O O   . CYS A 1 30  ? 18.497  -14.127 6.562   1.00 27.90 ? 30   CYS A O   1 
ATOM   236  C CB  . CYS A 1 30  ? 17.141  -12.865 4.299   1.00 28.13 ? 30   CYS A CB  1 
ATOM   237  S SG  . CYS A 1 30  ? 17.119  -14.179 3.044   1.00 30.13 ? 30   CYS A SG  1 
ATOM   238  N N   . LEU A 1 31  ? 16.728  -15.504 6.588   1.00 28.28 ? 31   LEU A N   1 
ATOM   239  C CA  . LEU A 1 31  ? 17.353  -16.456 7.489   1.00 29.61 ? 31   LEU A CA  1 
ATOM   240  C C   . LEU A 1 31  ? 18.363  -17.358 6.792   1.00 30.76 ? 31   LEU A C   1 
ATOM   241  O O   . LEU A 1 31  ? 19.329  -17.823 7.418   1.00 30.99 ? 31   LEU A O   1 
ATOM   242  C CB  . LEU A 1 31  ? 16.267  -17.268 8.213   1.00 29.87 ? 31   LEU A CB  1 
ATOM   243  C CG  . LEU A 1 31  ? 15.357  -16.443 9.134   1.00 30.94 ? 31   LEU A CG  1 
ATOM   244  C CD1 . LEU A 1 31  ? 14.266  -17.307 9.745   1.00 31.90 ? 31   LEU A CD1 1 
ATOM   245  C CD2 . LEU A 1 31  ? 16.166  -15.757 10.253  1.00 33.91 ? 31   LEU A CD2 1 
ATOM   246  N N   . GLU A 1 32  ? 18.132  -17.574 5.494   1.00 31.87 ? 32   GLU A N   1 
ATOM   247  C CA  . GLU A 1 32  ? 18.912  -18.476 4.649   1.00 33.00 ? 32   GLU A CA  1 
ATOM   248  C C   . GLU A 1 32  ? 19.095  -17.866 3.274   1.00 32.93 ? 32   GLU A C   1 
ATOM   249  O O   . GLU A 1 32  ? 18.264  -17.053 2.843   1.00 31.78 ? 32   GLU A O   1 
ATOM   250  C CB  . GLU A 1 32  ? 18.174  -19.796 4.470   1.00 32.86 ? 32   GLU A CB  1 
ATOM   251  C CG  . GLU A 1 32  ? 18.522  -20.826 5.507   1.00 36.81 ? 32   GLU A CG  1 
ATOM   252  C CD  . GLU A 1 32  ? 17.580  -22.008 5.450   1.00 39.84 ? 32   GLU A CD  1 
ATOM   253  O OE1 . GLU A 1 32  ? 17.284  -22.473 4.329   1.00 40.26 ? 32   GLU A OE1 1 
ATOM   254  O OE2 . GLU A 1 32  ? 17.130  -22.460 6.522   1.00 42.85 ? 32   GLU A OE2 1 
ATOM   255  N N   . PRO A 1 33  ? 20.169  -18.253 2.571   1.00 33.03 ? 33   PRO A N   1 
ATOM   256  C CA  . PRO A 1 33  ? 20.381  -17.770 1.203   1.00 33.61 ? 33   PRO A CA  1 
ATOM   257  C C   . PRO A 1 33  ? 19.232  -18.225 0.311   1.00 33.27 ? 33   PRO A C   1 
ATOM   258  O O   . PRO A 1 33  ? 18.708  -19.325 0.507   1.00 33.73 ? 33   PRO A O   1 
ATOM   259  C CB  . PRO A 1 33  ? 21.714  -18.417 0.789   1.00 33.97 ? 33   PRO A CB  1 
ATOM   260  C CG  . PRO A 1 33  ? 21.942  -19.512 1.752   1.00 33.95 ? 33   PRO A CG  1 
ATOM   261  C CD  . PRO A 1 33  ? 21.247  -19.152 3.020   1.00 33.51 ? 33   PRO A CD  1 
ATOM   262  N N   . LEU A 1 34  ? 18.807  -17.361 -0.598  1.00 32.76 ? 34   LEU A N   1 
ATOM   263  C CA  . LEU A 1 34  ? 17.776  -17.719 -1.565  1.00 32.29 ? 34   LEU A CA  1 
ATOM   264  C C   . LEU A 1 34  ? 18.299  -17.622 -2.993  1.00 31.87 ? 34   LEU A C   1 
ATOM   265  O O   . LEU A 1 34  ? 19.164  -16.781 -3.290  1.00 32.32 ? 34   LEU A O   1 
ATOM   266  C CB  . LEU A 1 34  ? 16.543  -16.829 -1.364  1.00 32.46 ? 34   LEU A CB  1 
ATOM   267  C CG  . LEU A 1 34  ? 15.758  -17.165 -0.078  1.00 32.62 ? 34   LEU A CG  1 
ATOM   268  C CD1 . LEU A 1 34  ? 14.661  -16.151 0.197   1.00 32.18 ? 34   LEU A CD1 1 
ATOM   269  C CD2 . LEU A 1 34  ? 15.170  -18.597 -0.089  1.00 31.54 ? 34   LEU A CD2 1 
ATOM   270  N N   . LYS A 1 35  ? 17.792  -18.492 -3.865  1.00 31.12 ? 35   LYS A N   1 
ATOM   271  C CA  . LYS A 1 35  ? 18.167  -18.521 -5.296  1.00 31.13 ? 35   LYS A CA  1 
ATOM   272  C C   . LYS A 1 35  ? 17.674  -17.294 -6.027  1.00 30.51 ? 35   LYS A C   1 
ATOM   273  O O   . LYS A 1 35  ? 18.260  -16.868 -7.012  1.00 30.60 ? 35   LYS A O   1 
ATOM   274  C CB  . LYS A 1 35  ? 17.520  -19.722 -6.015  1.00 31.01 ? 35   LYS A CB  1 
ATOM   275  C CG  . LYS A 1 35  ? 18.012  -21.054 -5.624  1.00 35.30 ? 35   LYS A CG  1 
ATOM   276  C CD  . LYS A 1 35  ? 17.174  -22.191 -6.226  1.00 38.92 ? 35   LYS A CD  1 
ATOM   277  C CE  . LYS A 1 35  ? 17.856  -23.525 -5.872  1.00 42.31 ? 35   LYS A CE  1 
ATOM   278  N NZ  . LYS A 1 35  ? 17.145  -24.830 -6.164  1.00 43.30 ? 35   LYS A NZ  1 
ATOM   279  N N   . SER A 1 36  ? 16.549  -16.746 -5.581  1.00 29.72 ? 36   SER A N   1 
ATOM   280  C CA  . SER A 1 36  ? 15.887  -15.714 -6.358  1.00 28.19 ? 36   SER A CA  1 
ATOM   281  C C   . SER A 1 36  ? 15.709  -14.430 -5.565  1.00 28.47 ? 36   SER A C   1 
ATOM   282  O O   . SER A 1 36  ? 16.030  -14.365 -4.377  1.00 27.67 ? 36   SER A O   1 
ATOM   283  C CB  . SER A 1 36  ? 14.534  -16.223 -6.892  1.00 28.86 ? 36   SER A CB  1 
ATOM   284  O OG  . SER A 1 36  ? 14.742  -17.265 -7.822  1.00 29.38 ? 36   SER A OG  1 
ATOM   285  N N   . ASP A 1 37  ? 15.191  -13.425 -6.254  1.00 27.97 ? 37   ASP A N   1 
ATOM   286  C CA  . ASP A 1 37  ? 14.975  -12.089 -5.710  1.00 27.98 ? 37   ASP A CA  1 
ATOM   287  C C   . ASP A 1 37  ? 13.629  -11.964 -4.983  1.00 26.89 ? 37   ASP A C   1 
ATOM   288  O O   . ASP A 1 37  ? 12.768  -12.817 -5.134  1.00 26.35 ? 37   ASP A O   1 
ATOM   289  C CB  . ASP A 1 37  ? 14.984  -11.079 -6.849  1.00 28.82 ? 37   ASP A CB  1 
ATOM   290  C CG  . ASP A 1 37  ? 16.364  -10.896 -7.465  1.00 33.07 ? 37   ASP A CG  1 
ATOM   291  O OD1 . ASP A 1 37  ? 17.371  -11.338 -6.853  1.00 36.70 ? 37   ASP A OD1 1 
ATOM   292  O OD2 . ASP A 1 37  ? 16.520  -10.322 -8.558  1.00 39.02 ? 37   ASP A OD2 1 
ATOM   293  N N   . LEU A 1 38  ? 13.462  -10.877 -4.228  1.00 25.15 ? 38   LEU A N   1 
ATOM   294  C CA  . LEU A 1 38  ? 12.153  -10.546 -3.621  1.00 24.42 ? 38   LEU A CA  1 
ATOM   295  C C   . LEU A 1 38  ? 11.389  -9.594  -4.515  1.00 24.88 ? 38   LEU A C   1 
ATOM   296  O O   . LEU A 1 38  ? 11.978  -8.671  -5.085  1.00 24.67 ? 38   LEU A O   1 
ATOM   297  C CB  . LEU A 1 38  ? 12.328  -9.912  -2.246  1.00 23.24 ? 38   LEU A CB  1 
ATOM   298  C CG  . LEU A 1 38  ? 12.859  -10.791 -1.122  1.00 23.88 ? 38   LEU A CG  1 
ATOM   299  C CD1 . LEU A 1 38  ? 13.005  -9.975  0.160   1.00 22.62 ? 38   LEU A CD1 1 
ATOM   300  C CD2 . LEU A 1 38  ? 11.987  -12.061 -0.892  1.00 23.24 ? 38   LEU A CD2 1 
ATOM   301  N N   . GLU A 1 39  ? 10.077  -9.809  -4.623  1.00 25.25 ? 39   GLU A N   1 
ATOM   302  C CA  . GLU A 1 39  ? 9.234   -9.006  -5.503  1.00 25.79 ? 39   GLU A CA  1 
ATOM   303  C C   . GLU A 1 39  ? 8.283   -8.215  -4.623  1.00 25.52 ? 39   GLU A C   1 
ATOM   304  O O   . GLU A 1 39  ? 7.323   -8.769  -4.111  1.00 24.54 ? 39   GLU A O   1 
ATOM   305  C CB  . GLU A 1 39  ? 8.422   -9.906  -6.458  1.00 27.48 ? 39   GLU A CB  1 
ATOM   306  C CG  . GLU A 1 39  ? 9.236   -10.920 -7.237  1.00 31.83 ? 39   GLU A CG  1 
ATOM   307  C CD  . GLU A 1 39  ? 8.394   -12.084 -7.743  1.00 36.51 ? 39   GLU A CD  1 
ATOM   308  O OE1 . GLU A 1 39  ? 7.423   -11.845 -8.515  1.00 35.34 ? 39   GLU A OE1 1 
ATOM   309  O OE2 . GLU A 1 39  ? 8.708   -13.230 -7.353  1.00 37.24 ? 39   GLU A OE2 1 
ATOM   310  N N   . TRP A 1 40  ? 8.563   -6.932  -4.432  1.00 25.05 ? 40   TRP A N   1 
ATOM   311  C CA  . TRP A 1 40  ? 7.674   -6.090  -3.628  1.00 25.66 ? 40   TRP A CA  1 
ATOM   312  C C   . TRP A 1 40  ? 6.601   -5.404  -4.462  1.00 24.87 ? 40   TRP A C   1 
ATOM   313  O O   . TRP A 1 40  ? 6.822   -5.042  -5.623  1.00 24.52 ? 40   TRP A O   1 
ATOM   314  C CB  . TRP A 1 40  ? 8.481   -5.068  -2.823  1.00 25.71 ? 40   TRP A CB  1 
ATOM   315  C CG  . TRP A 1 40  ? 9.396   -5.671  -1.795  1.00 28.01 ? 40   TRP A CG  1 
ATOM   316  C CD1 . TRP A 1 40  ? 10.693  -6.067  -1.978  1.00 29.88 ? 40   TRP A CD1 1 
ATOM   317  C CD2 . TRP A 1 40  ? 9.093   -5.949  -0.422  1.00 29.91 ? 40   TRP A CD2 1 
ATOM   318  N NE1 . TRP A 1 40  ? 11.217  -6.557  -0.804  1.00 30.63 ? 40   TRP A NE1 1 
ATOM   319  C CE2 . TRP A 1 40  ? 10.253  -6.507  0.165   1.00 29.76 ? 40   TRP A CE2 1 
ATOM   320  C CE3 . TRP A 1 40  ? 7.951   -5.779  0.380   1.00 31.08 ? 40   TRP A CE3 1 
ATOM   321  C CZ2 . TRP A 1 40  ? 10.305  -6.900  1.508   1.00 30.84 ? 40   TRP A CZ2 1 
ATOM   322  C CZ3 . TRP A 1 40  ? 8.002   -6.189  1.709   1.00 31.70 ? 40   TRP A CZ3 1 
ATOM   323  C CH2 . TRP A 1 40  ? 9.176   -6.727  2.257   1.00 31.22 ? 40   TRP A CH2 1 
ATOM   324  N N   . LYS A 1 41  ? 5.410   -5.249  -3.875  1.00 23.56 ? 41   LYS A N   1 
ATOM   325  C CA  . LYS A 1 41  ? 4.302   -4.599  -4.559  1.00 24.05 ? 41   LYS A CA  1 
ATOM   326  C C   . LYS A 1 41  ? 3.528   -3.734  -3.578  1.00 23.08 ? 41   LYS A C   1 
ATOM   327  O O   . LYS A 1 41  ? 3.447   -4.052  -2.396  1.00 22.61 ? 41   LYS A O   1 
ATOM   328  C CB  . LYS A 1 41  ? 3.350   -5.656  -5.127  1.00 24.56 ? 41   LYS A CB  1 
ATOM   329  C CG  . LYS A 1 41  ? 2.180   -5.122  -5.922  1.00 27.40 ? 41   LYS A CG  1 
ATOM   330  C CD  . LYS A 1 41  ? 1.480   -6.208  -6.755  1.00 29.66 ? 41   LYS A CD  1 
ATOM   331  C CE  . LYS A 1 41  ? 1.126   -7.441  -5.956  1.00 30.00 ? 41   LYS A CE  1 
ATOM   332  N NZ  . LYS A 1 41  ? 0.136   -8.326  -6.642  1.00 34.11 ? 41   LYS A NZ  1 
ATOM   333  N N   . LEU A 1 42  ? 2.980   -2.634  -4.081  1.00 22.44 ? 42   LEU A N   1 
ATOM   334  C CA  . LEU A 1 42  ? 2.020   -1.836  -3.302  1.00 22.44 ? 42   LEU A CA  1 
ATOM   335  C C   . LEU A 1 42  ? 0.778   -1.717  -4.143  1.00 21.86 ? 42   LEU A C   1 
ATOM   336  O O   . LEU A 1 42  ? 0.867   -1.342  -5.308  1.00 22.17 ? 42   LEU A O   1 
ATOM   337  C CB  . LEU A 1 42  ? 2.563   -0.446  -2.996  1.00 22.15 ? 42   LEU A CB  1 
ATOM   338  C CG  . LEU A 1 42  ? 1.736   0.349   -1.981  1.00 23.10 ? 42   LEU A CG  1 
ATOM   339  C CD1 . LEU A 1 42  ? 1.898   -0.279  -0.613  1.00 20.66 ? 42   LEU A CD1 1 
ATOM   340  C CD2 . LEU A 1 42  ? 2.158   1.818   -1.935  1.00 23.24 ? 42   LEU A CD2 1 
ATOM   341  N N   . THR A 1 43  ? -0.374  -2.045  -3.555  1.00 21.33 ? 43   THR A N   1 
ATOM   342  C CA  . THR A 1 43  ? -1.639  -2.031  -4.281  1.00 21.70 ? 43   THR A CA  1 
ATOM   343  C C   . THR A 1 43  ? -2.627  -1.058  -3.653  1.00 21.51 ? 43   THR A C   1 
ATOM   344  O O   . THR A 1 43  ? -2.785  -1.034  -2.427  1.00 21.06 ? 43   THR A O   1 
ATOM   345  C CB  . THR A 1 43  ? -2.247  -3.448  -4.314  1.00 21.12 ? 43   THR A CB  1 
ATOM   346  O OG1 . THR A 1 43  ? -1.320  -4.349  -4.961  1.00 23.17 ? 43   THR A OG1 1 
ATOM   347  C CG2 . THR A 1 43  ? -3.484  -3.496  -5.199  1.00 24.08 ? 43   THR A CG2 1 
ATOM   348  N N   . TYR A 1 44  ? -3.274  -0.259  -4.485  1.00 21.73 ? 44   TYR A N   1 
ATOM   349  C CA  . TYR A 1 44  ? -4.343  0.649   -4.071  1.00 23.40 ? 44   TYR A CA  1 
ATOM   350  C C   . TYR A 1 44  ? -5.671  -0.107  -4.234  1.00 24.70 ? 44   TYR A C   1 
ATOM   351  O O   . TYR A 1 44  ? -5.966  -0.634  -5.312  1.00 23.60 ? 44   TYR A O   1 
ATOM   352  C CB  . TYR A 1 44  ? -4.320  1.919   -4.935  1.00 23.29 ? 44   TYR A CB  1 
ATOM   353  C CG  . TYR A 1 44  ? -5.435  2.917   -4.670  1.00 24.28 ? 44   TYR A CG  1 
ATOM   354  C CD1 . TYR A 1 44  ? -6.645  2.850   -5.364  1.00 24.95 ? 44   TYR A CD1 1 
ATOM   355  C CD2 . TYR A 1 44  ? -5.263  3.953   -3.758  1.00 25.67 ? 44   TYR A CD2 1 
ATOM   356  C CE1 . TYR A 1 44  ? -7.677  3.779   -5.135  1.00 25.23 ? 44   TYR A CE1 1 
ATOM   357  C CE2 . TYR A 1 44  ? -6.281  4.891   -3.511  1.00 24.31 ? 44   TYR A CE2 1 
ATOM   358  C CZ  . TYR A 1 44  ? -7.489  4.791   -4.204  1.00 25.74 ? 44   TYR A CZ  1 
ATOM   359  O OH  . TYR A 1 44  ? -8.484  5.703   -3.961  1.00 23.76 ? 44   TYR A OH  1 
ATOM   360  N N   . VAL A 1 45  ? -6.422  -0.198  -3.138  1.00 26.06 ? 45   VAL A N   1 
ATOM   361  C CA  . VAL A 1 45  ? -7.729  -0.860  -3.118  1.00 27.97 ? 45   VAL A CA  1 
ATOM   362  C C   . VAL A 1 45  ? -8.759  0.215   -2.831  1.00 30.59 ? 45   VAL A C   1 
ATOM   363  O O   . VAL A 1 45  ? -8.846  0.730   -1.700  1.00 29.47 ? 45   VAL A O   1 
ATOM   364  C CB  . VAL A 1 45  ? -7.771  -2.007  -2.077  1.00 27.72 ? 45   VAL A CB  1 
ATOM   365  C CG1 . VAL A 1 45  ? -9.160  -2.658  -2.023  1.00 29.77 ? 45   VAL A CG1 1 
ATOM   366  C CG2 . VAL A 1 45  ? -6.685  -3.035  -2.369  1.00 27.30 ? 45   VAL A CG2 1 
ATOM   367  N N   . GLY A 1 46  ? -9.515  0.570   -3.872  1.00 33.46 ? 46   GLY A N   1 
ATOM   368  C CA  . GLY A 1 46  ? -10.364 1.755   -3.858  1.00 39.53 ? 46   GLY A CA  1 
ATOM   369  C C   . GLY A 1 46  ? -11.587 1.703   -2.964  1.00 43.38 ? 46   GLY A C   1 
ATOM   370  O O   . GLY A 1 46  ? -12.231 2.728   -2.688  1.00 44.14 ? 46   GLY A O   1 
ATOM   371  N N   . SER A 1 47  ? -11.929 0.501   -2.523  1.00 47.63 ? 47   SER A N   1 
ATOM   372  C CA  . SER A 1 47  ? -13.029 0.313   -1.581  1.00 51.55 ? 47   SER A CA  1 
ATOM   373  C C   . SER A 1 47  ? -13.108 -1.142  -1.127  1.00 53.99 ? 47   SER A C   1 
ATOM   374  O O   . SER A 1 47  ? -13.417 -2.049  -1.924  1.00 54.49 ? 47   SER A O   1 
ATOM   375  C CB  . SER A 1 47  ? -14.360 0.775   -2.185  1.00 51.75 ? 47   SER A CB  1 
ATOM   376  N N   . ALA A 1 48  ? -12.808 -1.343  0.158   1.00 56.71 ? 48   ALA A N   1 
ATOM   377  C CA  . ALA A 1 48  ? -12.871 -2.660  0.797   1.00 59.23 ? 48   ALA A CA  1 
ATOM   378  C C   . ALA A 1 48  ? -14.296 -3.237  0.811   1.00 60.69 ? 48   ALA A C   1 
ATOM   379  O O   . ALA A 1 48  ? -15.259 -2.532  1.141   1.00 60.99 ? 48   ALA A O   1 
ATOM   380  C CB  . ALA A 1 48  ? -12.299 -2.591  2.222   1.00 59.09 ? 48   ALA A CB  1 
ATOM   381  N N   . THR A 1 49  ? -14.404 -4.513  0.428   1.00 62.40 ? 49   THR A N   1 
ATOM   382  C CA  . THR A 1 49  ? -15.654 -5.298  0.457   1.00 63.72 ? 49   THR A CA  1 
ATOM   383  C C   . THR A 1 49  ? -16.512 -5.271  -0.827  1.00 64.32 ? 49   THR A C   1 
ATOM   384  O O   . THR A 1 49  ? -17.274 -6.218  -1.081  1.00 64.90 ? 49   THR A O   1 
ATOM   385  C CB  . THR A 1 49  ? -16.517 -4.974  1.720   1.00 63.98 ? 49   THR A CB  1 
ATOM   386  N N   . SER A 1 50  ? -16.403 -4.212  -1.632  1.00 64.52 ? 50   SER A N   1 
ATOM   387  C CA  . SER A 1 50  ? -17.176 -4.146  -2.881  1.00 64.18 ? 50   SER A CA  1 
ATOM   388  C C   . SER A 1 50  ? -16.334 -4.559  -4.099  1.00 63.65 ? 50   SER A C   1 
ATOM   389  O O   . SER A 1 50  ? -15.578 -5.539  -4.026  1.00 64.10 ? 50   SER A O   1 
ATOM   390  C CB  . SER A 1 50  ? -17.817 -2.764  -3.068  1.00 64.54 ? 50   SER A CB  1 
ATOM   391  O OG  . SER A 1 50  ? -18.801 -2.506  -2.070  1.00 64.89 ? 50   SER A OG  1 
ATOM   392  N N   . GLN A 1 51  ? -16.460 -3.809  -5.196  1.00 62.38 ? 51   GLN A N   1 
ATOM   393  C CA  . GLN A 1 51  ? -15.817 -4.128  -6.475  1.00 60.82 ? 51   GLN A CA  1 
ATOM   394  C C   . GLN A 1 51  ? -14.281 -4.064  -6.457  1.00 59.59 ? 51   GLN A C   1 
ATOM   395  O O   . GLN A 1 51  ? -13.670 -3.604  -5.483  1.00 59.54 ? 51   GLN A O   1 
ATOM   396  C CB  . GLN A 1 51  ? -16.374 -3.208  -7.582  1.00 60.92 ? 51   GLN A CB  1 
ATOM   397  N N   . SER A 1 52  ? -13.675 -4.527  -7.553  1.00 57.74 ? 52   SER A N   1 
ATOM   398  C CA  . SER A 1 52  ? -12.235 -4.396  -7.762  1.00 55.63 ? 52   SER A CA  1 
ATOM   399  C C   . SER A 1 52  ? -11.881 -3.064  -8.454  1.00 53.50 ? 52   SER A C   1 
ATOM   400  O O   . SER A 1 52  ? -11.453 -3.067  -9.615  1.00 53.41 ? 52   SER A O   1 
ATOM   401  C CB  . SER A 1 52  ? -11.692 -5.595  -8.554  1.00 55.95 ? 52   SER A CB  1 
ATOM   402  O OG  . SER A 1 52  ? -11.022 -6.512  -7.705  1.00 56.58 ? 52   SER A OG  1 
ATOM   403  N N   . TYR A 1 53  ? -12.062 -1.942  -7.725  1.00 50.53 ? 53   TYR A N   1 
ATOM   404  C CA  . TYR A 1 53  ? -11.636 -0.585  -8.157  1.00 46.60 ? 53   TYR A CA  1 
ATOM   405  C C   . TYR A 1 53  ? -10.165 -0.337  -7.771  1.00 44.04 ? 53   TYR A C   1 
ATOM   406  O O   . TYR A 1 53  ? -9.784  0.707   -7.188  1.00 43.28 ? 53   TYR A O   1 
ATOM   407  C CB  . TYR A 1 53  ? -12.517 0.472   -7.540  1.00 47.50 ? 53   TYR A CB  1 
ATOM   408  N N   . ASP A 1 54  ? -9.349  -1.320  -8.114  1.00 39.84 ? 54   ASP A N   1 
ATOM   409  C CA  . ASP A 1 54  ? -8.011  -1.416  -7.594  1.00 36.22 ? 54   ASP A CA  1 
ATOM   410  C C   . ASP A 1 54  ? -6.948  -1.071  -8.631  1.00 33.95 ? 54   ASP A C   1 
ATOM   411  O O   . ASP A 1 54  ? -7.197  -1.099  -9.840  1.00 32.51 ? 54   ASP A O   1 
ATOM   412  C CB  . ASP A 1 54  ? -7.797  -2.825  -7.051  1.00 36.45 ? 54   ASP A CB  1 
ATOM   413  C CG  . ASP A 1 54  ? -8.844  -3.231  -6.016  1.00 35.72 ? 54   ASP A CG  1 
ATOM   414  O OD1 . ASP A 1 54  ? -9.636  -2.378  -5.512  1.00 33.80 ? 54   ASP A OD1 1 
ATOM   415  O OD2 . ASP A 1 54  ? -8.918  -4.414  -5.629  1.00 38.44 ? 54   ASP A OD2 1 
ATOM   416  N N   . GLN A 1 55  ? -5.760  -0.764  -8.128  1.00 30.28 ? 55   GLN A N   1 
ATOM   417  C CA  . GLN A 1 55  ? -4.632  -0.349  -8.930  1.00 29.46 ? 55   GLN A CA  1 
ATOM   418  C C   . GLN A 1 55  ? -3.383  -0.884  -8.313  1.00 27.38 ? 55   GLN A C   1 
ATOM   419  O O   . GLN A 1 55  ? -3.118  -0.517  -7.171  1.00 25.60 ? 55   GLN A O   1 
ATOM   420  C CB  . GLN A 1 55  ? -4.491  1.157   -8.774  1.00 29.83 ? 55   GLN A CB  1 
ATOM   421  C CG  . GLN A 1 55  ? -4.949  1.913   -9.885  1.00 32.57 ? 55   GLN A CG  1 
ATOM   422  C CD  . GLN A 1 55  ? -4.667  3.369   -9.664  1.00 29.19 ? 55   GLN A CD  1 
ATOM   423  O OE1 . GLN A 1 55  ? -3.508  3.808   -9.753  1.00 28.08 ? 55   GLN A OE1 1 
ATOM   424  N NE2 . GLN A 1 55  ? -5.715  4.126   -9.408  1.00 29.68 ? 55   GLN A NE2 1 
ATOM   425  N N   . ILE A 1 56  ? -2.588  -1.697  -9.026  1.00 26.92 ? 56   ILE A N   1 
ATOM   426  C CA  . ILE A 1 56  ? -1.212  -1.929  -8.567  1.00 26.57 ? 56   ILE A CA  1 
ATOM   427  C C   . ILE A 1 56  ? -0.450  -0.652  -8.790  1.00 26.62 ? 56   ILE A C   1 
ATOM   428  O O   . ILE A 1 56  ? -0.396  -0.131  -9.910  1.00 26.62 ? 56   ILE A O   1 
ATOM   429  C CB  . ILE A 1 56  ? -0.496  -3.129  -9.279  1.00 26.39 ? 56   ILE A CB  1 
ATOM   430  C CG1 . ILE A 1 56  ? -1.237  -4.434  -8.969  1.00 28.59 ? 56   ILE A CG1 1 
ATOM   431  C CG2 . ILE A 1 56  ? 0.983   -3.188  -8.879  1.00 26.33 ? 56   ILE A CG2 1 
ATOM   432  C CD1 . ILE A 1 56  ? -0.745  -5.665  -9.729  1.00 30.65 ? 56   ILE A CD1 1 
ATOM   433  N N   . LEU A 1 57  ? 0.127   -0.136  -7.716  1.00 25.93 ? 57   LEU A N   1 
ATOM   434  C CA  . LEU A 1 57  ? 0.731   1.191   -7.736  1.00 26.78 ? 57   LEU A CA  1 
ATOM   435  C C   . LEU A 1 57  ? 2.162   1.160   -8.234  1.00 27.45 ? 57   LEU A C   1 
ATOM   436  O O   . LEU A 1 57  ? 2.612   2.049   -8.982  1.00 28.05 ? 57   LEU A O   1 
ATOM   437  C CB  . LEU A 1 57  ? 0.680   1.789   -6.326  1.00 26.53 ? 57   LEU A CB  1 
ATOM   438  C CG  . LEU A 1 57  ? -0.695  2.149   -5.786  1.00 26.32 ? 57   LEU A CG  1 
ATOM   439  C CD1 . LEU A 1 57  ? -0.575  2.415   -4.285  1.00 26.15 ? 57   LEU A CD1 1 
ATOM   440  C CD2 . LEU A 1 57  ? -1.217  3.398   -6.514  1.00 27.77 ? 57   LEU A CD2 1 
ATOM   441  N N   . ASP A 1 58  ? 2.881   0.125   -7.825  1.00 27.26 ? 58   ASP A N   1 
ATOM   442  C CA  . ASP A 1 58  ? 4.300   0.031   -8.116  1.00 27.70 ? 58   ASP A CA  1 
ATOM   443  C C   . ASP A 1 58  ? 4.803   -1.322  -7.654  1.00 28.03 ? 58   ASP A C   1 
ATOM   444  O O   . ASP A 1 58  ? 4.135   -2.021  -6.879  1.00 26.66 ? 58   ASP A O   1 
ATOM   445  C CB  . ASP A 1 58  ? 5.074   1.158   -7.422  1.00 27.32 ? 58   ASP A CB  1 
ATOM   446  C CG  . ASP A 1 58  ? 6.248   1.679   -8.264  1.00 29.51 ? 58   ASP A CG  1 
ATOM   447  O OD1 . ASP A 1 58  ? 6.778   0.924   -9.122  1.00 28.57 ? 58   ASP A OD1 1 
ATOM   448  O OD2 . ASP A 1 58  ? 6.707   2.830   -8.111  1.00 28.38 ? 58   ASP A OD2 1 
ATOM   449  N N   . THR A 1 59  ? 5.974   -1.690  -8.155  1.00 28.31 ? 59   THR A N   1 
ATOM   450  C CA  . THR A 1 59  ? 6.600   -2.966  -7.825  1.00 29.44 ? 59   THR A CA  1 
ATOM   451  C C   . THR A 1 59  ? 8.092   -2.730  -7.778  1.00 30.37 ? 59   THR A C   1 
ATOM   452  O O   . THR A 1 59  ? 8.596   -1.769  -8.366  1.00 30.57 ? 59   THR A O   1 
ATOM   453  C CB  . THR A 1 59  ? 6.285   -4.052  -8.879  1.00 29.79 ? 59   THR A CB  1 
ATOM   454  O OG1 . THR A 1 59  ? 6.714   -3.607  -10.175 1.00 30.40 ? 59   THR A OG1 1 
ATOM   455  C CG2 . THR A 1 59  ? 4.747   -4.312  -9.021  1.00 30.38 ? 59   THR A CG2 1 
ATOM   456  N N   . LEU A 1 60  ? 8.800   -3.606  -7.086  1.00 30.60 ? 60   LEU A N   1 
ATOM   457  C CA  . LEU A 1 60  ? 10.234  -3.460  -6.920  1.00 31.53 ? 60   LEU A CA  1 
ATOM   458  C C   . LEU A 1 60  ? 10.824  -4.828  -6.717  1.00 32.04 ? 60   LEU A C   1 
ATOM   459  O O   . LEU A 1 60  ? 10.477  -5.540  -5.767  1.00 31.17 ? 60   LEU A O   1 
ATOM   460  C CB  . LEU A 1 60  ? 10.549  -2.564  -5.722  1.00 31.42 ? 60   LEU A CB  1 
ATOM   461  C CG  . LEU A 1 60  ? 11.992  -2.183  -5.407  1.00 34.44 ? 60   LEU A CG  1 
ATOM   462  C CD1 . LEU A 1 60  ? 12.570  -1.294  -6.525  1.00 34.86 ? 60   LEU A CD1 1 
ATOM   463  C CD2 . LEU A 1 60  ? 12.048  -1.480  -4.071  1.00 36.13 ? 60   LEU A CD2 1 
ATOM   464  N N   . LEU A 1 61  ? 11.708  -5.192  -7.634  1.00 32.59 ? 61   LEU A N   1 
ATOM   465  C CA  . LEU A 1 61  ? 12.457  -6.418  -7.523  1.00 34.38 ? 61   LEU A CA  1 
ATOM   466  C C   . LEU A 1 61  ? 13.730  -6.064  -6.752  1.00 35.39 ? 61   LEU A C   1 
ATOM   467  O O   . LEU A 1 61  ? 14.477  -5.162  -7.152  1.00 35.88 ? 61   LEU A O   1 
ATOM   468  C CB  . LEU A 1 61  ? 12.753  -6.942  -8.921  1.00 34.94 ? 61   LEU A CB  1 
ATOM   469  C CG  . LEU A 1 61  ? 13.220  -8.365  -9.185  1.00 36.32 ? 61   LEU A CG  1 
ATOM   470  C CD1 . LEU A 1 61  ? 12.147  -9.362  -8.775  1.00 37.73 ? 61   LEU A CD1 1 
ATOM   471  C CD2 . LEU A 1 61  ? 13.551  -8.500  -10.666 1.00 39.58 ? 61   LEU A CD2 1 
ATOM   472  N N   . VAL A 1 62  ? 13.938  -6.752  -5.632  1.00 35.32 ? 62   VAL A N   1 
ATOM   473  C CA  . VAL A 1 62  ? 15.047  -6.512  -4.718  1.00 36.27 ? 62   VAL A CA  1 
ATOM   474  C C   . VAL A 1 62  ? 15.872  -7.806  -4.663  1.00 35.99 ? 62   VAL A C   1 
ATOM   475  O O   . VAL A 1 62  ? 15.343  -8.872  -4.362  1.00 35.60 ? 62   VAL A O   1 
ATOM   476  C CB  . VAL A 1 62  ? 14.521  -6.126  -3.308  1.00 36.42 ? 62   VAL A CB  1 
ATOM   477  C CG1 . VAL A 1 62  ? 15.660  -5.893  -2.322  1.00 38.54 ? 62   VAL A CG1 1 
ATOM   478  C CG2 . VAL A 1 62  ? 13.619  -4.882  -3.392  1.00 35.83 ? 62   VAL A CG2 1 
ATOM   479  N N   . GLY A 1 63  ? 17.163  -7.719  -4.979  1.00 36.46 ? 63   GLY A N   1 
ATOM   480  C CA  . GLY A 1 63  ? 17.997  -8.910  -4.977  1.00 36.66 ? 63   GLY A CA  1 
ATOM   481  C C   . GLY A 1 63  ? 19.343  -8.689  -5.641  1.00 37.15 ? 63   GLY A C   1 
ATOM   482  O O   . GLY A 1 63  ? 19.486  -7.714  -6.393  1.00 37.75 ? 63   GLY A O   1 
ATOM   483  N N   . PRO A 1 64  ? 20.327  -9.549  -5.366  1.00 37.04 ? 64   PRO A N   1 
ATOM   484  C CA  . PRO A 1 64  ? 20.183  -10.732 -4.486  1.00 36.10 ? 64   PRO A CA  1 
ATOM   485  C C   . PRO A 1 64  ? 20.014  -10.377 -3.005  1.00 35.11 ? 64   PRO A C   1 
ATOM   486  O O   . PRO A 1 64  ? 20.495  -9.331  -2.566  1.00 35.08 ? 64   PRO A O   1 
ATOM   487  C CB  . PRO A 1 64  ? 21.518  -11.473 -4.659  1.00 37.18 ? 64   PRO A CB  1 
ATOM   488  C CG  . PRO A 1 64  ? 22.217  -10.803 -5.816  1.00 36.80 ? 64   PRO A CG  1 
ATOM   489  C CD  . PRO A 1 64  ? 21.700  -9.412  -5.895  1.00 37.46 ? 64   PRO A CD  1 
ATOM   490  N N   . ILE A 1 65  ? 19.360  -11.244 -2.238  1.00 33.81 ? 65   ILE A N   1 
ATOM   491  C CA  . ILE A 1 65  ? 19.016  -10.886 -0.862  1.00 33.19 ? 65   ILE A CA  1 
ATOM   492  C C   . ILE A 1 65  ? 20.093  -11.303 0.142   1.00 31.91 ? 65   ILE A C   1 
ATOM   493  O O   . ILE A 1 65  ? 20.380  -12.496 0.285   1.00 31.13 ? 65   ILE A O   1 
ATOM   494  C CB  . ILE A 1 65  ? 17.614  -11.423 -0.471  1.00 33.36 ? 65   ILE A CB  1 
ATOM   495  C CG1 . ILE A 1 65  ? 16.547  -10.797 -1.381  1.00 34.18 ? 65   ILE A CG1 1 
ATOM   496  C CG2 . ILE A 1 65  ? 17.300  -11.122 1.008   1.00 33.65 ? 65   ILE A CG2 1 
ATOM   497  C CD1 . ILE A 1 65  ? 16.408  -9.244  -1.259  1.00 35.46 ? 65   ILE A CD1 1 
ATOM   498  N N   . PRO A 1 66  ? 20.689  -10.307 0.817   1.00 31.38 ? 66   PRO A N   1 
ATOM   499  C CA  . PRO A 1 66  ? 21.707  -10.544 1.850   1.00 30.10 ? 66   PRO A CA  1 
ATOM   500  C C   . PRO A 1 66  ? 21.090  -11.264 3.030   1.00 29.39 ? 66   PRO A C   1 
ATOM   501  O O   . PRO A 1 66  ? 19.987  -10.922 3.442   1.00 27.33 ? 66   PRO A O   1 
ATOM   502  C CB  . PRO A 1 66  ? 22.105  -9.133  2.282   1.00 30.37 ? 66   PRO A CB  1 
ATOM   503  C CG  . PRO A 1 66  ? 21.656  -8.245  1.185   1.00 31.79 ? 66   PRO A CG  1 
ATOM   504  C CD  . PRO A 1 66  ? 20.422  -8.868  0.637   1.00 31.74 ? 66   PRO A CD  1 
ATOM   505  N N   . ILE A 1 67  ? 21.796  -12.263 3.548   1.00 28.96 ? 67   ILE A N   1 
ATOM   506  C CA  . ILE A 1 67  ? 21.373  -12.937 4.758   1.00 29.53 ? 67   ILE A CA  1 
ATOM   507  C C   . ILE A 1 67  ? 21.356  -11.916 5.869   1.00 29.78 ? 67   ILE A C   1 
ATOM   508  O O   . ILE A 1 67  ? 22.158  -10.968 5.844   1.00 29.12 ? 67   ILE A O   1 
ATOM   509  C CB  . ILE A 1 67  ? 22.374  -14.056 5.111   1.00 30.10 ? 67   ILE A CB  1 
ATOM   510  C CG1 . ILE A 1 67  ? 22.383  -15.136 4.034   1.00 32.84 ? 67   ILE A CG1 1 
ATOM   511  C CG2 . ILE A 1 67  ? 22.067  -14.650 6.491   1.00 30.75 ? 67   ILE A CG2 1 
ATOM   512  C CD1 . ILE A 1 67  ? 21.045  -15.432 3.517   1.00 35.88 ? 67   ILE A CD1 1 
ATOM   513  N N   . GLY A 1 68  ? 20.455  -12.108 6.834   1.00 29.69 ? 68   GLY A N   1 
ATOM   514  C CA  . GLY A 1 68  ? 20.438  -11.294 8.040   1.00 30.02 ? 68   GLY A CA  1 
ATOM   515  C C   . GLY A 1 68  ? 19.425  -10.158 7.951   1.00 30.62 ? 68   GLY A C   1 
ATOM   516  O O   . GLY A 1 68  ? 18.433  -10.250 7.202   1.00 30.00 ? 68   GLY A O   1 
ATOM   517  N N   . ILE A 1 69  ? 19.676  -9.082  8.701   1.00 30.38 ? 69   ILE A N   1 
ATOM   518  C CA  . ILE A 1 69  ? 18.750  -7.939  8.779   1.00 30.94 ? 69   ILE A CA  1 
ATOM   519  C C   . ILE A 1 69  ? 18.931  -7.073  7.571   1.00 30.78 ? 69   ILE A C   1 
ATOM   520  O O   . ILE A 1 69  ? 20.074  -6.752  7.200   1.00 30.90 ? 69   ILE A O   1 
ATOM   521  C CB  . ILE A 1 69  ? 19.019  -7.073  10.062  1.00 31.28 ? 69   ILE A CB  1 
ATOM   522  C CG1 . ILE A 1 69  ? 18.879  -7.903  11.341  1.00 33.11 ? 69   ILE A CG1 1 
ATOM   523  C CG2 . ILE A 1 69  ? 18.136  -5.787  10.068  1.00 32.11 ? 69   ILE A CG2 1 
ATOM   524  C CD1 . ILE A 1 69  ? 17.489  -7.964  11.925  1.00 37.70 ? 69   ILE A CD1 1 
ATOM   525  N N   . ASN A 1 70  ? 17.803  -6.680  6.971   1.00 29.73 ? 70   ASN A N   1 
ATOM   526  C CA  . ASN A 1 70  ? 17.774  -5.829  5.809   1.00 29.93 ? 70   ASN A CA  1 
ATOM   527  C C   . ASN A 1 70  ? 16.824  -4.659  6.043   1.00 29.92 ? 70   ASN A C   1 
ATOM   528  O O   . ASN A 1 70  ? 15.756  -4.817  6.635   1.00 29.27 ? 70   ASN A O   1 
ATOM   529  C CB  . ASN A 1 70  ? 17.299  -6.616  4.601   1.00 29.94 ? 70   ASN A CB  1 
ATOM   530  C CG  . ASN A 1 70  ? 18.330  -7.600  4.125   1.00 30.82 ? 70   ASN A CG  1 
ATOM   531  O OD1 . ASN A 1 70  ? 19.168  -7.267  3.295   1.00 34.42 ? 70   ASN A OD1 1 
ATOM   532  N ND2 . ASN A 1 70  ? 18.302  -8.807  4.673   1.00 28.16 ? 70   ASN A ND2 1 
ATOM   533  N N   . LYS A 1 71  ? 17.232  -3.490  5.589   1.00 29.58 ? 71   LYS A N   1 
ATOM   534  C CA  . LYS A 1 71  ? 16.393  -2.310  5.704   1.00 30.16 ? 71   LYS A CA  1 
ATOM   535  C C   . LYS A 1 71  ? 16.468  -1.570  4.394   1.00 29.90 ? 71   LYS A C   1 
ATOM   536  O O   . LYS A 1 71  ? 17.561  -1.376  3.848   1.00 29.82 ? 71   LYS A O   1 
ATOM   537  C CB  . LYS A 1 71  ? 16.880  -1.431  6.859   1.00 30.84 ? 71   LYS A CB  1 
ATOM   538  C CG  . LYS A 1 71  ? 15.923  -0.318  7.251   1.00 33.69 ? 71   LYS A CG  1 
ATOM   539  C CD  . LYS A 1 71  ? 16.404  0.360   8.539   1.00 38.04 ? 71   LYS A CD  1 
ATOM   540  C CE  . LYS A 1 71  ? 16.447  1.858   8.397   1.00 40.64 ? 71   LYS A CE  1 
ATOM   541  N NZ  . LYS A 1 71  ? 16.958  2.495   9.653   1.00 41.55 ? 71   LYS A NZ  1 
ATOM   542  N N   . PHE A 1 72  ? 15.315  -1.169  3.864   1.00 28.63 ? 72   PHE A N   1 
ATOM   543  C CA  . PHE A 1 72  ? 15.285  -0.400  2.639   1.00 28.12 ? 72   PHE A CA  1 
ATOM   544  C C   . PHE A 1 72  ? 14.036  0.478   2.581   1.00 28.23 ? 72   PHE A C   1 
ATOM   545  O O   . PHE A 1 72  ? 13.137  0.329   3.400   1.00 28.54 ? 72   PHE A O   1 
ATOM   546  C CB  . PHE A 1 72  ? 15.409  -1.317  1.402   1.00 29.18 ? 72   PHE A CB  1 
ATOM   547  C CG  . PHE A 1 72  ? 14.137  -2.020  1.023   1.00 27.49 ? 72   PHE A CG  1 
ATOM   548  C CD1 . PHE A 1 72  ? 13.651  -3.081  1.788   1.00 29.61 ? 72   PHE A CD1 1 
ATOM   549  C CD2 . PHE A 1 72  ? 13.437  -1.633  -0.112  1.00 28.21 ? 72   PHE A CD2 1 
ATOM   550  C CE1 . PHE A 1 72  ? 12.459  -3.726  1.423   1.00 26.27 ? 72   PHE A CE1 1 
ATOM   551  C CE2 . PHE A 1 72  ? 12.262  -2.269  -0.484  1.00 26.70 ? 72   PHE A CE2 1 
ATOM   552  C CZ  . PHE A 1 72  ? 11.775  -3.322  0.283   1.00 27.77 ? 72   PHE A CZ  1 
ATOM   553  N N   . VAL A 1 73  ? 14.012  1.407   1.642   1.00 27.87 ? 73   VAL A N   1 
ATOM   554  C CA  . VAL A 1 73  ? 12.830  2.231   1.400   1.00 28.04 ? 73   VAL A CA  1 
ATOM   555  C C   . VAL A 1 73  ? 12.244  1.916   0.026   1.00 28.33 ? 73   VAL A C   1 
ATOM   556  O O   . VAL A 1 73  ? 12.900  2.064   -1.020  1.00 28.57 ? 73   VAL A O   1 
ATOM   557  C CB  . VAL A 1 73  ? 13.122  3.755   1.563   1.00 29.00 ? 73   VAL A CB  1 
ATOM   558  C CG1 . VAL A 1 73  ? 11.880  4.573   1.237   1.00 28.87 ? 73   VAL A CG1 1 
ATOM   559  C CG2 . VAL A 1 73  ? 13.631  4.075   2.984   1.00 29.25 ? 73   VAL A CG2 1 
ATOM   560  N N   . PHE A 1 74  ? 10.997  1.453   0.046   1.00 27.09 ? 74   PHE A N   1 
ATOM   561  C CA  . PHE A 1 74  ? 10.198  1.214   -1.147  1.00 27.45 ? 74   PHE A CA  1 
ATOM   562  C C   . PHE A 1 74  ? 9.428   2.510   -1.414  1.00 27.82 ? 74   PHE A C   1 
ATOM   563  O O   . PHE A 1 74  ? 8.538   2.878   -0.636  1.00 27.69 ? 74   PHE A O   1 
ATOM   564  C CB  . PHE A 1 74  ? 9.232   0.031   -0.880  1.00 26.77 ? 74   PHE A CB  1 
ATOM   565  C CG  . PHE A 1 74  ? 8.347   -0.345  -2.046  1.00 26.75 ? 74   PHE A CG  1 
ATOM   566  C CD1 . PHE A 1 74  ? 8.604   0.105   -3.348  1.00 26.44 ? 74   PHE A CD1 1 
ATOM   567  C CD2 . PHE A 1 74  ? 7.215   -1.141  -1.834  1.00 27.87 ? 74   PHE A CD2 1 
ATOM   568  C CE1 . PHE A 1 74  ? 7.762   -0.250  -4.416  1.00 29.39 ? 74   PHE A CE1 1 
ATOM   569  C CE2 . PHE A 1 74  ? 6.379   -1.524  -2.903  1.00 25.78 ? 74   PHE A CE2 1 
ATOM   570  C CZ  . PHE A 1 74  ? 6.653   -1.078  -4.195  1.00 28.06 ? 74   PHE A CZ  1 
ATOM   571  N N   . GLU A 1 75  ? 9.796   3.208   -2.489  1.00 27.42 ? 75   GLU A N   1 
ATOM   572  C CA  . GLU A 1 75  ? 9.088   4.427   -2.888  1.00 28.36 ? 75   GLU A CA  1 
ATOM   573  C C   . GLU A 1 75  ? 8.206   4.112   -4.070  1.00 27.84 ? 75   GLU A C   1 
ATOM   574  O O   . GLU A 1 75  ? 8.693   3.873   -5.179  1.00 28.74 ? 75   GLU A O   1 
ATOM   575  C CB  . GLU A 1 75  ? 10.050  5.562   -3.231  1.00 28.86 ? 75   GLU A CB  1 
ATOM   576  C CG  . GLU A 1 75  ? 9.349   6.908   -3.429  1.00 32.92 ? 75   GLU A CG  1 
ATOM   577  C CD  . GLU A 1 75  ? 10.324  8.059   -3.701  1.00 36.77 ? 75   GLU A CD  1 
ATOM   578  O OE1 . GLU A 1 75  ? 10.022  8.898   -4.581  1.00 38.31 ? 75   GLU A OE1 1 
ATOM   579  O OE2 . GLU A 1 75  ? 11.389  8.116   -3.045  1.00 38.02 ? 75   GLU A OE2 1 
ATOM   580  N N   . ALA A 1 76  ? 6.909   4.121   -3.825  1.00 25.81 ? 76   ALA A N   1 
ATOM   581  C CA  . ALA A 1 76  ? 5.941   3.655   -4.793  1.00 25.33 ? 76   ALA A CA  1 
ATOM   582  C C   . ALA A 1 76  ? 5.213   4.825   -5.414  1.00 25.05 ? 76   ALA A C   1 
ATOM   583  O O   . ALA A 1 76  ? 4.841   5.757   -4.705  1.00 25.08 ? 76   ALA A O   1 
ATOM   584  C CB  . ALA A 1 76  ? 4.939   2.731   -4.112  1.00 24.14 ? 76   ALA A CB  1 
ATOM   585  N N   . ASP A 1 77  ? 5.010   4.767   -6.731  1.00 25.34 ? 77   ASP A N   1 
ATOM   586  C CA  . ASP A 1 77  ? 4.209   5.763   -7.448  1.00 25.91 ? 77   ASP A CA  1 
ATOM   587  C C   . ASP A 1 77  ? 2.821   5.964   -6.816  1.00 25.61 ? 77   ASP A C   1 
ATOM   588  O O   . ASP A 1 77  ? 2.230   5.017   -6.260  1.00 24.58 ? 77   ASP A O   1 
ATOM   589  C CB  . ASP A 1 77  ? 4.014   5.313   -8.901  1.00 27.12 ? 77   ASP A CB  1 
ATOM   590  C CG  . ASP A 1 77  ? 5.294   5.370   -9.738  1.00 29.73 ? 77   ASP A CG  1 
ATOM   591  O OD1 . ASP A 1 77  ? 6.283   6.056   -9.370  1.00 31.06 ? 77   ASP A OD1 1 
ATOM   592  O OD2 . ASP A 1 77  ? 5.372   4.736   -10.816 1.00 33.10 ? 77   ASP A OD2 1 
ATOM   593  N N   . PRO A 1 78  ? 2.301   7.189   -6.866  1.00 25.74 ? 78   PRO A N   1 
ATOM   594  C CA  . PRO A 1 78  ? 0.956   7.480   -6.350  1.00 25.89 ? 78   PRO A CA  1 
ATOM   595  C C   . PRO A 1 78  ? -0.112  6.913   -7.284  1.00 26.37 ? 78   PRO A C   1 
ATOM   596  O O   . PRO A 1 78  ? 0.243   6.491   -8.397  1.00 26.23 ? 78   PRO A O   1 
ATOM   597  C CB  . PRO A 1 78  ? 0.917   9.016   -6.365  1.00 26.69 ? 78   PRO A CB  1 
ATOM   598  C CG  . PRO A 1 78  ? 1.820   9.357   -7.520  1.00 24.90 ? 78   PRO A CG  1 
ATOM   599  C CD  . PRO A 1 78  ? 2.960   8.400   -7.397  1.00 26.46 ? 78   PRO A CD  1 
ATOM   600  N N   . PRO A 1 79  ? -1.383  6.916   -6.872  1.00 26.93 ? 79   PRO A N   1 
ATOM   601  C CA  . PRO A 1 79  ? -2.456  6.392   -7.719  1.00 27.17 ? 79   PRO A CA  1 
ATOM   602  C C   . PRO A 1 79  ? -2.640  7.187   -9.003  1.00 28.68 ? 79   PRO A C   1 
ATOM   603  O O   . PRO A 1 79  ? -2.330  8.389   -9.094  1.00 28.50 ? 79   PRO A O   1 
ATOM   604  C CB  . PRO A 1 79  ? -3.699  6.471   -6.835  1.00 26.73 ? 79   PRO A CB  1 
ATOM   605  C CG  . PRO A 1 79  ? -3.162  6.634   -5.430  1.00 26.44 ? 79   PRO A CG  1 
ATOM   606  C CD  . PRO A 1 79  ? -1.900  7.412   -5.579  1.00 26.38 ? 79   PRO A CD  1 
ATOM   607  N N   . ASN A 1 80  ? -3.112  6.468   -10.007 1.00 28.82 ? 80   ASN A N   1 
ATOM   608  C CA  . ASN A 1 80  ? -3.464  7.080   -11.272 1.00 30.37 ? 80   ASN A CA  1 
ATOM   609  C C   . ASN A 1 80  ? -4.948  7.401   -11.226 1.00 30.35 ? 80   ASN A C   1 
ATOM   610  O O   . ASN A 1 80  ? -5.775  6.499   -11.244 1.00 29.92 ? 80   ASN A O   1 
ATOM   611  C CB  . ASN A 1 80  ? -3.120  6.130   -12.421 1.00 30.39 ? 80   ASN A CB  1 
ATOM   612  C CG  . ASN A 1 80  ? -3.460  6.713   -13.784 1.00 32.52 ? 80   ASN A CG  1 
ATOM   613  O OD1 . ASN A 1 80  ? -4.129  7.746   -13.882 1.00 32.22 ? 80   ASN A OD1 1 
ATOM   614  N ND2 . ASN A 1 80  ? -2.992  6.054   -14.841 1.00 33.84 ? 80   ASN A ND2 1 
ATOM   615  N N   . ILE A 1 81  ? -5.293  8.683   -11.139 1.00 31.71 ? 81   ILE A N   1 
ATOM   616  C CA  . ILE A 1 81  ? -6.702  9.080   -10.999 1.00 33.88 ? 81   ILE A CA  1 
ATOM   617  C C   . ILE A 1 81  ? -7.569  8.728   -12.230 1.00 35.12 ? 81   ILE A C   1 
ATOM   618  O O   . ILE A 1 81  ? -8.787  8.636   -12.122 1.00 35.09 ? 81   ILE A O   1 
ATOM   619  C CB  . ILE A 1 81  ? -6.837  10.582  -10.627 1.00 34.53 ? 81   ILE A CB  1 
ATOM   620  C CG1 . ILE A 1 81  ? -6.222  11.475  -11.701 1.00 35.92 ? 81   ILE A CG1 1 
ATOM   621  C CG2 . ILE A 1 81  ? -6.165  10.876  -9.262  1.00 34.05 ? 81   ILE A CG2 1 
ATOM   622  C CD1 . ILE A 1 81  ? -7.065  12.686  -12.043 1.00 40.31 ? 81   ILE A CD1 1 
ATOM   623  N N   . ASP A 1 82  ? -6.925  8.532   -13.383 1.00 36.74 ? 82   ASP A N   1 
ATOM   624  C CA  . ASP A 1 82  ? -7.613  8.116   -14.614 1.00 38.12 ? 82   ASP A CA  1 
ATOM   625  C C   . ASP A 1 82  ? -8.131  6.672   -14.544 1.00 38.71 ? 82   ASP A C   1 
ATOM   626  O O   . ASP A 1 82  ? -8.995  6.275   -15.337 1.00 38.76 ? 82   ASP A O   1 
ATOM   627  C CB  . ASP A 1 82  ? -6.698  8.308   -15.840 1.00 38.84 ? 82   ASP A CB  1 
ATOM   628  C CG  . ASP A 1 82  ? -6.311  9.774   -16.080 1.00 40.43 ? 82   ASP A CG  1 
ATOM   629  O OD1 . ASP A 1 82  ? -7.054  10.690  -15.663 1.00 42.72 ? 82   ASP A OD1 1 
ATOM   630  O OD2 . ASP A 1 82  ? -5.276  10.110  -16.690 1.00 42.98 ? 82   ASP A OD2 1 
ATOM   631  N N   . LEU A 1 83  ? -7.614  5.892   -13.592 1.00 38.66 ? 83   LEU A N   1 
ATOM   632  C CA  . LEU A 1 83  ? -8.040  4.506   -13.413 1.00 38.96 ? 83   LEU A CA  1 
ATOM   633  C C   . LEU A 1 83  ? -9.221  4.392   -12.460 1.00 39.15 ? 83   LEU A C   1 
ATOM   634  O O   . LEU A 1 83  ? -9.678  3.293   -12.158 1.00 39.96 ? 83   LEU A O   1 
ATOM   635  C CB  . LEU A 1 83  ? -6.870  3.631   -12.941 1.00 39.34 ? 83   LEU A CB  1 
ATOM   636  C CG  . LEU A 1 83  ? -5.595  3.596   -13.809 1.00 39.36 ? 83   LEU A CG  1 
ATOM   637  C CD1 . LEU A 1 83  ? -4.576  2.625   -13.223 1.00 41.05 ? 83   LEU A CD1 1 
ATOM   638  C CD2 . LEU A 1 83  ? -5.892  3.237   -15.261 1.00 42.47 ? 83   LEU A CD2 1 
ATOM   639  N N   . LEU A 1 84  ? -9.712  5.532   -11.986 1.00 38.69 ? 84   LEU A N   1 
ATOM   640  C CA  . LEU A 1 84  ? -10.847 5.561   -11.080 1.00 38.62 ? 84   LEU A CA  1 
ATOM   641  C C   . LEU A 1 84  ? -12.095 6.037   -11.836 1.00 38.83 ? 84   LEU A C   1 
ATOM   642  O O   . LEU A 1 84  ? -11.972 6.928   -12.667 1.00 38.74 ? 84   LEU A O   1 
ATOM   643  C CB  . LEU A 1 84  ? -10.541 6.479   -9.887  1.00 38.68 ? 84   LEU A CB  1 
ATOM   644  C CG  . LEU A 1 84  ? -9.569  5.847   -8.867  1.00 38.42 ? 84   LEU A CG  1 
ATOM   645  C CD1 . LEU A 1 84  ? -9.152  6.829   -7.823  1.00 39.22 ? 84   LEU A CD1 1 
ATOM   646  C CD2 . LEU A 1 84  ? -10.214 4.620   -8.208  1.00 39.07 ? 84   LEU A CD2 1 
ATOM   647  N N   . PRO A 1 85  ? -13.266 5.441   -11.553 1.00 39.21 ? 85   PRO A N   1 
ATOM   648  C CA  . PRO A 1 85  ? -14.544 5.846   -12.163 1.00 39.66 ? 85   PRO A CA  1 
ATOM   649  C C   . PRO A 1 85  ? -14.792 7.349   -12.114 1.00 39.85 ? 85   PRO A C   1 
ATOM   650  O O   . PRO A 1 85  ? -15.275 7.904   -13.109 1.00 40.13 ? 85   PRO A O   1 
ATOM   651  C CB  . PRO A 1 85  ? -15.588 5.117   -11.313 1.00 39.71 ? 85   PRO A CB  1 
ATOM   652  C CG  . PRO A 1 85  ? -14.883 3.867   -10.891 1.00 39.54 ? 85   PRO A CG  1 
ATOM   653  C CD  . PRO A 1 85  ? -13.463 4.310   -10.622 1.00 39.45 ? 85   PRO A CD  1 
ATOM   654  N N   . GLN A 1 86  ? -14.475 7.983   -10.980 1.00 39.11 ? 86   GLN A N   1 
ATOM   655  C CA  . GLN A 1 86  ? -14.475 9.444   -10.877 1.00 38.35 ? 86   GLN A CA  1 
ATOM   656  C C   . GLN A 1 86  ? -13.687 9.908   -9.653  1.00 37.45 ? 86   GLN A C   1 
ATOM   657  O O   . GLN A 1 86  ? -13.472 9.142   -8.713  1.00 37.23 ? 86   GLN A O   1 
ATOM   658  C CB  . GLN A 1 86  ? -15.899 10.014  -10.859 1.00 38.50 ? 86   GLN A CB  1 
ATOM   659  C CG  . GLN A 1 86  ? -16.695 9.770   -9.585  1.00 40.06 ? 86   GLN A CG  1 
ATOM   660  C CD  . GLN A 1 86  ? -18.066 10.430  -9.664  1.00 43.80 ? 86   GLN A CD  1 
ATOM   661  O OE1 . GLN A 1 86  ? -18.909 10.007  -10.459 1.00 45.91 ? 86   GLN A OE1 1 
ATOM   662  N NE2 . GLN A 1 86  ? -18.284 11.471  -8.864  1.00 41.59 ? 86   GLN A NE2 1 
ATOM   663  N N   . LEU A 1 87  ? -13.280 11.170  -9.677  1.00 36.55 ? 87   LEU A N   1 
ATOM   664  C CA  . LEU A 1 87  ? -12.395 11.726  -8.662  1.00 35.95 ? 87   LEU A CA  1 
ATOM   665  C C   . LEU A 1 87  ? -12.873 11.548  -7.225  1.00 34.92 ? 87   LEU A C   1 
ATOM   666  O O   . LEU A 1 87  ? -12.076 11.224  -6.348  1.00 34.33 ? 87   LEU A O   1 
ATOM   667  C CB  . LEU A 1 87  ? -12.135 13.205  -8.957  1.00 36.14 ? 87   LEU A CB  1 
ATOM   668  C CG  . LEU A 1 87  ? -10.728 13.733  -8.692  1.00 37.15 ? 87   LEU A CG  1 
ATOM   669  C CD1 . LEU A 1 87  ? -9.679  12.726  -9.097  1.00 37.44 ? 87   LEU A CD1 1 
ATOM   670  C CD2 . LEU A 1 87  ? -10.529 15.044  -9.441  1.00 37.01 ? 87   LEU A CD2 1 
ATOM   671  N N   . SER A 1 88  ? -14.166 11.761  -6.972  1.00 33.93 ? 88   SER A N   1 
ATOM   672  C CA  . SER A 1 88  ? -14.687 11.709  -5.614  1.00 33.19 ? 88   SER A CA  1 
ATOM   673  C C   . SER A 1 88  ? -14.509 10.340  -4.941  1.00 32.61 ? 88   SER A C   1 
ATOM   674  O O   . SER A 1 88  ? -14.647 10.219  -3.728  1.00 31.35 ? 88   SER A O   1 
ATOM   675  C CB  . SER A 1 88  ? -16.153 12.148  -5.564  1.00 34.00 ? 88   SER A CB  1 
ATOM   676  O OG  . SER A 1 88  ? -16.978 11.313  -6.359  1.00 34.44 ? 88   SER A OG  1 
ATOM   677  N N   . ASP A 1 89  ? -14.190 9.327   -5.746  1.00 32.27 ? 89   ASP A N   1 
ATOM   678  C CA  . ASP A 1 89  ? -13.932 7.986   -5.243  1.00 32.69 ? 89   ASP A CA  1 
ATOM   679  C C   . ASP A 1 89  ? -12.667 7.922   -4.357  1.00 31.93 ? 89   ASP A C   1 
ATOM   680  O O   . ASP A 1 89  ? -12.552 7.040   -3.508  1.00 32.40 ? 89   ASP A O   1 
ATOM   681  C CB  . ASP A 1 89  ? -13.840 7.001   -6.415  1.00 33.19 ? 89   ASP A CB  1 
ATOM   682  C CG  . ASP A 1 89  ? -15.199 6.755   -7.095  1.00 34.70 ? 89   ASP A CG  1 
ATOM   683  O OD1 . ASP A 1 89  ? -16.229 6.741   -6.402  1.00 36.14 ? 89   ASP A OD1 1 
ATOM   684  O OD2 . ASP A 1 89  ? -15.323 6.554   -8.317  1.00 40.04 ? 89   ASP A OD2 1 
ATOM   685  N N   . VAL A 1 90  ? -11.746 8.870   -4.541  1.00 30.93 ? 90   VAL A N   1 
ATOM   686  C CA  . VAL A 1 90  ? -10.535 8.923   -3.710  1.00 29.65 ? 90   VAL A CA  1 
ATOM   687  C C   . VAL A 1 90  ? -10.835 9.270   -2.239  1.00 29.06 ? 90   VAL A C   1 
ATOM   688  O O   . VAL A 1 90  ? -10.063 8.905   -1.340  1.00 28.48 ? 90   VAL A O   1 
ATOM   689  C CB  . VAL A 1 90  ? -9.429  9.892   -4.292  1.00 29.59 ? 90   VAL A CB  1 
ATOM   690  C CG1 . VAL A 1 90  ? -9.191  9.635   -5.768  1.00 30.34 ? 90   VAL A CG1 1 
ATOM   691  C CG2 . VAL A 1 90  ? -9.767  11.353  -4.054  1.00 27.64 ? 90   VAL A CG2 1 
ATOM   692  N N   . LEU A 1 91  ? -11.959 9.950   -2.000  1.00 28.00 ? 91   LEU A N   1 
ATOM   693  C CA  . LEU A 1 91  ? -12.319 10.438  -0.669  1.00 28.14 ? 91   LEU A CA  1 
ATOM   694  C C   . LEU A 1 91  ? -12.826 9.356   0.282   1.00 28.08 ? 91   LEU A C   1 
ATOM   695  O O   . LEU A 1 91  ? -13.381 8.361   -0.163  1.00 29.92 ? 91   LEU A O   1 
ATOM   696  C CB  . LEU A 1 91  ? -13.364 11.552  -0.785  1.00 28.52 ? 91   LEU A CB  1 
ATOM   697  C CG  . LEU A 1 91  ? -12.918 12.721  -1.666  1.00 28.82 ? 91   LEU A CG  1 
ATOM   698  C CD1 . LEU A 1 91  ? -14.107 13.643  -1.883  1.00 30.48 ? 91   LEU A CD1 1 
ATOM   699  C CD2 . LEU A 1 91  ? -11.737 13.448  -0.998  1.00 28.02 ? 91   LEU A CD2 1 
ATOM   700  N N   . GLY A 1 92  ? -12.650 9.571   1.584   1.00 26.99 ? 92   GLY A N   1 
ATOM   701  C CA  . GLY A 1 92  ? -13.100 8.641   2.599   1.00 26.09 ? 92   GLY A CA  1 
ATOM   702  C C   . GLY A 1 92  ? -12.094 7.521   2.795   1.00 26.21 ? 92   GLY A C   1 
ATOM   703  O O   . GLY A 1 92  ? -10.910 7.701   2.500   1.00 25.31 ? 92   GLY A O   1 
ATOM   704  N N   . VAL A 1 93  ? -12.568 6.376   3.279   1.00 25.19 ? 93   VAL A N   1 
ATOM   705  C CA  . VAL A 1 93  ? -11.670 5.257   3.609   1.00 25.13 ? 93   VAL A CA  1 
ATOM   706  C C   . VAL A 1 93  ? -11.338 4.386   2.410   1.00 24.31 ? 93   VAL A C   1 
ATOM   707  O O   . VAL A 1 93  ? -12.233 3.857   1.754   1.00 24.50 ? 93   VAL A O   1 
ATOM   708  C CB  . VAL A 1 93  ? -12.210 4.355   4.747   1.00 24.69 ? 93   VAL A CB  1 
ATOM   709  C CG1 . VAL A 1 93  ? -11.225 3.237   5.062   1.00 26.33 ? 93   VAL A CG1 1 
ATOM   710  C CG2 . VAL A 1 93  ? -12.477 5.164   5.996   1.00 27.31 ? 93   VAL A CG2 1 
ATOM   711  N N   . THR A 1 94  ? -10.048 4.230   2.144   1.00 23.00 ? 94   THR A N   1 
ATOM   712  C CA  . THR A 1 94  ? -9.576  3.266   1.151   1.00 22.59 ? 94   THR A CA  1 
ATOM   713  C C   . THR A 1 94  ? -8.527  2.382   1.791   1.00 22.04 ? 94   THR A C   1 
ATOM   714  O O   . THR A 1 94  ? -8.286  2.458   3.006   1.00 21.13 ? 94   THR A O   1 
ATOM   715  C CB  . THR A 1 94  ? -9.021  3.946   -0.109  1.00 22.81 ? 94   THR A CB  1 
ATOM   716  O OG1 . THR A 1 94  ? -7.888  4.767   0.235   1.00 22.47 ? 94   THR A OG1 1 
ATOM   717  C CG2 . THR A 1 94  ? -10.050 4.907   -0.693  1.00 21.94 ? 94   THR A CG2 1 
ATOM   718  N N   . VAL A 1 95  ? -7.947  1.500   0.986   1.00 21.11 ? 95   VAL A N   1 
ATOM   719  C CA  . VAL A 1 95  ? -7.003  0.536   1.511   1.00 21.58 ? 95   VAL A CA  1 
ATOM   720  C C   . VAL A 1 95  ? -5.717  0.550   0.689   1.00 21.49 ? 95   VAL A C   1 
ATOM   721  O O   . VAL A 1 95  ? -5.744  0.789   -0.537  1.00 21.03 ? 95   VAL A O   1 
ATOM   722  C CB  . VAL A 1 95  ? -7.631  -0.897  1.558   1.00 21.68 ? 95   VAL A CB  1 
ATOM   723  C CG1 . VAL A 1 95  ? -6.583  -1.988  1.721   1.00 20.44 ? 95   VAL A CG1 1 
ATOM   724  C CG2 . VAL A 1 95  ? -8.650  -0.994  2.685   1.00 22.72 ? 95   VAL A CG2 1 
ATOM   725  N N   . ILE A 1 96  ? -4.606  0.336   1.382   1.00 21.12 ? 96   ILE A N   1 
ATOM   726  C CA  . ILE A 1 96  ? -3.335  0.049   0.719   1.00 21.60 ? 96   ILE A CA  1 
ATOM   727  C C   . ILE A 1 96  ? -2.775  -1.285  1.184   1.00 21.02 ? 96   ILE A C   1 
ATOM   728  O O   . ILE A 1 96  ? -2.866  -1.621  2.373   1.00 20.80 ? 96   ILE A O   1 
ATOM   729  C CB  . ILE A 1 96  ? -2.278  1.175   0.893   1.00 23.39 ? 96   ILE A CB  1 
ATOM   730  C CG1 . ILE A 1 96  ? -1.951  1.435   2.345   1.00 25.41 ? 96   ILE A CG1 1 
ATOM   731  C CG2 . ILE A 1 96  ? -2.677  2.463   0.162   1.00 25.83 ? 96   ILE A CG2 1 
ATOM   732  C CD1 . ILE A 1 96  ? -0.758  2.321   2.468   1.00 31.91 ? 96   ILE A CD1 1 
ATOM   733  N N   . LEU A 1 97  ? -2.201  -2.036  0.243   1.00 19.54 ? 97   LEU A N   1 
ATOM   734  C CA  . LEU A 1 97  ? -1.645  -3.360  0.555   1.00 19.22 ? 97   LEU A CA  1 
ATOM   735  C C   . LEU A 1 97  ? -0.224  -3.393  0.106   1.00 19.82 ? 97   LEU A C   1 
ATOM   736  O O   . LEU A 1 97  ? 0.050   -3.274  -1.097  1.00 19.52 ? 97   LEU A O   1 
ATOM   737  C CB  . LEU A 1 97  ? -2.389  -4.473  -0.192  1.00 19.67 ? 97   LEU A CB  1 
ATOM   738  C CG  . LEU A 1 97  ? -3.905  -4.579  -0.009  1.00 19.48 ? 97   LEU A CG  1 
ATOM   739  C CD1 . LEU A 1 97  ? -4.471  -5.661  -0.921  1.00 21.21 ? 97   LEU A CD1 1 
ATOM   740  C CD2 . LEU A 1 97  ? -4.240  -4.945  1.469   1.00 19.77 ? 97   LEU A CD2 1 
ATOM   741  N N   . LEU A 1 98  ? 0.661   -3.592  1.073   1.00 20.24 ? 98   LEU A N   1 
ATOM   742  C CA  . LEU A 1 98  ? 2.070   -3.783  0.831   1.00 21.62 ? 98   LEU A CA  1 
ATOM   743  C C   . LEU A 1 98  ? 2.293   -5.288  0.815   1.00 21.92 ? 98   LEU A C   1 
ATOM   744  O O   . LEU A 1 98  ? 1.867   -5.976  1.736   1.00 23.55 ? 98   LEU A O   1 
ATOM   745  C CB  . LEU A 1 98  ? 2.868   -3.160  1.972   1.00 21.57 ? 98   LEU A CB  1 
ATOM   746  C CG  . LEU A 1 98  ? 4.369   -3.489  1.978   1.00 23.28 ? 98   LEU A CG  1 
ATOM   747  C CD1 . LEU A 1 98  ? 5.055   -2.879  0.745   1.00 22.01 ? 98   LEU A CD1 1 
ATOM   748  C CD2 . LEU A 1 98  ? 4.992   -2.965  3.244   1.00 24.80 ? 98   LEU A CD2 1 
ATOM   749  N N   . SER A 1 99  ? 2.916   -5.822  -0.222  1.00 21.38 ? 99   SER A N   1 
ATOM   750  C CA  . SER A 1 99  ? 3.133   -7.261  -0.226  1.00 21.81 ? 99   SER A CA  1 
ATOM   751  C C   . SER A 1 99  ? 4.467   -7.655  -0.804  1.00 21.80 ? 99   SER A C   1 
ATOM   752  O O   . SER A 1 99  ? 5.104   -6.876  -1.521  1.00 22.47 ? 99   SER A O   1 
ATOM   753  C CB  . SER A 1 99  ? 2.031   -7.934  -0.993  1.00 22.12 ? 99   SER A CB  1 
ATOM   754  O OG  . SER A 1 99  ? 2.103   -7.599  -2.348  1.00 24.40 ? 99   SER A OG  1 
ATOM   755  N N   . CYS A 1 100 ? 4.878   -8.874  -0.495  1.00 20.39 ? 100  CYS A N   1 
ATOM   756  C CA  . CYS A 1 100 ? 6.125   -9.397  -1.043  1.00 20.96 ? 100  CYS A CA  1 
ATOM   757  C C   . CYS A 1 100 ? 5.891   -10.820 -1.539  1.00 20.62 ? 100  CYS A C   1 
ATOM   758  O O   . CYS A 1 100 ? 5.168   -11.619 -0.894  1.00 21.20 ? 100  CYS A O   1 
ATOM   759  C CB  . CYS A 1 100 ? 7.230   -9.348  -0.005  1.00 19.98 ? 100  CYS A CB  1 
ATOM   760  S SG  . CYS A 1 100 ? 8.844   -9.591  -0.811  1.00 23.10 ? 100  CYS A SG  1 
ATOM   761  N N   . ALA A 1 101 ? 6.429   -11.113 -2.724  1.00 20.18 ? 101  ALA A N   1 
ATOM   762  C CA  . ALA A 1 101 ? 6.353   -12.442 -3.319  1.00 19.63 ? 101  ALA A CA  1 
ATOM   763  C C   . ALA A 1 101 ? 7.762   -12.971 -3.528  1.00 19.85 ? 101  ALA A C   1 
ATOM   764  O O   . ALA A 1 101 ? 8.700   -12.191 -3.614  1.00 20.19 ? 101  ALA A O   1 
ATOM   765  C CB  . ALA A 1 101 ? 5.612   -12.393 -4.668  1.00 19.59 ? 101  ALA A CB  1 
ATOM   766  N N   . TYR A 1 102 ? 7.887   -14.294 -3.602  1.00 20.80 ? 102  TYR A N   1 
ATOM   767  C CA  . TYR A 1 102 ? 9.147   -14.959 -3.938  1.00 20.69 ? 102  TYR A CA  1 
ATOM   768  C C   . TYR A 1 102 ? 8.851   -15.943 -5.057  1.00 22.21 ? 102  TYR A C   1 
ATOM   769  O O   . TYR A 1 102 ? 7.979   -16.807 -4.893  1.00 20.52 ? 102  TYR A O   1 
ATOM   770  C CB  . TYR A 1 102 ? 9.686   -15.732 -2.729  1.00 20.86 ? 102  TYR A CB  1 
ATOM   771  C CG  . TYR A 1 102 ? 11.006  -16.419 -3.009  1.00 20.39 ? 102  TYR A CG  1 
ATOM   772  C CD1 . TYR A 1 102 ? 12.183  -15.680 -3.117  1.00 21.01 ? 102  TYR A CD1 1 
ATOM   773  C CD2 . TYR A 1 102 ? 11.072  -17.801 -3.175  1.00 19.50 ? 102  TYR A CD2 1 
ATOM   774  C CE1 . TYR A 1 102 ? 13.407  -16.310 -3.379  1.00 22.08 ? 102  TYR A CE1 1 
ATOM   775  C CE2 . TYR A 1 102 ? 12.292  -18.442 -3.446  1.00 22.27 ? 102  TYR A CE2 1 
ATOM   776  C CZ  . TYR A 1 102 ? 13.453  -17.674 -3.535  1.00 22.46 ? 102  TYR A CZ  1 
ATOM   777  O OH  . TYR A 1 102 ? 14.656  -18.296 -3.824  1.00 26.12 ? 102  TYR A OH  1 
ATOM   778  N N   . GLU A 1 103 ? 9.576   -15.828 -6.181  1.00 22.97 ? 103  GLU A N   1 
ATOM   779  C CA  . GLU A 1 103 ? 9.327   -16.709 -7.343  1.00 24.88 ? 103  GLU A CA  1 
ATOM   780  C C   . GLU A 1 103 ? 7.826   -16.779 -7.629  1.00 25.65 ? 103  GLU A C   1 
ATOM   781  O O   . GLU A 1 103 ? 7.224   -17.866 -7.719  1.00 26.53 ? 103  GLU A O   1 
ATOM   782  C CB  . GLU A 1 103 ? 9.920   -18.103 -7.121  1.00 26.11 ? 103  GLU A CB  1 
ATOM   783  C CG  . GLU A 1 103 ? 11.436  -18.076 -6.953  1.00 26.76 ? 103  GLU A CG  1 
ATOM   784  C CD  . GLU A 1 103 ? 12.101  -19.451 -6.924  1.00 30.04 ? 103  GLU A CD  1 
ATOM   785  O OE1 . GLU A 1 103 ? 11.442  -20.480 -6.647  1.00 28.46 ? 103  GLU A OE1 1 
ATOM   786  O OE2 . GLU A 1 103 ? 13.332  -19.486 -7.160  1.00 31.66 ? 103  GLU A OE2 1 
ATOM   787  N N   . ASP A 1 104 ? 7.241   -15.591 -7.715  1.00 26.29 ? 104  ASP A N   1 
ATOM   788  C CA  . ASP A 1 104 ? 5.860   -15.390 -8.134  1.00 28.20 ? 104  ASP A CA  1 
ATOM   789  C C   . ASP A 1 104 ? 4.765   -15.739 -7.112  1.00 27.19 ? 104  ASP A C   1 
ATOM   790  O O   . ASP A 1 104 ? 3.576   -15.636 -7.434  1.00 29.19 ? 104  ASP A O   1 
ATOM   791  C CB  . ASP A 1 104 ? 5.598   -16.117 -9.472  1.00 28.59 ? 104  ASP A CB  1 
ATOM   792  C CG  . ASP A 1 104 ? 4.381   -15.575 -10.185 1.00 33.08 ? 104  ASP A CG  1 
ATOM   793  O OD1 . ASP A 1 104 ? 4.312   -14.334 -10.334 1.00 33.49 ? 104  ASP A OD1 1 
ATOM   794  O OD2 . ASP A 1 104 ? 3.440   -16.312 -10.615 1.00 36.56 ? 104  ASP A OD2 1 
ATOM   795  N N   . ASN A 1 105 ? 5.140   -16.132 -5.902  1.00 25.42 ? 105  ASN A N   1 
ATOM   796  C CA  . ASN A 1 105 ? 4.155   -16.528 -4.892  1.00 23.43 ? 105  ASN A CA  1 
ATOM   797  C C   . ASN A 1 105 ? 4.203   -15.555 -3.716  1.00 22.14 ? 105  ASN A C   1 
ATOM   798  O O   . ASN A 1 105 ? 5.224   -15.433 -3.057  1.00 20.29 ? 105  ASN A O   1 
ATOM   799  C CB  . ASN A 1 105 ? 4.408   -17.967 -4.443  1.00 24.04 ? 105  ASN A CB  1 
ATOM   800  C CG  . ASN A 1 105 ? 4.207   -18.967 -5.588  1.00 25.03 ? 105  ASN A CG  1 
ATOM   801  O OD1 . ASN A 1 105 ? 3.147   -18.984 -6.192  1.00 28.84 ? 105  ASN A OD1 1 
ATOM   802  N ND2 . ASN A 1 105 ? 5.207   -19.803 -5.864  1.00 27.23 ? 105  ASN A ND2 1 
ATOM   803  N N   . GLU A 1 106 ? 3.096   -14.855 -3.494  1.00 21.25 ? 106  GLU A N   1 
ATOM   804  C CA  . GLU A 1 106 ? 3.007   -13.883 -2.405  1.00 20.10 ? 106  GLU A CA  1 
ATOM   805  C C   . GLU A 1 106 ? 3.176   -14.642 -1.084  1.00 20.42 ? 106  GLU A C   1 
ATOM   806  O O   . GLU A 1 106 ? 2.536   -15.693 -0.890  1.00 20.00 ? 106  GLU A O   1 
ATOM   807  C CB  . GLU A 1 106 ? 1.626   -13.208 -2.453  1.00 21.27 ? 106  GLU A CB  1 
ATOM   808  C CG  . GLU A 1 106 ? 1.406   -12.149 -1.388  1.00 21.20 ? 106  GLU A CG  1 
ATOM   809  C CD  . GLU A 1 106 ? 0.049   -11.460 -1.512  1.00 22.15 ? 106  GLU A CD  1 
ATOM   810  O OE1 . GLU A 1 106 ? -0.871  -11.994 -2.198  1.00 28.05 ? 106  GLU A OE1 1 
ATOM   811  O OE2 . GLU A 1 106 ? -0.139  -10.414 -0.895  1.00 23.69 ? 106  GLU A OE2 1 
ATOM   812  N N   . PHE A 1 107 ? 4.032   -14.137 -0.182  1.00 19.35 ? 107  PHE A N   1 
ATOM   813  C CA  . PHE A 1 107 ? 4.183   -14.796 1.120   1.00 18.53 ? 107  PHE A CA  1 
ATOM   814  C C   . PHE A 1 107 ? 3.806   -13.905 2.306   1.00 18.64 ? 107  PHE A C   1 
ATOM   815  O O   . PHE A 1 107 ? 3.624   -14.406 3.419   1.00 18.27 ? 107  PHE A O   1 
ATOM   816  C CB  . PHE A 1 107 ? 5.597   -15.394 1.292   1.00 19.38 ? 107  PHE A CB  1 
ATOM   817  C CG  . PHE A 1 107 ? 6.706   -14.366 1.305   1.00 19.00 ? 107  PHE A CG  1 
ATOM   818  C CD1 . PHE A 1 107 ? 7.099   -13.765 2.506   1.00 18.74 ? 107  PHE A CD1 1 
ATOM   819  C CD2 . PHE A 1 107 ? 7.337   -13.989 0.116   1.00 16.51 ? 107  PHE A CD2 1 
ATOM   820  C CE1 . PHE A 1 107 ? 8.109   -12.799 2.523   1.00 18.72 ? 107  PHE A CE1 1 
ATOM   821  C CE2 . PHE A 1 107 ? 8.351   -13.031 0.121   1.00 19.68 ? 107  PHE A CE2 1 
ATOM   822  C CZ  . PHE A 1 107 ? 8.729   -12.426 1.314   1.00 17.64 ? 107  PHE A CZ  1 
ATOM   823  N N   . VAL A 1 108 ? 3.677   -12.603 2.072   1.00 18.57 ? 108  VAL A N   1 
ATOM   824  C CA  . VAL A 1 108 ? 3.252   -11.685 3.150   1.00 18.75 ? 108  VAL A CA  1 
ATOM   825  C C   . VAL A 1 108 ? 2.496   -10.519 2.568   1.00 19.13 ? 108  VAL A C   1 
ATOM   826  O O   . VAL A 1 108 ? 2.830   -10.009 1.482   1.00 19.47 ? 108  VAL A O   1 
ATOM   827  C CB  . VAL A 1 108 ? 4.447   -11.228 4.036   1.00 18.94 ? 108  VAL A CB  1 
ATOM   828  C CG1 . VAL A 1 108 ? 5.453   -10.410 3.203   1.00 18.67 ? 108  VAL A CG1 1 
ATOM   829  C CG2 . VAL A 1 108 ? 3.987   -10.432 5.259   1.00 19.58 ? 108  VAL A CG2 1 
ATOM   830  N N   . ARG A 1 109 ? 1.475   -10.092 3.307   1.00 18.83 ? 109  ARG A N   1 
ATOM   831  C CA  . ARG A 1 109 ? 0.693   -8.944  2.915   1.00 19.48 ? 109  ARG A CA  1 
ATOM   832  C C   . ARG A 1 109 ? 0.461   -8.103  4.147   1.00 19.95 ? 109  ARG A C   1 
ATOM   833  O O   . ARG A 1 109 ? 0.128   -8.643  5.202   1.00 20.55 ? 109  ARG A O   1 
ATOM   834  C CB  . ARG A 1 109 ? -0.623  -9.418  2.321   1.00 18.95 ? 109  ARG A CB  1 
ATOM   835  C CG  . ARG A 1 109 ? -1.546  -8.306  1.901   1.00 22.89 ? 109  ARG A CG  1 
ATOM   836  C CD  . ARG A 1 109 ? -2.846  -8.788  1.339   1.00 24.65 ? 109  ARG A CD  1 
ATOM   837  N NE  . ARG A 1 109 ? -2.678  -9.677  0.199   1.00 26.79 ? 109  ARG A NE  1 
ATOM   838  C CZ  . ARG A 1 109 ? -3.683  -10.126 -0.532  1.00 29.93 ? 109  ARG A CZ  1 
ATOM   839  N NH1 . ARG A 1 109 ? -4.938  -9.753  -0.250  1.00 30.80 ? 109  ARG A NH1 1 
ATOM   840  N NH2 . ARG A 1 109 ? -3.438  -10.933 -1.551  1.00 30.98 ? 109  ARG A NH2 1 
ATOM   841  N N   . VAL A 1 110 ? 0.678   -6.793  4.036   1.00 20.02 ? 110  VAL A N   1 
ATOM   842  C CA  . VAL A 1 110 ? 0.465   -5.895  5.167   1.00 20.21 ? 110  VAL A CA  1 
ATOM   843  C C   . VAL A 1 110 ? -0.554  -4.873  4.653   1.00 20.25 ? 110  VAL A C   1 
ATOM   844  O O   . VAL A 1 110 ? -0.261  -4.105  3.729   1.00 21.65 ? 110  VAL A O   1 
ATOM   845  C CB  . VAL A 1 110 ? 1.782   -5.188  5.604   1.00 19.95 ? 110  VAL A CB  1 
ATOM   846  C CG1 . VAL A 1 110 ? 1.562   -4.329  6.848   1.00 21.47 ? 110  VAL A CG1 1 
ATOM   847  C CG2 . VAL A 1 110 ? 2.910   -6.197  5.867   1.00 21.02 ? 110  VAL A CG2 1 
ATOM   848  N N   . GLY A 1 111 ? -1.757  -4.905  5.197   1.00 19.93 ? 111  GLY A N   1 
ATOM   849  C CA  . GLY A 1 111 ? -2.823  -4.008  4.757   1.00 19.63 ? 111  GLY A CA  1 
ATOM   850  C C   . GLY A 1 111 ? -3.019  -2.851  5.721   1.00 20.24 ? 111  GLY A C   1 
ATOM   851  O O   . GLY A 1 111 ? -2.829  -3.009  6.940   1.00 20.87 ? 111  GLY A O   1 
ATOM   852  N N   . TYR A 1 112 ? -3.399  -1.692  5.184   1.00 20.37 ? 112  TYR A N   1 
ATOM   853  C CA  . TYR A 1 112 ? -3.739  -0.538  6.021   1.00 21.05 ? 112  TYR A CA  1 
ATOM   854  C C   . TYR A 1 112 ? -5.001  0.107   5.536   1.00 21.21 ? 112  TYR A C   1 
ATOM   855  O O   . TYR A 1 112 ? -5.238  0.207   4.339   1.00 20.98 ? 112  TYR A O   1 
ATOM   856  C CB  . TYR A 1 112 ? -2.638  0.520   5.948   1.00 20.46 ? 112  TYR A CB  1 
ATOM   857  C CG  . TYR A 1 112 ? -1.289  0.081   6.436   1.00 21.90 ? 112  TYR A CG  1 
ATOM   858  C CD1 . TYR A 1 112 ? -0.965  0.143   7.798   1.00 22.00 ? 112  TYR A CD1 1 
ATOM   859  C CD2 . TYR A 1 112 ? -0.327  -0.407  5.541   1.00 21.40 ? 112  TYR A CD2 1 
ATOM   860  C CE1 . TYR A 1 112 ? 0.297   -0.257  8.254   1.00 21.87 ? 112  TYR A CE1 1 
ATOM   861  C CE2 . TYR A 1 112 ? 0.944   -0.817  5.992   1.00 23.43 ? 112  TYR A CE2 1 
ATOM   862  C CZ  . TYR A 1 112 ? 1.242   -0.731  7.341   1.00 23.58 ? 112  TYR A CZ  1 
ATOM   863  O OH  . TYR A 1 112 ? 2.485   -1.136  7.782   1.00 25.10 ? 112  TYR A OH  1 
ATOM   864  N N   . TYR A 1 113 ? -5.803  0.596   6.475   1.00 21.58 ? 113  TYR A N   1 
ATOM   865  C CA  . TYR A 1 113 ? -6.829  1.561   6.115   1.00 21.93 ? 113  TYR A CA  1 
ATOM   866  C C   . TYR A 1 113 ? -6.197  2.943   5.915   1.00 21.36 ? 113  TYR A C   1 
ATOM   867  O O   . TYR A 1 113 ? -5.154  3.273   6.516   1.00 22.37 ? 113  TYR A O   1 
ATOM   868  C CB  . TYR A 1 113 ? -7.912  1.591   7.185   1.00 22.56 ? 113  TYR A CB  1 
ATOM   869  C CG  . TYR A 1 113 ? -8.815  0.392   7.132   1.00 25.81 ? 113  TYR A CG  1 
ATOM   870  C CD1 . TYR A 1 113 ? -9.602  0.149   6.016   1.00 29.10 ? 113  TYR A CD1 1 
ATOM   871  C CD2 . TYR A 1 113 ? -8.878  -0.504  8.193   1.00 31.02 ? 113  TYR A CD2 1 
ATOM   872  C CE1 . TYR A 1 113 ? -10.436 -0.954  5.943   1.00 32.56 ? 113  TYR A CE1 1 
ATOM   873  C CE2 . TYR A 1 113 ? -9.720  -1.619  8.132   1.00 33.08 ? 113  TYR A CE2 1 
ATOM   874  C CZ  . TYR A 1 113 ? -10.489 -1.829  7.005   1.00 33.36 ? 113  TYR A CZ  1 
ATOM   875  O OH  . TYR A 1 113 ? -11.311 -2.928  6.922   1.00 37.94 ? 113  TYR A OH  1 
ATOM   876  N N   . VAL A 1 114 ? -6.811  3.740   5.050   1.00 21.16 ? 114  VAL A N   1 
ATOM   877  C CA  . VAL A 1 114 ? -6.284  5.061   4.703   1.00 21.01 ? 114  VAL A CA  1 
ATOM   878  C C   . VAL A 1 114 ? -7.472  5.999   4.700   1.00 22.03 ? 114  VAL A C   1 
ATOM   879  O O   . VAL A 1 114 ? -8.455  5.758   3.989   1.00 21.68 ? 114  VAL A O   1 
ATOM   880  C CB  . VAL A 1 114 ? -5.616  5.088   3.302   1.00 20.81 ? 114  VAL A CB  1 
ATOM   881  C CG1 . VAL A 1 114 ? -5.027  6.462   2.983   1.00 19.83 ? 114  VAL A CG1 1 
ATOM   882  C CG2 . VAL A 1 114 ? -4.526  4.010   3.184   1.00 20.58 ? 114  VAL A CG2 1 
ATOM   883  N N   . ASN A 1 115 ? -7.380  7.054   5.500   1.00 22.34 ? 115  ASN A N   1 
ATOM   884  C CA  . ASN A 1 115 ? -8.434  8.089   5.522   1.00 23.85 ? 115  ASN A CA  1 
ATOM   885  C C   . ASN A 1 115 ? -8.052  9.134   4.489   1.00 24.18 ? 115  ASN A C   1 
ATOM   886  O O   . ASN A 1 115 ? -6.899  9.550   4.444   1.00 23.89 ? 115  ASN A O   1 
ATOM   887  C CB  . ASN A 1 115 ? -8.506  8.776   6.892   1.00 25.04 ? 115  ASN A CB  1 
ATOM   888  C CG  . ASN A 1 115 ? -9.267  7.983   7.917   1.00 28.76 ? 115  ASN A CG  1 
ATOM   889  O OD1 . ASN A 1 115 ? -10.317 7.377   7.626   1.00 31.89 ? 115  ASN A OD1 1 
ATOM   890  N ND2 . ASN A 1 115 ? -8.744  7.980   9.162   1.00 30.92 ? 115  ASN A ND2 1 
ATOM   891  N N   . ASN A 1 116 ? -9.006  9.579   3.665   1.00 24.06 ? 116  ASN A N   1 
ATOM   892  C CA  . ASN A 1 116 ? -8.697  10.585  2.647   1.00 24.09 ? 116  ASN A CA  1 
ATOM   893  C C   . ASN A 1 116 ? -9.664  11.723  2.805   1.00 25.10 ? 116  ASN A C   1 
ATOM   894  O O   . ASN A 1 116 ? -10.877 11.487  2.850   1.00 25.76 ? 116  ASN A O   1 
ATOM   895  C CB  . ASN A 1 116 ? -8.783  10.018  1.235   1.00 23.82 ? 116  ASN A CB  1 
ATOM   896  C CG  . ASN A 1 116 ? -7.797  8.918   1.005   1.00 25.45 ? 116  ASN A CG  1 
ATOM   897  O OD1 . ASN A 1 116 ? -6.634  9.161   0.638   1.00 23.16 ? 116  ASN A OD1 1 
ATOM   898  N ND2 . ASN A 1 116 ? -8.231  7.688   1.280   1.00 24.96 ? 116  ASN A ND2 1 
ATOM   899  N N   . GLU A 1 117 ? -9.117  12.932  2.932   1.00 25.99 ? 117  GLU A N   1 
ATOM   900  C CA  . GLU A 1 117 ? -9.911  14.127  3.224   1.00 26.71 ? 117  GLU A CA  1 
ATOM   901  C C   . GLU A 1 117 ? -9.499  15.239  2.292   1.00 26.47 ? 117  GLU A C   1 
ATOM   902  O O   . GLU A 1 117 ? -8.331  15.366  1.956   1.00 26.77 ? 117  GLU A O   1 
ATOM   903  C CB  . GLU A 1 117 ? -9.670  14.599  4.663   1.00 27.53 ? 117  GLU A CB  1 
ATOM   904  C CG  . GLU A 1 117 ? -10.063 13.608  5.750   1.00 33.14 ? 117  GLU A CG  1 
ATOM   905  C CD  . GLU A 1 117 ? -9.913  14.157  7.169   1.00 40.92 ? 117  GLU A CD  1 
ATOM   906  O OE1 . GLU A 1 117 ? -9.470  15.319  7.344   1.00 45.84 ? 117  GLU A OE1 1 
ATOM   907  O OE2 . GLU A 1 117 ? -10.250 13.422  8.128   1.00 45.74 ? 117  GLU A OE2 1 
ATOM   908  N N   . MET A 1 118 ? -10.458 16.072  1.877   1.00 26.10 ? 118  MET A N   1 
ATOM   909  C CA  . MET A 1 118 ? -10.125 17.247  1.084   1.00 26.10 ? 118  MET A CA  1 
ATOM   910  C C   . MET A 1 118 ? -10.225 18.492  1.943   1.00 26.66 ? 118  MET A C   1 
ATOM   911  O O   . MET A 1 118 ? -11.176 18.643  2.714   1.00 27.25 ? 118  MET A O   1 
ATOM   912  C CB  . MET A 1 118 ? -11.069 17.413  -0.114  1.00 26.02 ? 118  MET A CB  1 
ATOM   913  C CG  . MET A 1 118 ? -10.641 18.518  -1.035  1.00 24.41 ? 118  MET A CG  1 
ATOM   914  S SD  . MET A 1 118 ? -11.676 18.495  -2.566  1.00 26.45 ? 118  MET A SD  1 
ATOM   915  C CE  . MET A 1 118 ? -12.611 20.029  -2.346  1.00 27.60 ? 118  MET A CE  1 
ATOM   916  N N   . GLU A 1 119 ? -9.227  19.354  1.813   1.00 27.58 ? 119  GLU A N   1 
ATOM   917  C CA  . GLU A 1 119 ? -9.204  20.619  2.511   1.00 28.73 ? 119  GLU A CA  1 
ATOM   918  C C   . GLU A 1 119 ? -10.528 21.328  2.203   1.00 29.56 ? 119  GLU A C   1 
ATOM   919  O O   . GLU A 1 119 ? -10.904 21.442  1.034   1.00 28.67 ? 119  GLU A O   1 
ATOM   920  C CB  . GLU A 1 119 ? -8.042  21.472  2.015   1.00 28.88 ? 119  GLU A CB  1 
ATOM   921  C CG  . GLU A 1 119 ? -6.650  20.904  2.299   1.00 28.69 ? 119  GLU A CG  1 
ATOM   922  C CD  . GLU A 1 119 ? -5.521  21.740  1.702   1.00 31.85 ? 119  GLU A CD  1 
ATOM   923  O OE1 . GLU A 1 119 ? -5.772  22.902  1.266   1.00 28.08 ? 119  GLU A OE1 1 
ATOM   924  O OE2 . GLU A 1 119 ? -4.366  21.230  1.651   1.00 31.29 ? 119  GLU A OE2 1 
ATOM   925  N N   . GLY A 1 120 ? -11.223 21.766  3.255   1.00 30.55 ? 120  GLY A N   1 
ATOM   926  C CA  . GLY A 1 120 ? -12.459 22.516  3.119   1.00 32.08 ? 120  GLY A CA  1 
ATOM   927  C C   . GLY A 1 120 ? -13.732 21.704  3.120   1.00 33.54 ? 120  GLY A C   1 
ATOM   928  O O   . GLY A 1 120 ? -14.820 22.267  3.186   1.00 33.92 ? 120  GLY A O   1 
ATOM   929  N N   . LEU A 1 121 ? -13.619 20.382  3.023   1.00 34.48 ? 121  LEU A N   1 
ATOM   930  C CA  . LEU A 1 121 ? -14.791 19.531  2.991   1.00 36.29 ? 121  LEU A CA  1 
ATOM   931  C C   . LEU A 1 121 ? -14.887 18.701  4.247   1.00 37.97 ? 121  LEU A C   1 
ATOM   932  O O   . LEU A 1 121 ? -13.936 18.035  4.636   1.00 37.02 ? 121  LEU A O   1 
ATOM   933  C CB  . LEU A 1 121 ? -14.763 18.582  1.789   1.00 36.24 ? 121  LEU A CB  1 
ATOM   934  C CG  . LEU A 1 121 ? -15.129 19.116  0.409   1.00 36.39 ? 121  LEU A CG  1 
ATOM   935  C CD1 . LEU A 1 121 ? -15.316 17.946  -0.554  1.00 36.42 ? 121  LEU A CD1 1 
ATOM   936  C CD2 . LEU A 1 121 ? -16.390 20.014  0.477   1.00 34.90 ? 121  LEU A CD2 1 
ATOM   937  N N   . ASN A 1 122 ? -16.050 18.746  4.871   1.00 39.93 ? 122  ASN A N   1 
ATOM   938  C CA  . ASN A 1 122 ? -16.361 17.826  5.947   1.00 42.77 ? 122  ASN A CA  1 
ATOM   939  C C   . ASN A 1 122 ? -17.255 16.722  5.381   1.00 43.81 ? 122  ASN A C   1 
ATOM   940  O O   . ASN A 1 122 ? -18.452 16.922  5.204   1.00 44.33 ? 122  ASN A O   1 
ATOM   941  C CB  . ASN A 1 122 ? -17.063 18.573  7.080   1.00 42.85 ? 122  ASN A CB  1 
ATOM   942  C CG  . ASN A 1 122 ? -17.138 17.761  8.351   1.00 44.39 ? 122  ASN A CG  1 
ATOM   943  O OD1 . ASN A 1 122 ? -17.490 16.581  8.327   1.00 44.57 ? 122  ASN A OD1 1 
ATOM   944  N ND2 . ASN A 1 122 ? -16.805 18.391  9.474   1.00 46.14 ? 122  ASN A ND2 1 
ATOM   945  N N   . LEU A 1 123 ? -16.670 15.559  5.098   1.00 45.38 ? 123  LEU A N   1 
ATOM   946  C CA  . LEU A 1 123 ? -17.374 14.486  4.386   1.00 46.97 ? 123  LEU A CA  1 
ATOM   947  C C   . LEU A 1 123 ? -18.579 13.925  5.140   1.00 48.62 ? 123  LEU A C   1 
ATOM   948  O O   . LEU A 1 123 ? -19.567 13.537  4.525   1.00 48.69 ? 123  LEU A O   1 
ATOM   949  C CB  . LEU A 1 123 ? -16.422 13.338  4.033   1.00 46.69 ? 123  LEU A CB  1 
ATOM   950  C CG  . LEU A 1 123 ? -15.408 13.547  2.906   1.00 45.97 ? 123  LEU A CG  1 
ATOM   951  C CD1 . LEU A 1 123 ? -14.348 12.440  2.944   1.00 45.32 ? 123  LEU A CD1 1 
ATOM   952  C CD2 . LEU A 1 123 ? -16.078 13.604  1.529   1.00 44.10 ? 123  LEU A CD2 1 
ATOM   953  N N   . GLN A 1 124 ? -18.486 13.884  6.469   1.00 50.76 ? 124  GLN A N   1 
ATOM   954  C CA  . GLN A 1 124 ? -19.530 13.293  7.295   1.00 53.05 ? 124  GLN A CA  1 
ATOM   955  C C   . GLN A 1 124 ? -20.825 14.112  7.306   1.00 54.13 ? 124  GLN A C   1 
ATOM   956  O O   . GLN A 1 124 ? -21.900 13.562  7.544   1.00 54.55 ? 124  GLN A O   1 
ATOM   957  C CB  . GLN A 1 124 ? -19.008 13.057  8.716   1.00 53.53 ? 124  GLN A CB  1 
ATOM   958  C CG  . GLN A 1 124 ? -18.473 11.629  8.983   1.00 55.89 ? 124  GLN A CG  1 
ATOM   959  C CD  . GLN A 1 124 ? -17.631 11.056  7.835   1.00 58.50 ? 124  GLN A CD  1 
ATOM   960  O OE1 . GLN A 1 124 ? -18.131 10.267  7.019   1.00 59.71 ? 124  GLN A OE1 1 
ATOM   961  N NE2 . GLN A 1 124 ? -16.356 11.445  7.777   1.00 59.14 ? 124  GLN A NE2 1 
ATOM   962  N N   . GLU A 1 125 ? -20.716 15.412  7.022   1.00 55.16 ? 125  GLU A N   1 
ATOM   963  C CA  . GLU A 1 125 ? -21.870 16.319  6.983   1.00 56.31 ? 125  GLU A CA  1 
ATOM   964  C C   . GLU A 1 125 ? -22.553 16.362  5.607   1.00 56.40 ? 125  GLU A C   1 
ATOM   965  O O   . GLU A 1 125 ? -23.624 16.963  5.459   1.00 56.54 ? 125  GLU A O   1 
ATOM   966  C CB  . GLU A 1 125 ? -21.475 17.750  7.405   1.00 56.76 ? 125  GLU A CB  1 
ATOM   967  C CG  . GLU A 1 125 ? -20.596 17.856  8.649   1.00 59.25 ? 125  GLU A CG  1 
ATOM   968  C CD  . GLU A 1 125 ? -21.231 18.641  9.790   1.00 62.29 ? 125  GLU A CD  1 
ATOM   969  O OE1 . GLU A 1 125 ? -22.394 19.090  9.658   1.00 63.78 ? 125  GLU A OE1 1 
ATOM   970  O OE2 . GLU A 1 125 ? -20.558 18.809  10.833  1.00 63.94 ? 125  GLU A OE2 1 
ATOM   971  N N   . MET A 1 126 ? -21.932 15.736  4.607   1.00 56.25 ? 126  MET A N   1 
ATOM   972  C CA  . MET A 1 126 ? -22.475 15.716  3.245   1.00 55.98 ? 126  MET A CA  1 
ATOM   973  C C   . MET A 1 126 ? -23.130 14.377  2.910   1.00 55.85 ? 126  MET A C   1 
ATOM   974  O O   . MET A 1 126 ? -22.624 13.314  3.287   1.00 55.90 ? 126  MET A O   1 
ATOM   975  C CB  . MET A 1 126 ? -21.383 16.008  2.218   1.00 55.78 ? 126  MET A CB  1 
ATOM   976  C CG  . MET A 1 126 ? -20.514 17.218  2.532   1.00 55.40 ? 126  MET A CG  1 
ATOM   977  S SD  . MET A 1 126 ? -18.987 17.218  1.574   1.00 54.45 ? 126  MET A SD  1 
ATOM   978  C CE  . MET A 1 126 ? -19.646 17.394  -0.134  1.00 54.10 ? 126  MET A CE  1 
ATOM   979  N N   . ASP A 1 127 ? -24.256 14.428  2.200   1.00 55.64 ? 127  ASP A N   1 
ATOM   980  C CA  . ASP A 1 127 ? -24.898 13.192  1.748   1.00 55.28 ? 127  ASP A CA  1 
ATOM   981  C C   . ASP A 1 127 ? -24.197 12.612  0.510   1.00 54.31 ? 127  ASP A C   1 
ATOM   982  O O   . ASP A 1 127 ? -23.429 13.302  -0.167  1.00 54.28 ? 127  ASP A O   1 
ATOM   983  C CB  . ASP A 1 127 ? -26.428 13.334  1.572   1.00 55.79 ? 127  ASP A CB  1 
ATOM   984  C CG  . ASP A 1 127 ? -26.834 14.466  0.631   1.00 56.74 ? 127  ASP A CG  1 
ATOM   985  O OD1 . ASP A 1 127 ? -26.281 14.580  -0.489  1.00 57.79 ? 127  ASP A OD1 1 
ATOM   986  O OD2 . ASP A 1 127 ? -27.735 15.279  0.925   1.00 57.99 ? 127  ASP A OD2 1 
ATOM   987  N N   . ASP A 1 128 ? -24.455 11.339  0.234   1.00 53.05 ? 128  ASP A N   1 
ATOM   988  C CA  . ASP A 1 128 ? -23.731 10.620  -0.806  1.00 51.63 ? 128  ASP A CA  1 
ATOM   989  C C   . ASP A 1 128 ? -23.843 11.263  -2.191  1.00 50.16 ? 128  ASP A C   1 
ATOM   990  O O   . ASP A 1 128 ? -22.863 11.289  -2.941  1.00 49.55 ? 128  ASP A O   1 
ATOM   991  C CB  . ASP A 1 128 ? -24.146 9.138   -0.830  1.00 52.23 ? 128  ASP A CB  1 
ATOM   992  C CG  . ASP A 1 128 ? -23.597 8.353   0.370   1.00 53.95 ? 128  ASP A CG  1 
ATOM   993  O OD1 . ASP A 1 128 ? -22.435 8.587   0.786   1.00 55.47 ? 128  ASP A OD1 1 
ATOM   994  O OD2 . ASP A 1 128 ? -24.260 7.475   0.963   1.00 56.21 ? 128  ASP A OD2 1 
ATOM   995  N N   . ALA A 1 129 ? -25.022 11.798  -2.514  1.00 48.14 ? 129  ALA A N   1 
ATOM   996  C CA  . ALA A 1 129 ? -25.252 12.409  -3.829  1.00 46.29 ? 129  ALA A CA  1 
ATOM   997  C C   . ALA A 1 129 ? -24.431 13.683  -4.009  1.00 44.72 ? 129  ALA A C   1 
ATOM   998  O O   . ALA A 1 129 ? -23.949 13.960  -5.112  1.00 43.94 ? 129  ALA A O   1 
ATOM   999  C CB  . ALA A 1 129 ? -26.743 12.681  -4.069  1.00 46.65 ? 129  ALA A CB  1 
ATOM   1000 N N   . GLU A 1 130 ? -24.272 14.440  -2.925  1.00 43.15 ? 130  GLU A N   1 
ATOM   1001 C CA  . GLU A 1 130 ? -23.437 15.640  -2.938  1.00 41.88 ? 130  GLU A CA  1 
ATOM   1002 C C   . GLU A 1 130 ? -21.971 15.302  -3.166  1.00 40.35 ? 130  GLU A C   1 
ATOM   1003 O O   . GLU A 1 130 ? -21.302 15.974  -3.944  1.00 39.17 ? 130  GLU A O   1 
ATOM   1004 C CB  . GLU A 1 130 ? -23.635 16.474  -1.673  1.00 42.16 ? 130  GLU A CB  1 
ATOM   1005 C CG  . GLU A 1 130 ? -24.709 17.531  -1.860  1.00 43.83 ? 130  GLU A CG  1 
ATOM   1006 C CD  . GLU A 1 130 ? -25.206 18.142  -0.562  1.00 46.51 ? 130  GLU A CD  1 
ATOM   1007 O OE1 . GLU A 1 130 ? -24.817 17.661  0.532   1.00 47.78 ? 130  GLU A OE1 1 
ATOM   1008 O OE2 . GLU A 1 130 ? -26.007 19.102  -0.645  1.00 47.32 ? 130  GLU A OE2 1 
ATOM   1009 N N   . ILE A 1 131 ? -21.496 14.239  -2.512  1.00 38.94 ? 131  ILE A N   1 
ATOM   1010 C CA  . ILE A 1 131 ? -20.131 13.755  -2.721  1.00 38.09 ? 131  ILE A CA  1 
ATOM   1011 C C   . ILE A 1 131 ? -19.862 13.365  -4.185  1.00 37.42 ? 131  ILE A C   1 
ATOM   1012 O O   . ILE A 1 131 ? -18.798 13.640  -4.710  1.00 36.53 ? 131  ILE A O   1 
ATOM   1013 C CB  . ILE A 1 131 ? -19.763 12.634  -1.688  1.00 38.08 ? 131  ILE A CB  1 
ATOM   1014 C CG1 . ILE A 1 131 ? -19.797 13.211  -0.265  1.00 38.19 ? 131  ILE A CG1 1 
ATOM   1015 C CG2 . ILE A 1 131 ? -18.379 12.047  -1.986  1.00 38.48 ? 131  ILE A CG2 1 
ATOM   1016 C CD1 . ILE A 1 131 ? -19.677 12.189  0.873   1.00 37.83 ? 131  ILE A CD1 1 
ATOM   1017 N N   . LYS A 1 132 ? -20.861 12.807  -4.865  1.00 37.39 ? 132  LYS A N   1 
ATOM   1018 C CA  . LYS A 1 132 ? -20.719 12.416  -6.271  1.00 37.10 ? 132  LYS A CA  1 
ATOM   1019 C C   . LYS A 1 132 ? -20.774 13.604  -7.234  1.00 35.93 ? 132  LYS A C   1 
ATOM   1020 O O   . LYS A 1 132 ? -20.475 13.460  -8.436  1.00 35.37 ? 132  LYS A O   1 
ATOM   1021 C CB  . LYS A 1 132 ? -21.801 11.404  -6.663  1.00 38.13 ? 132  LYS A CB  1 
ATOM   1022 C CG  . LYS A 1 132 ? -21.764 10.094  -5.883  1.00 41.53 ? 132  LYS A CG  1 
ATOM   1023 C CD  . LYS A 1 132 ? -22.422 8.974   -6.676  1.00 46.42 ? 132  LYS A CD  1 
ATOM   1024 C CE  . LYS A 1 132 ? -21.411 7.892   -7.018  1.00 48.51 ? 132  LYS A CE  1 
ATOM   1025 N NZ  . LYS A 1 132 ? -21.721 6.616   -6.306  1.00 51.13 ? 132  LYS A NZ  1 
ATOM   1026 N N   . LYS A 1 133 ? -21.167 14.769  -6.714  1.00 34.27 ? 133  LYS A N   1 
ATOM   1027 C CA  . LYS A 1 133 ? -21.229 15.986  -7.527  1.00 33.85 ? 133  LYS A CA  1 
ATOM   1028 C C   . LYS A 1 133 ? -20.171 17.045  -7.187  1.00 33.00 ? 133  LYS A C   1 
ATOM   1029 O O   . LYS A 1 133 ? -19.769 17.802  -8.073  1.00 32.78 ? 133  LYS A O   1 
ATOM   1030 C CB  . LYS A 1 133 ? -22.644 16.599  -7.496  1.00 33.58 ? 133  LYS A CB  1 
ATOM   1031 C CG  . LYS A 1 133 ? -23.711 15.713  -8.131  1.00 35.06 ? 133  LYS A CG  1 
ATOM   1032 C CD  . LYS A 1 133 ? -23.534 15.618  -9.650  1.00 37.62 ? 133  LYS A CD  1 
ATOM   1033 C CE  . LYS A 1 133 ? -24.618 14.735  -10.286 1.00 39.49 ? 133  LYS A CE  1 
ATOM   1034 N NZ  . LYS A 1 133 ? -24.059 14.027  -11.491 1.00 42.82 ? 133  LYS A NZ  1 
ATOM   1035 N N   . VAL A 1 134 ? -19.727 17.085  -5.926  1.00 32.76 ? 134  VAL A N   1 
ATOM   1036 C CA  . VAL A 1 134 ? -18.719 18.065  -5.470  1.00 31.68 ? 134  VAL A CA  1 
ATOM   1037 C C   . VAL A 1 134 ? -17.467 18.078  -6.356  1.00 31.63 ? 134  VAL A C   1 
ATOM   1038 O O   . VAL A 1 134 ? -16.960 17.022  -6.789  1.00 31.18 ? 134  VAL A O   1 
ATOM   1039 C CB  . VAL A 1 134 ? -18.347 17.890  -3.960  1.00 32.21 ? 134  VAL A CB  1 
ATOM   1040 C CG1 . VAL A 1 134 ? -17.442 16.663  -3.724  1.00 32.12 ? 134  VAL A CG1 1 
ATOM   1041 C CG2 . VAL A 1 134 ? -17.665 19.170  -3.409  1.00 32.00 ? 134  VAL A CG2 1 
ATOM   1042 N N   . LYS A 1 135 ? -16.998 19.280  -6.668  1.00 30.52 ? 135  LYS A N   1 
ATOM   1043 C CA  . LYS A 1 135 ? -15.772 19.408  -7.427  1.00 30.74 ? 135  LYS A CA  1 
ATOM   1044 C C   . LYS A 1 135 ? -14.598 19.061  -6.516  1.00 30.78 ? 135  LYS A C   1 
ATOM   1045 O O   . LYS A 1 135 ? -14.337 19.766  -5.533  1.00 30.07 ? 135  LYS A O   1 
ATOM   1046 C CB  . LYS A 1 135 ? -15.627 20.826  -8.002  1.00 31.12 ? 135  LYS A CB  1 
ATOM   1047 C CG  . LYS A 1 135 ? -14.424 21.011  -8.899  1.00 33.14 ? 135  LYS A CG  1 
ATOM   1048 C CD  . LYS A 1 135 ? -14.558 20.144  -10.125 1.00 37.70 ? 135  LYS A CD  1 
ATOM   1049 C CE  . LYS A 1 135 ? -13.509 20.457  -11.176 1.00 41.64 ? 135  LYS A CE  1 
ATOM   1050 N NZ  . LYS A 1 135 ? -14.012 19.996  -12.512 1.00 43.33 ? 135  LYS A NZ  1 
ATOM   1051 N N   . VAL A 1 136 ? -13.932 17.943  -6.823  1.00 30.17 ? 136  VAL A N   1 
ATOM   1052 C CA  . VAL A 1 136 ? -12.716 17.546  -6.103  1.00 29.46 ? 136  VAL A CA  1 
ATOM   1053 C C   . VAL A 1 136 ? -11.507 18.209  -6.743  1.00 29.33 ? 136  VAL A C   1 
ATOM   1054 O O   . VAL A 1 136 ? -11.352 18.201  -7.968  1.00 29.06 ? 136  VAL A O   1 
ATOM   1055 C CB  . VAL A 1 136 ? -12.524 16.006  -6.107  1.00 29.09 ? 136  VAL A CB  1 
ATOM   1056 C CG1 . VAL A 1 136 ? -11.159 15.626  -5.488  1.00 29.67 ? 136  VAL A CG1 1 
ATOM   1057 C CG2 . VAL A 1 136 ? -13.668 15.333  -5.353  1.00 29.62 ? 136  VAL A CG2 1 
ATOM   1058 N N   . ASP A 1 137 ? -10.657 18.788  -5.905  1.00 28.01 ? 137  ASP A N   1 
ATOM   1059 C CA  . ASP A 1 137 ? -9.384  19.336  -6.325  1.00 28.38 ? 137  ASP A CA  1 
ATOM   1060 C C   . ASP A 1 137 ? -8.361  18.397  -5.708  1.00 27.75 ? 137  ASP A C   1 
ATOM   1061 O O   . ASP A 1 137 ? -8.148  18.432  -4.496  1.00 27.07 ? 137  ASP A O   1 
ATOM   1062 C CB  . ASP A 1 137 ? -9.213  20.750  -5.760  1.00 28.44 ? 137  ASP A CB  1 
ATOM   1063 C CG  . ASP A 1 137 ? -7.851  21.369  -6.073  1.00 31.85 ? 137  ASP A CG  1 
ATOM   1064 O OD1 . ASP A 1 137 ? -6.921  20.675  -6.568  1.00 31.90 ? 137  ASP A OD1 1 
ATOM   1065 O OD2 . ASP A 1 137 ? -7.619  22.568  -5.824  1.00 32.86 ? 137  ASP A OD2 1 
ATOM   1066 N N   . ILE A 1 138 ? -7.762  17.552  -6.538  1.00 27.09 ? 138  ILE A N   1 
ATOM   1067 C CA  . ILE A 1 138 ? -6.824  16.534  -6.051  1.00 27.36 ? 138  ILE A CA  1 
ATOM   1068 C C   . ILE A 1 138 ? -5.639  17.118  -5.289  1.00 27.20 ? 138  ILE A C   1 
ATOM   1069 O O   . ILE A 1 138 ? -5.104  16.467  -4.391  1.00 25.50 ? 138  ILE A O   1 
ATOM   1070 C CB  . ILE A 1 138 ? -6.344  15.610  -7.209  1.00 27.59 ? 138  ILE A CB  1 
ATOM   1071 C CG1 . ILE A 1 138 ? -6.044  14.190  -6.694  1.00 28.46 ? 138  ILE A CG1 1 
ATOM   1072 C CG2 . ILE A 1 138 ? -5.158  16.238  -7.986  1.00 29.41 ? 138  ILE A CG2 1 
ATOM   1073 C CD1 . ILE A 1 138 ? -7.231  13.530  -5.965  1.00 27.77 ? 138  ILE A CD1 1 
ATOM   1074 N N   . SER A 1 139 ? -5.231  18.340  -5.650  1.00 26.41 ? 139  SER A N   1 
ATOM   1075 C CA  . SER A 1 139 ? -4.119  19.004  -4.975  1.00 26.83 ? 139  SER A CA  1 
ATOM   1076 C C   . SER A 1 139 ? -4.429  19.359  -3.518  1.00 26.25 ? 139  SER A C   1 
ATOM   1077 O O   . SER A 1 139 ? -3.531  19.754  -2.783  1.00 26.88 ? 139  SER A O   1 
ATOM   1078 C CB  . SER A 1 139 ? -3.674  20.265  -5.749  1.00 27.17 ? 139  SER A CB  1 
ATOM   1079 O OG  . SER A 1 139 ? -4.606  21.334  -5.568  1.00 29.86 ? 139  SER A OG  1 
ATOM   1080 N N   . LYS A 1 140 ? -5.690  19.198  -3.112  1.00 25.21 ? 140  LYS A N   1 
ATOM   1081 C CA  . LYS A 1 140 ? -6.140  19.541  -1.770  1.00 24.86 ? 140  LYS A CA  1 
ATOM   1082 C C   . LYS A 1 140 ? -6.551  18.305  -1.015  1.00 23.85 ? 140  LYS A C   1 
ATOM   1083 O O   . LYS A 1 140 ? -7.103  18.396  0.067   1.00 24.66 ? 140  LYS A O   1 
ATOM   1084 C CB  . LYS A 1 140 ? -7.317  20.528  -1.829  1.00 25.40 ? 140  LYS A CB  1 
ATOM   1085 C CG  . LYS A 1 140 ? -6.866  21.882  -2.320  1.00 26.93 ? 140  LYS A CG  1 
ATOM   1086 C CD  . LYS A 1 140 ? -7.945  22.948  -2.218  1.00 30.42 ? 140  LYS A CD  1 
ATOM   1087 C CE  . LYS A 1 140 ? -7.295  24.319  -2.408  1.00 34.00 ? 140  LYS A CE  1 
ATOM   1088 N NZ  . LYS A 1 140 ? -8.297  25.399  -2.438  1.00 38.72 ? 140  LYS A NZ  1 
ATOM   1089 N N   . VAL A 1 141 ? -6.311  17.135  -1.599  1.00 24.07 ? 141  VAL A N   1 
ATOM   1090 C CA  . VAL A 1 141 ? -6.716  15.895  -0.934  1.00 22.86 ? 141  VAL A CA  1 
ATOM   1091 C C   . VAL A 1 141 ? -5.497  15.322  -0.202  1.00 22.12 ? 141  VAL A C   1 
ATOM   1092 O O   . VAL A 1 141 ? -4.442  15.186  -0.803  1.00 22.66 ? 141  VAL A O   1 
ATOM   1093 C CB  . VAL A 1 141 ? -7.223  14.854  -1.944  1.00 22.84 ? 141  VAL A CB  1 
ATOM   1094 C CG1 . VAL A 1 141 ? -7.439  13.491  -1.257  1.00 23.81 ? 141  VAL A CG1 1 
ATOM   1095 C CG2 . VAL A 1 141 ? -8.510  15.368  -2.669  1.00 24.00 ? 141  VAL A CG2 1 
ATOM   1096 N N   . TRP A 1 142 ? -5.674  15.001  1.080   1.00 22.75 ? 142  TRP A N   1 
ATOM   1097 C CA  . TRP A 1 142 ? -4.622  14.379  1.907   1.00 23.21 ? 142  TRP A CA  1 
ATOM   1098 C C   . TRP A 1 142 ? -4.974  12.955  2.241   1.00 22.48 ? 142  TRP A C   1 
ATOM   1099 O O   . TRP A 1 142 ? -6.097  12.680  2.630   1.00 22.32 ? 142  TRP A O   1 
ATOM   1100 C CB  . TRP A 1 142 ? -4.504  15.124  3.240   1.00 23.77 ? 142  TRP A CB  1 
ATOM   1101 C CG  . TRP A 1 142 ? -3.925  16.473  3.101   1.00 26.51 ? 142  TRP A CG  1 
ATOM   1102 C CD1 . TRP A 1 142 ? -4.567  17.606  2.682   1.00 26.62 ? 142  TRP A CD1 1 
ATOM   1103 C CD2 . TRP A 1 142 ? -2.571  16.859  3.373   1.00 26.71 ? 142  TRP A CD2 1 
ATOM   1104 N NE1 . TRP A 1 142 ? -3.695  18.671  2.675   1.00 27.73 ? 142  TRP A NE1 1 
ATOM   1105 C CE2 . TRP A 1 142 ? -2.464  18.240  3.101   1.00 28.29 ? 142  TRP A CE2 1 
ATOM   1106 C CE3 . TRP A 1 142 ? -1.427  16.173  3.821   1.00 26.48 ? 142  TRP A CE3 1 
ATOM   1107 C CZ2 . TRP A 1 142 ? -1.262  18.947  3.274   1.00 28.17 ? 142  TRP A CZ2 1 
ATOM   1108 C CZ3 . TRP A 1 142 ? -0.248  16.877  3.978   1.00 28.11 ? 142  TRP A CZ3 1 
ATOM   1109 C CH2 . TRP A 1 142 ? -0.172  18.241  3.708   1.00 26.41 ? 142  TRP A CH2 1 
ATOM   1110 N N   . ARG A 1 143 ? -4.009  12.037  2.113   1.00 21.77 ? 143  ARG A N   1 
ATOM   1111 C CA  . ARG A 1 143 ? -4.196  10.707  2.655   1.00 22.08 ? 143  ARG A CA  1 
ATOM   1112 C C   . ARG A 1 143 ? -3.528  10.628  4.021   1.00 21.12 ? 143  ARG A C   1 
ATOM   1113 O O   . ARG A 1 143 ? -2.498  11.271  4.264   1.00 21.73 ? 143  ARG A O   1 
ATOM   1114 C CB  . ARG A 1 143 ? -3.597  9.631   1.744   1.00 20.99 ? 143  ARG A CB  1 
ATOM   1115 C CG  . ARG A 1 143 ? -2.123  9.790   1.473   1.00 20.85 ? 143  ARG A CG  1 
ATOM   1116 C CD  . ARG A 1 143 ? -1.518  8.509   0.952   1.00 19.98 ? 143  ARG A CD  1 
ATOM   1117 N NE  . ARG A 1 143 ? -0.070  8.622   0.909   1.00 21.73 ? 143  ARG A NE  1 
ATOM   1118 C CZ  . ARG A 1 143 ? 0.645   8.949   -0.161  1.00 23.65 ? 143  ARG A CZ  1 
ATOM   1119 N NH1 . ARG A 1 143 ? 0.053   9.184   -1.326  1.00 23.08 ? 143  ARG A NH1 1 
ATOM   1120 N NH2 . ARG A 1 143 ? 1.973   9.024   -0.057  1.00 22.75 ? 143  ARG A NH2 1 
ATOM   1121 N N   . SER A 1 144 ? -4.130  9.826   4.879   1.00 20.74 ? 144  SER A N   1 
ATOM   1122 C CA  . SER A 1 144 ? -3.592  9.512   6.188   1.00 21.54 ? 144  SER A CA  1 
ATOM   1123 C C   . SER A 1 144 ? -3.703  8.021   6.374   1.00 21.11 ? 144  SER A C   1 
ATOM   1124 O O   . SER A 1 144 ? -4.792  7.477   6.609   1.00 21.03 ? 144  SER A O   1 
ATOM   1125 C CB  . SER A 1 144 ? -4.342  10.286  7.260   1.00 22.42 ? 144  SER A CB  1 
ATOM   1126 O OG  . SER A 1 144 ? -3.582  10.298  8.466   1.00 27.40 ? 144  SER A OG  1 
ATOM   1127 N N   . ILE A 1 145 ? -2.575  7.341   6.184   1.00 21.27 ? 145  ILE A N   1 
ATOM   1128 C CA  . ILE A 1 145 ? -2.479  5.910   6.402   1.00 21.56 ? 145  ILE A CA  1 
ATOM   1129 C C   . ILE A 1 145 ? -2.569  5.620   7.899   1.00 22.16 ? 145  ILE A C   1 
ATOM   1130 O O   . ILE A 1 145 ? -1.875  6.225   8.709   1.00 21.66 ? 145  ILE A O   1 
ATOM   1131 C CB  . ILE A 1 145 ? -1.171  5.354   5.797   1.00 21.52 ? 145  ILE A CB  1 
ATOM   1132 C CG1 . ILE A 1 145 ? -1.104  5.683   4.302   1.00 22.34 ? 145  ILE A CG1 1 
ATOM   1133 C CG2 . ILE A 1 145 ? -1.080  3.813   5.994   1.00 21.04 ? 145  ILE A CG2 1 
ATOM   1134 C CD1 . ILE A 1 145 ? 0.217   5.428   3.648   1.00 24.66 ? 145  ILE A CD1 1 
ATOM   1135 N N   . LEU A 1 146 ? -3.445  4.696   8.252   1.00 22.12 ? 146  LEU A N   1 
ATOM   1136 C CA  . LEU A 1 146 ? -3.639  4.322   9.648   1.00 23.72 ? 146  LEU A CA  1 
ATOM   1137 C C   . LEU A 1 146 ? -2.593  3.268   10.005  1.00 24.53 ? 146  LEU A C   1 
ATOM   1138 O O   . LEU A 1 146 ? -2.878  2.082   10.137  1.00 23.66 ? 146  LEU A O   1 
ATOM   1139 C CB  . LEU A 1 146 ? -5.074  3.860   9.887   1.00 23.57 ? 146  LEU A CB  1 
ATOM   1140 C CG  . LEU A 1 146 ? -6.073  5.004   9.635   1.00 27.88 ? 146  LEU A CG  1 
ATOM   1141 C CD1 . LEU A 1 146 ? -7.515  4.528   9.602   1.00 27.46 ? 146  LEU A CD1 1 
ATOM   1142 C CD2 . LEU A 1 146 ? -5.876  6.115   10.680  1.00 31.61 ? 146  LEU A CD2 1 
ATOM   1143 N N   . ALA A 1 147 ? -1.369  3.756   10.171  1.00 25.87 ? 147  ALA A N   1 
ATOM   1144 C CA  . ALA A 1 147 ? -0.191  2.907   10.152  1.00 27.91 ? 147  ALA A CA  1 
ATOM   1145 C C   . ALA A 1 147 ? 0.093   2.184   11.459  1.00 29.67 ? 147  ALA A C   1 
ATOM   1146 O O   . ALA A 1 147 ? 0.993   1.350   11.502  1.00 30.45 ? 147  ALA A O   1 
ATOM   1147 C CB  . ALA A 1 147 ? 1.024   3.714   9.710   1.00 28.41 ? 147  ALA A CB  1 
ATOM   1148 N N   . GLU A 1 148 ? -0.642  2.487   12.524  1.00 30.98 ? 148  GLU A N   1 
ATOM   1149 C CA  . GLU A 1 148 ? -0.402  1.759   13.778  1.00 32.65 ? 148  GLU A CA  1 
ATOM   1150 C C   . GLU A 1 148 ? -1.303  0.531   13.872  1.00 31.85 ? 148  GLU A C   1 
ATOM   1151 O O   . GLU A 1 148 ? -1.269  -0.201  14.860  1.00 32.09 ? 148  GLU A O   1 
ATOM   1152 C CB  . GLU A 1 148 ? -0.526  2.661   15.025  1.00 33.81 ? 148  GLU A CB  1 
ATOM   1153 C CG  . GLU A 1 148 ? 0.065   4.076   14.891  1.00 38.25 ? 148  GLU A CG  1 
ATOM   1154 C CD  . GLU A 1 148 ? 1.581   4.145   14.634  1.00 44.29 ? 148  GLU A CD  1 
ATOM   1155 O OE1 . GLU A 1 148 ? 2.357   3.326   15.186  1.00 46.86 ? 148  GLU A OE1 1 
ATOM   1156 O OE2 . GLU A 1 148 ? 2.010   5.046   13.872  1.00 45.87 ? 148  GLU A OE2 1 
ATOM   1157 N N   . LYS A 1 149 ? -2.085  0.297   12.815  1.00 30.15 ? 149  LYS A N   1 
ATOM   1158 C CA  . LYS A 1 149 ? -3.056  -0.790  12.763  1.00 30.19 ? 149  LYS A CA  1 
ATOM   1159 C C   . LYS A 1 149 ? -2.907  -1.620  11.475  1.00 27.92 ? 149  LYS A C   1 
ATOM   1160 O O   . LYS A 1 149 ? -3.843  -1.683  10.674  1.00 27.79 ? 149  LYS A O   1 
ATOM   1161 C CB  . LYS A 1 149 ? -4.457  -0.207  12.816  1.00 30.33 ? 149  LYS A CB  1 
ATOM   1162 C CG  . LYS A 1 149 ? -5.415  -0.967  13.689  1.00 36.76 ? 149  LYS A CG  1 
ATOM   1163 C CD  . LYS A 1 149 ? -5.918  -0.107  14.859  1.00 42.75 ? 149  LYS A CD  1 
ATOM   1164 C CE  . LYS A 1 149 ? -7.263  -0.620  15.447  1.00 46.01 ? 149  LYS A CE  1 
ATOM   1165 N NZ  . LYS A 1 149 ? -7.635  -2.055  15.093  1.00 47.45 ? 149  LYS A NZ  1 
ATOM   1166 N N   . PRO A 1 150 ? -1.741  -2.225  11.251  1.00 26.81 ? 150  PRO A N   1 
ATOM   1167 C CA  . PRO A 1 150 ? -1.571  -3.071  10.063  1.00 25.32 ? 150  PRO A CA  1 
ATOM   1168 C C   . PRO A 1 150 ? -2.330  -4.381  10.183  1.00 25.60 ? 150  PRO A C   1 
ATOM   1169 O O   . PRO A 1 150 ? -2.459  -4.933  11.297  1.00 24.41 ? 150  PRO A O   1 
ATOM   1170 C CB  . PRO A 1 150 ? -0.075  -3.346  10.047  1.00 25.55 ? 150  PRO A CB  1 
ATOM   1171 C CG  . PRO A 1 150 ? 0.344   -3.248  11.481  1.00 26.66 ? 150  PRO A CG  1 
ATOM   1172 C CD  . PRO A 1 150 ? -0.499  -2.138  12.048  1.00 26.73 ? 150  PRO A CD  1 
ATOM   1173 N N   . ARG A 1 151 ? -2.823  -4.880  9.055   1.00 23.77 ? 151  ARG A N   1 
ATOM   1174 C CA  . ARG A 1 151 ? -3.354  -6.220  8.997   1.00 25.37 ? 151  ARG A CA  1 
ATOM   1175 C C   . ARG A 1 151 ? -2.300  -7.079  8.326   1.00 24.69 ? 151  ARG A C   1 
ATOM   1176 O O   . ARG A 1 151 ? -2.016  -6.884  7.154   1.00 26.13 ? 151  ARG A O   1 
ATOM   1177 C CB  . ARG A 1 151 ? -4.651  -6.248  8.195   1.00 24.75 ? 151  ARG A CB  1 
ATOM   1178 C CG  . ARG A 1 151 ? -5.306  -7.620  8.163   1.00 28.91 ? 151  ARG A CG  1 
ATOM   1179 C CD  . ARG A 1 151 ? -6.465  -7.728  7.200   1.00 34.57 ? 151  ARG A CD  1 
ATOM   1180 N NE  . ARG A 1 151 ? -7.465  -6.693  7.453   1.00 38.31 ? 151  ARG A NE  1 
ATOM   1181 C CZ  . ARG A 1 151 ? -8.429  -6.766  8.373   1.00 40.11 ? 151  ARG A CZ  1 
ATOM   1182 N NH1 . ARG A 1 151 ? -8.534  -7.829  9.171   1.00 40.38 ? 151  ARG A NH1 1 
ATOM   1183 N NH2 . ARG A 1 151 ? -9.291  -5.757  8.495   1.00 39.54 ? 151  ARG A NH2 1 
ATOM   1184 N N   . VAL A 1 152 ? -1.748  -8.050  9.039   1.00 24.45 ? 152  VAL A N   1 
ATOM   1185 C CA  . VAL A 1 152 ? -0.632  -8.828  8.490   1.00 22.97 ? 152  VAL A CA  1 
ATOM   1186 C C   . VAL A 1 152 ? -1.112  -10.241 8.175   1.00 23.10 ? 152  VAL A C   1 
ATOM   1187 O O   . VAL A 1 152 ? -1.660  -10.942 9.045   1.00 22.46 ? 152  VAL A O   1 
ATOM   1188 C CB  . VAL A 1 152 ? 0.544   -8.856  9.434   1.00 22.53 ? 152  VAL A CB  1 
ATOM   1189 C CG1 . VAL A 1 152 ? 1.702   -9.708  8.854   1.00 21.23 ? 152  VAL A CG1 1 
ATOM   1190 C CG2 . VAL A 1 152 ? 1.010   -7.412  9.789   1.00 24.17 ? 152  VAL A CG2 1 
ATOM   1191 N N   . THR A 1 153 ? -0.973  -10.621 6.910   1.00 21.80 ? 153  THR A N   1 
ATOM   1192 C CA  . THR A 1 153 ? -1.346  -11.960 6.466   1.00 21.33 ? 153  THR A CA  1 
ATOM   1193 C C   . THR A 1 153 ? -0.095  -12.640 5.928   1.00 21.34 ? 153  THR A C   1 
ATOM   1194 O O   . THR A 1 153 ? 0.679   -12.012 5.216   1.00 20.70 ? 153  THR A O   1 
ATOM   1195 C CB  . THR A 1 153 ? -2.381  -11.892 5.367   1.00 21.85 ? 153  THR A CB  1 
ATOM   1196 O OG1 . THR A 1 153 ? -3.517  -11.136 5.828   1.00 22.38 ? 153  THR A OG1 1 
ATOM   1197 C CG2 . THR A 1 153 ? -2.933  -13.293 5.105   1.00 21.04 ? 153  THR A CG2 1 
ATOM   1198 N N   . ARG A 1 154 ? 0.103   -13.900 6.301   1.00 19.69 ? 154  ARG A N   1 
ATOM   1199 C CA  . ARG A 1 154 ? 1.262   -14.648 5.823   1.00 21.03 ? 154  ARG A CA  1 
ATOM   1200 C C   . ARG A 1 154 ? 0.764   -15.875 5.079   1.00 21.05 ? 154  ARG A C   1 
ATOM   1201 O O   . ARG A 1 154 ? -0.160  -16.538 5.529   1.00 20.48 ? 154  ARG A O   1 
ATOM   1202 C CB  . ARG A 1 154 ? 2.155   -15.076 6.977   1.00 20.94 ? 154  ARG A CB  1 
ATOM   1203 C CG  . ARG A 1 154 ? 2.910   -13.912 7.631   1.00 24.30 ? 154  ARG A CG  1 
ATOM   1204 C CD  . ARG A 1 154 ? 3.751   -14.328 8.822   1.00 31.68 ? 154  ARG A CD  1 
ATOM   1205 N NE  . ARG A 1 154 ? 2.933   -14.724 9.969   1.00 37.57 ? 154  ARG A NE  1 
ATOM   1206 C CZ  . ARG A 1 154 ? 3.381   -15.424 11.012  1.00 41.25 ? 154  ARG A CZ  1 
ATOM   1207 N NH1 . ARG A 1 154 ? 4.647   -15.830 11.046  1.00 42.60 ? 154  ARG A NH1 1 
ATOM   1208 N NH2 . ARG A 1 154 ? 2.557   -15.736 12.014  1.00 41.44 ? 154  ARG A NH2 1 
ATOM   1209 N N   . PHE A 1 155 ? 1.399   -16.187 3.946   1.00 20.62 ? 155  PHE A N   1 
ATOM   1210 C CA  . PHE A 1 155 ? 0.980   -17.310 3.126   1.00 21.65 ? 155  PHE A CA  1 
ATOM   1211 C C   . PHE A 1 155 ? 2.156   -18.277 3.062   1.00 22.22 ? 155  PHE A C   1 
ATOM   1212 O O   . PHE A 1 155 ? 3.251   -17.865 2.704   1.00 21.62 ? 155  PHE A O   1 
ATOM   1213 C CB  . PHE A 1 155 ? 0.619   -16.839 1.714   1.00 20.71 ? 155  PHE A CB  1 
ATOM   1214 C CG  . PHE A 1 155 ? -0.274  -15.621 1.677   1.00 21.84 ? 155  PHE A CG  1 
ATOM   1215 C CD1 . PHE A 1 155 ? -1.667  -15.747 1.713   1.00 24.44 ? 155  PHE A CD1 1 
ATOM   1216 C CD2 . PHE A 1 155 ? 0.281   -14.347 1.607   1.00 23.44 ? 155  PHE A CD2 1 
ATOM   1217 C CE1 . PHE A 1 155 ? -2.500  -14.597 1.656   1.00 23.68 ? 155  PHE A CE1 1 
ATOM   1218 C CE2 . PHE A 1 155 ? -0.521  -13.203 1.546   1.00 23.16 ? 155  PHE A CE2 1 
ATOM   1219 C CZ  . PHE A 1 155 ? -1.923  -13.327 1.572   1.00 22.93 ? 155  PHE A CZ  1 
ATOM   1220 N N   . ASN A 1 156 ? 1.947   -19.536 3.432   1.00 23.65 ? 156  ASN A N   1 
ATOM   1221 C CA  . ASN A 1 156 ? 3.032   -20.517 3.336   1.00 25.17 ? 156  ASN A CA  1 
ATOM   1222 C C   . ASN A 1 156 ? 3.421   -20.672 1.858   1.00 24.74 ? 156  ASN A C   1 
ATOM   1223 O O   . ASN A 1 156 ? 2.567   -20.817 0.986   1.00 24.76 ? 156  ASN A O   1 
ATOM   1224 C CB  . ASN A 1 156 ? 2.620   -21.856 3.978   1.00 26.47 ? 156  ASN A CB  1 
ATOM   1225 C CG  . ASN A 1 156 ? 2.720   -21.858 5.532   1.00 31.44 ? 156  ASN A CG  1 
ATOM   1226 O OD1 . ASN A 1 156 ? 2.634   -22.931 6.174   1.00 36.63 ? 156  ASN A OD1 1 
ATOM   1227 N ND2 . ASN A 1 156 ? 2.875   -20.681 6.135   1.00 34.22 ? 156  ASN A ND2 1 
ATOM   1228 N N   . ILE A 1 157 ? 4.718   -20.560 1.561   1.00 24.35 ? 157  ILE A N   1 
ATOM   1229 C CA  . ILE A 1 157 ? 5.209   -20.822 0.216   1.00 23.61 ? 157  ILE A CA  1 
ATOM   1230 C C   . ILE A 1 157 ? 6.383   -21.813 0.317   1.00 24.29 ? 157  ILE A C   1 
ATOM   1231 O O   . ILE A 1 157 ? 6.848   -22.152 1.415   1.00 24.29 ? 157  ILE A O   1 
ATOM   1232 C CB  . ILE A 1 157 ? 5.630   -19.501 -0.524  1.00 23.76 ? 157  ILE A CB  1 
ATOM   1233 C CG1 . ILE A 1 157 ? 6.820   -18.819 0.179   1.00 20.82 ? 157  ILE A CG1 1 
ATOM   1234 C CG2 . ILE A 1 157 ? 4.439   -18.568 -0.686  1.00 22.40 ? 157  ILE A CG2 1 
ATOM   1235 C CD1 . ILE A 1 157 ? 7.588   -17.880 -0.764  1.00 21.68 ? 157  ILE A CD1 1 
ATOM   1236 N N   . GLN A 1 158 ? 6.861   -22.253 -0.840  1.00 25.49 ? 158  GLN A N   1 
ATOM   1237 C CA  . GLN A 1 158 ? 7.851   -23.317 -0.876  1.00 28.08 ? 158  GLN A CA  1 
ATOM   1238 C C   . GLN A 1 158 ? 9.303   -22.852 -0.756  1.00 27.90 ? 158  GLN A C   1 
ATOM   1239 O O   . GLN A 1 158 ? 10.179  -23.652 -0.398  1.00 27.79 ? 158  GLN A O   1 
ATOM   1240 C CB  . GLN A 1 158 ? 7.648   -24.175 -2.133  1.00 28.74 ? 158  GLN A CB  1 
ATOM   1241 C CG  . GLN A 1 158 ? 6.352   -25.049 -2.108  1.00 35.86 ? 158  GLN A CG  1 
ATOM   1242 C CD  . GLN A 1 158 ? 6.023   -25.644 -0.734  1.00 42.25 ? 158  GLN A CD  1 
ATOM   1243 O OE1 . GLN A 1 158 ? 6.767   -26.492 -0.218  1.00 45.76 ? 158  GLN A OE1 1 
ATOM   1244 N NE2 . GLN A 1 158 ? 4.907   -25.199 -0.137  1.00 44.11 ? 158  GLN A NE2 1 
ATOM   1245 N N   . TRP A 1 159 ? 9.550   -21.564 -1.011  1.00 27.26 ? 159  TRP A N   1 
ATOM   1246 C CA  . TRP A 1 159 ? 10.915  -21.024 -1.004  1.00 26.83 ? 159  TRP A CA  1 
ATOM   1247 C C   . TRP A 1 159 ? 11.774  -21.899 -1.921  1.00 28.60 ? 159  TRP A C   1 
ATOM   1248 O O   . TRP A 1 159 ? 11.398  -22.119 -3.063  1.00 28.60 ? 159  TRP A O   1 
ATOM   1249 C CB  . TRP A 1 159 ? 11.487  -20.934 0.430   1.00 25.80 ? 159  TRP A CB  1 
ATOM   1250 C CG  . TRP A 1 159 ? 10.619  -20.080 1.307   1.00 24.86 ? 159  TRP A CG  1 
ATOM   1251 C CD1 . TRP A 1 159 ? 9.694   -20.506 2.235   1.00 25.46 ? 159  TRP A CD1 1 
ATOM   1252 C CD2 . TRP A 1 159 ? 10.553  -18.649 1.300   1.00 23.56 ? 159  TRP A CD2 1 
ATOM   1253 N NE1 . TRP A 1 159 ? 9.050   -19.420 2.787   1.00 24.02 ? 159  TRP A NE1 1 
ATOM   1254 C CE2 . TRP A 1 159 ? 9.574   -18.268 2.256   1.00 22.97 ? 159  TRP A CE2 1 
ATOM   1255 C CE3 . TRP A 1 159 ? 11.228  -17.639 0.588   1.00 23.11 ? 159  TRP A CE3 1 
ATOM   1256 C CZ2 . TRP A 1 159 ? 9.245   -16.922 2.509   1.00 24.41 ? 159  TRP A CZ2 1 
ATOM   1257 C CZ3 . TRP A 1 159 ? 10.908  -16.295 0.855   1.00 24.69 ? 159  TRP A CZ3 1 
ATOM   1258 C CH2 . TRP A 1 159 ? 9.918   -15.956 1.799   1.00 23.43 ? 159  TRP A CH2 1 
ATOM   1259 N N   . ASP A 1 160 ? 12.891  -22.410 -1.408  1.00 31.19 ? 160  ASP A N   1 
ATOM   1260 C CA  . ASP A 1 160 ? 13.790  -23.249 -2.211  1.00 33.80 ? 160  ASP A CA  1 
ATOM   1261 C C   . ASP A 1 160 ? 13.711  -24.738 -1.872  1.00 36.69 ? 160  ASP A C   1 
ATOM   1262 O O   . ASP A 1 160 ? 14.598  -25.514 -2.265  1.00 36.99 ? 160  ASP A O   1 
ATOM   1263 C CB  . ASP A 1 160 ? 15.236  -22.752 -2.086  1.00 33.50 ? 160  ASP A CB  1 
ATOM   1264 C CG  . ASP A 1 160 ? 15.451  -21.428 -2.769  1.00 32.35 ? 160  ASP A CG  1 
ATOM   1265 O OD1 . ASP A 1 160 ? 14.571  -21.008 -3.545  1.00 28.48 ? 160  ASP A OD1 1 
ATOM   1266 O OD2 . ASP A 1 160 ? 16.494  -20.746 -2.604  1.00 31.94 ? 160  ASP A OD2 1 
ATOM   1267 N N   . ASN A 1 161 ? 12.669  -25.139 -1.145  1.00 40.02 ? 161  ASN A N   1 
ATOM   1268 C CA  . ASN A 1 161 ? 12.418  -26.558 -0.859  1.00 43.08 ? 161  ASN A CA  1 
ATOM   1269 C C   . ASN A 1 161 ? 11.759  -27.271 -2.033  1.00 43.71 ? 161  ASN A C   1 
ATOM   1270 O O   . ASN A 1 161 ? 11.915  -26.868 -3.188  1.00 44.62 ? 161  ASN A O   1 
ATOM   1271 C CB  . ASN A 1 161 ? 11.535  -26.721 0.381   1.00 44.18 ? 161  ASN A CB  1 
ATOM   1272 C CG  . ASN A 1 161 ? 12.153  -26.109 1.621   1.00 47.51 ? 161  ASN A CG  1 
ATOM   1273 O OD1 . ASN A 1 161 ? 13.231  -26.518 2.065   1.00 51.36 ? 161  ASN A OD1 1 
ATOM   1274 N ND2 . ASN A 1 161 ? 11.474  -25.111 2.187   1.00 50.84 ? 161  ASN A ND2 1 
HETATM 1275 C C5  . PG0 B 2 .   ? -7.560  -3.715  4.907   1.00 41.26 ? 1203 PG0 A C5  1 
HETATM 1276 O O2  . PG0 B 2 .   ? -6.682  -3.989  5.989   1.00 37.29 ? 1203 PG0 A O2  1 
HETATM 1277 C C4  . PG0 B 2 .   ? -6.583  -2.960  6.994   1.00 37.41 ? 1203 PG0 A C4  1 
HETATM 1278 C C3  . PG0 B 2 .   ? -7.180  -3.506  8.292   1.00 34.45 ? 1203 PG0 A C3  1 
HETATM 1279 O O1  . PG0 B 2 .   ? -6.566  -3.106  9.517   1.00 40.95 ? 1203 PG0 A O1  1 
HETATM 1280 C C2  . PG0 B 2 .   ? -7.066  -3.852  10.651  1.00 40.92 ? 1203 PG0 A C2  1 
HETATM 1281 C C1  . PG0 B 2 .   ? -8.568  -3.595  10.868  1.00 42.73 ? 1203 PG0 A C1  1 
HETATM 1282 O OTT . PG0 B 2 .   ? -9.163  -4.459  11.828  1.00 44.88 ? 1203 PG0 A OTT 1 
HETATM 1283 O O   . HOH C 3 .   ? -2.853  8.641   -2.309  1.00 22.44 ? 1204 HOH A O   1 
HETATM 1284 O O   . HOH C 3 .   ? -11.783 23.067  -0.732  1.00 23.76 ? 1205 HOH A O   1 
HETATM 1285 O O   . HOH C 3 .   ? -3.115  -8.523  5.050   1.00 25.23 ? 1206 HOH A O   1 
HETATM 1286 O O   . HOH C 3 .   ? 0.896   -17.462 -2.074  1.00 28.44 ? 1207 HOH A O   1 
HETATM 1287 O O   . HOH C 3 .   ? -4.099  12.768  9.443   1.00 31.80 ? 1208 HOH A O   1 
HETATM 1288 O O   . HOH C 3 .   ? -7.933  -5.586  0.475   1.00 38.26 ? 1209 HOH A O   1 
HETATM 1289 O O   . HOH C 3 .   ? -2.635  15.502  -4.396  1.00 27.26 ? 1210 HOH A O   1 
HETATM 1290 O O   . HOH C 3 .   ? 1.016   8.741   3.545   1.00 23.13 ? 1211 HOH A O   1 
HETATM 1291 O O   . HOH C 3 .   ? -3.699  5.441   -0.389  1.00 21.53 ? 1212 HOH A O   1 
HETATM 1292 O O   . HOH C 3 .   ? 3.137   7.550   2.044   1.00 23.73 ? 1213 HOH A O   1 
HETATM 1293 O O   . HOH C 3 .   ? 11.362  -13.970 -7.125  1.00 28.95 ? 1214 HOH A O   1 
HETATM 1294 O O   . HOH C 3 .   ? 0.136   -5.472  -2.867  1.00 25.91 ? 1215 HOH A O   1 
HETATM 1295 O O   . HOH C 3 .   ? 6.229   -1.782  12.126  1.00 28.28 ? 1216 HOH A O   1 
HETATM 1296 O O   . HOH C 3 .   ? -13.087 22.284  -5.668  1.00 26.79 ? 1217 HOH A O   1 
HETATM 1297 O O   . HOH C 3 .   ? -5.258  7.673   -1.099  1.00 22.10 ? 1218 HOH A O   1 
HETATM 1298 O O   . HOH C 3 .   ? 7.025   -13.297 -10.511 1.00 31.47 ? 1219 HOH A O   1 
HETATM 1299 O O   . HOH C 3 .   ? 7.682   -19.404 -3.997  1.00 28.07 ? 1220 HOH A O   1 
HETATM 1300 O O   . HOH C 3 .   ? -17.772 14.497  -7.350  1.00 32.82 ? 1221 HOH A O   1 
HETATM 1301 O O   . HOH C 3 .   ? -6.498  12.617  5.552   1.00 26.47 ? 1222 HOH A O   1 
HETATM 1302 O O   . HOH C 3 .   ? -1.316  -7.722  -2.195  1.00 28.72 ? 1223 HOH A O   1 
HETATM 1303 O O   . HOH C 3 .   ? -8.119  17.760  -9.403  1.00 31.16 ? 1224 HOH A O   1 
HETATM 1304 O O   . HOH C 3 .   ? -15.350 6.285   3.957   1.00 38.50 ? 1225 HOH A O   1 
HETATM 1305 O O   . HOH C 3 .   ? -2.829  -8.638  11.466  1.00 39.89 ? 1226 HOH A O   1 
HETATM 1306 O O   . HOH C 3 .   ? -12.890 15.865  3.340   1.00 34.09 ? 1227 HOH A O   1 
HETATM 1307 O O   . HOH C 3 .   ? -2.965  10.645  -11.599 1.00 40.02 ? 1228 HOH A O   1 
HETATM 1308 O O   . HOH C 3 .   ? 3.184   -0.587  10.241  1.00 32.90 ? 1229 HOH A O   1 
HETATM 1309 O O   . HOH C 3 .   ? -11.687 23.350  -3.661  1.00 30.93 ? 1230 HOH A O   1 
HETATM 1310 O O   . HOH C 3 .   ? 5.228   -15.973 5.064   1.00 32.71 ? 1231 HOH A O   1 
HETATM 1311 O O   . HOH C 3 .   ? 4.746   -8.895  -5.303  1.00 29.02 ? 1232 HOH A O   1 
HETATM 1312 O O   . HOH C 3 .   ? -5.633  3.633   -0.419  1.00 26.53 ? 1233 HOH A O   1 
HETATM 1313 O O   . HOH C 3 .   ? 4.554   13.339  1.006   1.00 37.60 ? 1234 HOH A O   1 
HETATM 1314 O O   . HOH C 3 .   ? -10.448 18.324  5.448   1.00 38.12 ? 1235 HOH A O   1 
HETATM 1315 O O   . HOH C 3 .   ? 4.181   14.090  3.985   1.00 27.93 ? 1236 HOH A O   1 
HETATM 1316 O O   . HOH C 3 .   ? 13.884  -22.003 -6.003  1.00 39.81 ? 1237 HOH A O   1 
HETATM 1317 O O   . HOH C 3 .   ? -2.235  -6.612  -6.146  1.00 28.12 ? 1238 HOH A O   1 
HETATM 1318 O O   . HOH C 3 .   ? 11.255  -0.380  9.070   1.00 28.84 ? 1239 HOH A O   1 
HETATM 1319 O O   . HOH C 3 .   ? 0.777   -18.063 -4.610  1.00 41.58 ? 1240 HOH A O   1 
HETATM 1320 O O   . HOH C 3 .   ? 0.830   -15.227 -5.224  1.00 31.22 ? 1241 HOH A O   1 
HETATM 1321 O O   . HOH C 3 .   ? 6.707   -11.547 7.453   1.00 32.15 ? 1242 HOH A O   1 
HETATM 1322 O O   . HOH C 3 .   ? -2.883  4.415   12.879  1.00 33.47 ? 1243 HOH A O   1 
HETATM 1323 O O   . HOH C 3 .   ? -6.368  -8.022  1.571   1.00 35.04 ? 1244 HOH A O   1 
HETATM 1324 O O   . HOH C 3 .   ? -1.380  3.044   -11.180 1.00 30.15 ? 1245 HOH A O   1 
HETATM 1325 O O   . HOH C 3 .   ? 18.488  -13.862 -3.435  1.00 32.73 ? 1246 HOH A O   1 
HETATM 1326 O O   . HOH C 3 .   ? 8.704   -24.401 2.720   1.00 51.13 ? 1247 HOH A O   1 
HETATM 1327 O O   . HOH C 3 .   ? 10.074  1.401   -6.489  1.00 39.46 ? 1248 HOH A O   1 
HETATM 1328 O O   . HOH C 3 .   ? -5.799  -10.990 4.310   1.00 36.54 ? 1249 HOH A O   1 
HETATM 1329 O O   . HOH C 3 .   ? 24.838  -11.019 4.489   1.00 37.91 ? 1250 HOH A O   1 
HETATM 1330 O O   . HOH C 3 .   ? -8.013  7.293   -1.900  1.00 27.54 ? 1251 HOH A O   1 
HETATM 1331 O O   . HOH C 3 .   ? -18.213 20.264  3.799   1.00 36.50 ? 1252 HOH A O   1 
HETATM 1332 O O   . HOH C 3 .   ? -18.678 21.576  -6.312  1.00 31.77 ? 1253 HOH A O   1 
HETATM 1333 O O   . HOH C 3 .   ? 0.824   3.995   -9.940  1.00 29.87 ? 1254 HOH A O   1 
HETATM 1334 O O   . HOH C 3 .   ? 5.749   -21.650 -3.245  1.00 37.34 ? 1255 HOH A O   1 
HETATM 1335 O O   . HOH C 3 .   ? 0.128   -7.626  -12.250 1.00 42.28 ? 1256 HOH A O   1 
HETATM 1336 O O   . HOH C 3 .   ? -14.735 21.243  9.950   1.00 46.06 ? 1257 HOH A O   1 
HETATM 1337 O O   . HOH C 3 .   ? 19.959  -14.815 -0.616  1.00 39.42 ? 1258 HOH A O   1 
HETATM 1338 O O   . HOH C 3 .   ? -1.161  4.023   -13.988 1.00 43.80 ? 1259 HOH A O   1 
HETATM 1339 O O   . HOH C 3 .   ? 19.327  -6.083  -1.808  1.00 47.66 ? 1260 HOH A O   1 
HETATM 1340 O O   . HOH C 3 .   ? 4.527   4.406   10.094  1.00 33.57 ? 1261 HOH A O   1 
HETATM 1341 O O   . HOH C 3 .   ? -15.743 8.515   -2.112  1.00 47.35 ? 1262 HOH A O   1 
HETATM 1342 O O   . HOH C 3 .   ? -2.592  8.694   10.251  1.00 43.07 ? 1263 HOH A O   1 
HETATM 1343 O O   . HOH C 3 .   ? -14.196 13.234  -12.119 1.00 50.31 ? 1264 HOH A O   1 
HETATM 1344 O O   . HOH C 3 .   ? 11.059  -17.976 10.131  1.00 37.65 ? 1265 HOH A O   1 
HETATM 1345 O O   . HOH C 3 .   ? 9.843   10.704  7.992   1.00 36.39 ? 1266 HOH A O   1 
HETATM 1346 O O   . HOH C 3 .   ? -3.338  -8.129  -3.905  1.00 39.87 ? 1267 HOH A O   1 
HETATM 1347 O O   . HOH C 3 .   ? -4.305  -6.165  -7.837  1.00 38.50 ? 1268 HOH A O   1 
HETATM 1348 O O   . HOH C 3 .   ? -15.846 13.350  -8.716  1.00 31.97 ? 1269 HOH A O   1 
HETATM 1349 O O   . HOH C 3 .   ? 5.496   -1.408  -11.490 1.00 37.45 ? 1270 HOH A O   1 
HETATM 1350 O O   . HOH C 3 .   ? 7.861   7.023   9.992   1.00 40.56 ? 1271 HOH A O   1 
HETATM 1351 O O   . HOH C 3 .   ? 6.499   -19.364 3.948   1.00 31.40 ? 1272 HOH A O   1 
HETATM 1352 O O   . HOH C 3 .   ? -6.657  9.854   9.785   1.00 45.93 ? 1273 HOH A O   1 
HETATM 1353 O O   . HOH C 3 .   ? -11.438 8.977   5.797   1.00 36.24 ? 1274 HOH A O   1 
HETATM 1354 O O   . HOH C 3 .   ? 6.945   -13.986 6.328   1.00 37.61 ? 1275 HOH A O   1 
HETATM 1355 O O   . HOH C 3 .   ? 1.426   -15.633 -12.158 1.00 49.46 ? 1276 HOH A O   1 
HETATM 1356 O O   . HOH C 3 .   ? -9.763  7.093   11.554  1.00 43.37 ? 1277 HOH A O   1 
HETATM 1357 O O   . HOH C 3 .   ? -1.599  22.145  0.929   1.00 37.34 ? 1278 HOH A O   1 
HETATM 1358 O O   . HOH C 3 .   ? -17.420 16.955  -9.770  1.00 41.56 ? 1279 HOH A O   1 
HETATM 1359 O O   . HOH C 3 .   ? 16.568  2.131   0.410   1.00 40.20 ? 1280 HOH A O   1 
HETATM 1360 O O   . HOH C 3 .   ? 14.034  -20.466 -9.540  1.00 36.43 ? 1281 HOH A O   1 
HETATM 1361 O O   . HOH C 3 .   ? 14.330  -22.627 1.167   1.00 37.20 ? 1282 HOH A O   1 
HETATM 1362 O O   . HOH C 3 .   ? -6.676  -11.178 -2.898  1.00 45.89 ? 1283 HOH A O   1 
HETATM 1363 O O   . HOH C 3 .   ? -5.467  -7.832  3.904   1.00 35.11 ? 1284 HOH A O   1 
HETATM 1364 O O   . HOH C 3 .   ? -5.452  -6.514  12.215  1.00 45.63 ? 1285 HOH A O   1 
HETATM 1365 O O   . HOH C 3 .   ? -1.473  10.829  -8.137  1.00 35.67 ? 1286 HOH A O   1 
HETATM 1366 O O   . HOH C 3 .   ? -3.870  -10.308 -5.304  1.00 46.04 ? 1287 HOH A O   1 
HETATM 1367 O O   . HOH C 3 .   ? 1.837   -18.331 -8.771  1.00 49.57 ? 1288 HOH A O   1 
HETATM 1368 O O   . HOH C 3 .   ? -10.936 4.986   -4.765  1.00 40.50 ? 1289 HOH A O   1 
HETATM 1369 O O   . HOH C 3 .   ? -2.055  0.293   -12.226 1.00 37.16 ? 1290 HOH A O   1 
HETATM 1370 O O   . HOH C 3 .   ? 4.253   6.599   -12.933 1.00 51.51 ? 1291 HOH A O   1 
HETATM 1371 O O   . HOH C 3 .   ? 6.866   -15.068 9.055   1.00 44.55 ? 1292 HOH A O   1 
HETATM 1372 O O   . HOH C 3 .   ? -10.920 10.014  -11.731 1.00 42.78 ? 1293 HOH A O   1 
HETATM 1373 O O   . HOH C 3 .   ? 8.627   6.677   -10.946 1.00 53.71 ? 1294 HOH A O   1 
HETATM 1374 O O   . HOH C 3 .   ? 1.986   7.963   10.537  1.00 38.03 ? 1295 HOH A O   1 
HETATM 1375 O O   . HOH C 3 .   ? -25.275 12.693  -7.411  1.00 40.93 ? 1296 HOH A O   1 
HETATM 1376 O O   . HOH C 3 .   ? -7.812  -5.079  -10.304 1.00 51.52 ? 1297 HOH A O   1 
HETATM 1377 O O   . HOH C 3 .   ? 5.382   -23.467 -5.363  1.00 50.92 ? 1298 HOH A O   1 
HETATM 1378 O O   . HOH C 3 .   ? -3.288  12.569  -8.963  1.00 39.88 ? 1299 HOH A O   1 
HETATM 1379 O O   . HOH C 3 .   ? 11.754  2.095   -4.288  1.00 39.40 ? 1300 HOH A O   1 
HETATM 1380 O O   . HOH C 3 .   ? 9.202   -2.691  -11.336 1.00 44.93 ? 1301 HOH A O   1 
HETATM 1381 O O   . HOH C 3 .   ? -8.930  -1.007  11.895  1.00 38.57 ? 1302 HOH A O   1 
HETATM 1382 O O   . HOH C 3 .   ? -14.240 16.407  9.568   1.00 52.59 ? 1303 HOH A O   1 
HETATM 1383 O O   . HOH C 3 .   ? -9.540  24.069  -5.216  1.00 45.88 ? 1304 HOH A O   1 
HETATM 1384 O O   . HOH C 3 .   ? 7.284   -20.606 -8.490  1.00 42.54 ? 1305 HOH A O   1 
HETATM 1385 O O   . HOH C 3 .   ? 12.732  -23.197 3.560   1.00 45.96 ? 1306 HOH A O   1 
HETATM 1386 O O   . HOH C 3 .   ? -12.251 -3.646  10.295  1.00 50.16 ? 1307 HOH A O   1 
HETATM 1387 O O   . HOH C 3 .   ? 11.521  -15.058 -9.723  1.00 46.50 ? 1308 HOH A O   1 
HETATM 1388 O O   . HOH C 3 .   ? -21.278 19.158  -9.946  1.00 49.86 ? 1309 HOH A O   1 
HETATM 1389 O O   . HOH C 3 .   ? 4.906   -11.026 -7.881  1.00 44.27 ? 1310 HOH A O   1 
HETATM 1390 O O   . HOH C 3 .   ? 2.331   -12.344 -6.854  1.00 48.24 ? 1311 HOH A O   1 
HETATM 1391 O O   . HOH C 3 .   ? -2.389  -4.224  13.959  1.00 40.07 ? 1312 HOH A O   1 
HETATM 1392 O O   . HOH C 3 .   ? 12.273  -3.401  -9.857  1.00 36.49 ? 1313 HOH A O   1 
HETATM 1393 O O   . HOH C 3 .   ? 14.962  -13.574 -9.156  1.00 37.92 ? 1314 HOH A O   1 
HETATM 1394 O O   . HOH C 3 .   ? -3.103  -2.972  -11.593 1.00 37.70 ? 1315 HOH A O   1 
HETATM 1395 O O   . HOH C 3 .   ? -14.637 16.297  -9.214  1.00 39.09 ? 1316 HOH A O   1 
HETATM 1396 O O   . HOH C 3 .   ? -13.748 -7.811  -6.005  1.00 56.67 ? 1317 HOH A O   1 
HETATM 1397 O O   . HOH C 3 .   ? -21.363 10.235  -11.265 1.00 51.92 ? 1318 HOH A O   1 
HETATM 1398 O O   . HOH C 3 .   ? -16.884 13.432  -11.761 1.00 43.01 ? 1319 HOH A O   1 
HETATM 1399 O O   . HOH C 3 .   ? -11.501 22.862  -7.879  1.00 42.14 ? 1320 HOH A O   1 
HETATM 1400 O O   . HOH C 3 .   ? 22.336  -8.383  6.872   1.00 41.58 ? 1321 HOH A O   1 
HETATM 1401 O O   . HOH C 3 .   ? -23.934 16.808  -13.124 1.00 47.36 ? 1322 HOH A O   1 
HETATM 1402 O O   . HOH C 3 .   ? -14.081 5.546   0.336   1.00 37.54 ? 1323 HOH A O   1 
HETATM 1403 O O   . HOH C 3 .   ? -10.829 20.842  6.042   1.00 40.34 ? 1324 HOH A O   1 
HETATM 1404 O O   . HOH C 3 .   ? 16.691  -21.482 1.827   1.00 51.91 ? 1325 HOH A O   1 
HETATM 1405 O O   . HOH C 3 .   ? -17.191 21.500  9.937   1.00 43.66 ? 1326 HOH A O   1 
HETATM 1406 O O   . HOH C 3 .   ? -2.049  -14.542 -1.956  1.00 53.06 ? 1327 HOH A O   1 
HETATM 1407 O O   . HOH C 3 .   ? -3.547  7.109   -17.430 1.00 50.14 ? 1328 HOH A O   1 
HETATM 1408 O O   . HOH C 3 .   ? 3.526   13.036  -7.715  1.00 50.49 ? 1329 HOH A O   1 
HETATM 1409 O O   . HOH C 3 .   ? -7.280  -10.465 8.989   1.00 30.02 ? 1330 HOH A O   1 
HETATM 1410 O O   . HOH C 3 .   ? -7.669  18.099  5.512   1.00 55.81 ? 1331 HOH A O   1 
HETATM 1411 O O   . HOH C 3 .   ? 1.019   -10.738 -5.324  1.00 46.83 ? 1332 HOH A O   1 
HETATM 1412 O O   . HOH C 3 .   ? -16.443 2.561   -1.002  1.00 66.81 ? 1333 HOH A O   1 
HETATM 1413 O O   . HOH C 3 .   ? -5.768  24.131  -6.825  1.00 49.63 ? 1334 HOH A O   1 
HETATM 1414 O O   . HOH C 3 .   ? -8.570  -9.589  1.548   1.00 44.11 ? 1335 HOH A O   1 
HETATM 1415 O O   . HOH C 3 .   ? 6.690   -25.537 7.486   1.00 53.75 ? 1336 HOH A O   1 
HETATM 1416 O O   . HOH C 3 .   ? 7.922   6.679   -6.745  1.00 48.26 ? 1337 HOH A O   1 
HETATM 1417 O O   . HOH C 3 .   ? 4.468   2.321   13.704  1.00 51.42 ? 1338 HOH A O   1 
HETATM 1418 O O   . HOH C 3 .   ? -27.605 10.580  -1.005  1.00 53.45 ? 1339 HOH A O   1 
HETATM 1419 O O   . HOH C 3 .   ? -26.682 10.328  2.299   1.00 64.29 ? 1340 HOH A O   1 
HETATM 1420 O O   . HOH C 3 .   ? 9.784   -21.107 -4.726  1.00 30.25 ? 1341 HOH A O   1 
HETATM 1421 O O   . HOH C 3 .   ? 9.583   8.798   9.454   1.00 54.58 ? 1342 HOH A O   1 
HETATM 1422 O O   . HOH C 3 .   ? -21.180 19.955  4.976   1.00 52.59 ? 1343 HOH A O   1 
HETATM 1423 O O   . HOH C 3 .   ? -19.909 10.576  4.013   1.00 60.89 ? 1344 HOH A O   1 
HETATM 1424 O O   . HOH C 3 .   ? -28.295 15.863  -1.677  1.00 50.08 ? 1345 HOH A O   1 
HETATM 1425 O O   . HOH C 3 .   ? -14.118 14.803  6.123   1.00 48.56 ? 1346 HOH A O   1 
HETATM 1426 O O   . HOH C 3 .   ? -17.677 9.049   -5.131  1.00 58.82 ? 1347 HOH A O   1 
HETATM 1427 O O   . HOH C 3 .   ? 11.377  -24.253 -4.615  1.00 45.40 ? 1348 HOH A O   1 
HETATM 1428 O O   . HOH C 3 .   ? 1.083   -8.600  -9.633  1.00 51.12 ? 1349 HOH A O   1 
HETATM 1429 O O   . HOH C 3 .   ? 9.666   0.676   -8.779  1.00 32.28 ? 1350 HOH A O   1 
HETATM 1430 O O   . HOH C 3 .   ? 12.641  -3.189  12.823  1.00 50.91 ? 1351 HOH A O   1 
HETATM 1431 O O   . HOH C 3 .   ? -5.195  -4.457  -9.987  1.00 60.01 ? 1352 HOH A O   1 
HETATM 1432 O O   . HOH C 3 .   ? 6.891   11.146  -1.561  1.00 41.94 ? 1353 HOH A O   1 
HETATM 1433 O O   . HOH C 3 .   ? -12.665 18.724  9.125   1.00 64.00 ? 1354 HOH A O   1 
HETATM 1434 O O   . HOH C 3 .   ? 20.199  -20.717 8.382   1.00 61.71 ? 1355 HOH A O   1 
HETATM 1435 O O   . HOH C 3 .   ? -0.689  17.390  -4.644  1.00 41.18 ? 1356 HOH A O   1 
HETATM 1436 O O   . HOH C 3 .   ? 21.253  -5.547  3.957   1.00 45.73 ? 1357 HOH A O   1 
HETATM 1437 O O   . HOH C 3 .   ? 4.383   7.154   10.590  1.00 66.35 ? 1358 HOH A O   1 
HETATM 1438 O O   . HOH C 3 .   ? 4.213   -18.556 6.206   1.00 50.68 ? 1359 HOH A O   1 
HETATM 1439 O O   . HOH C 3 .   ? -18.170 5.831   -8.524  1.00 42.08 ? 1360 HOH A O   1 
HETATM 1440 O O   . HOH C 3 .   ? 11.869  2.077   10.009  1.00 38.12 ? 1361 HOH A O   1 
HETATM 1441 O O   . HOH C 3 .   ? -4.865  0.399   9.295   1.00 22.96 ? 1362 HOH A O   1 
HETATM 1442 O O   . HOH C 3 .   ? -4.673  -10.699 8.682   1.00 34.36 ? 1363 HOH A O   1 
HETATM 1443 O O   . HOH C 3 .   ? -8.065  2.182   -8.872  1.00 37.25 ? 1364 HOH A O   1 
HETATM 1444 O O   . HOH C 3 .   ? 3.011   -9.968  -3.832  1.00 33.18 ? 1365 HOH A O   1 
HETATM 1445 O O   . HOH C 3 .   ? -6.814  -5.890  -6.198  1.00 44.75 ? 1366 HOH A O   1 
HETATM 1446 O O   . HOH C 3 .   ? 1.135   -18.868 6.838   1.00 32.70 ? 1367 HOH A O   1 
HETATM 1447 O O   . HOH C 3 .   ? 15.216  -13.423 -1.136  1.00 49.97 ? 1368 HOH A O   1 
HETATM 1448 O O   . HOH C 3 .   ? -3.957  23.870  -0.365  1.00 41.64 ? 1369 HOH A O   1 
HETATM 1449 O O   . HOH C 3 .   ? -7.158  1.107   10.951  1.00 33.18 ? 1370 HOH A O   1 
HETATM 1450 O O   . HOH C 3 .   ? 7.052   -9.515  -9.427  1.00 55.87 ? 1371 HOH A O   1 
HETATM 1451 O O   . HOH C 3 .   ? 0.677   7.682   -10.905 1.00 42.32 ? 1372 HOH A O   1 
HETATM 1452 O O   . HOH C 3 .   ? 2.710   -12.659 -11.068 1.00 45.23 ? 1373 HOH A O   1 
HETATM 1453 O O   . HOH C 3 .   ? -8.116  -6.729  -2.131  1.00 43.04 ? 1374 HOH A O   1 
HETATM 1454 O O   . HOH C 3 .   ? -6.933  15.828  -10.914 1.00 51.39 ? 1375 HOH A O   1 
HETATM 1455 O O   . HOH C 3 .   ? -17.572 23.664  -7.194  1.00 44.47 ? 1376 HOH A O   1 
HETATM 1456 O O   . HOH C 3 .   ? 12.648  -29.973 -0.796  1.00 50.09 ? 1377 HOH A O   1 
HETATM 1457 O O   . HOH C 3 .   ? -11.830 -0.431  -11.055 1.00 46.63 ? 1378 HOH A O   1 
HETATM 1458 O O   . HOH C 3 .   ? -6.104  -0.734  -12.431 1.00 42.50 ? 1379 HOH A O   1 
HETATM 1459 O O   . HOH C 3 .   ? 3.131   9.542   -10.953 1.00 49.64 ? 1380 HOH A O   1 
HETATM 1460 O O   . HOH C 3 .   ? 14.853  -24.986 -4.843  1.00 44.28 ? 1381 HOH A O   1 
HETATM 1461 O O   . HOH C 3 .   ? 13.012  6.973   -1.389  1.00 43.32 ? 1382 HOH A O   1 
HETATM 1462 O O   . HOH C 3 .   ? -10.367 -4.666  0.580   1.00 60.59 ? 1383 HOH A O   1 
HETATM 1463 O O   . HOH C 3 .   ? 13.437  -15.828 13.216  1.00 40.60 ? 1384 HOH A O   1 
HETATM 1464 O O   . HOH C 3 .   ? -16.108 9.698   -14.626 1.00 46.62 ? 1385 HOH A O   1 
HETATM 1465 O O   . HOH C 3 .   ? -7.583  2.766   13.142  1.00 42.27 ? 1386 HOH A O   1 
HETATM 1466 O O   . HOH C 3 .   ? -12.474 7.995   -15.235 1.00 51.51 ? 1387 HOH A O   1 
HETATM 1467 O O   . HOH C 3 .   ? 0.486   11.913  -9.975  1.00 40.05 ? 1388 HOH A O   1 
HETATM 1468 O O   . HOH C 3 .   ? 17.686  -5.918  0.403   1.00 51.38 ? 1389 HOH A O   1 
HETATM 1469 O O   . HOH C 3 .   ? 6.355   8.824   -8.196  1.00 52.48 ? 1390 HOH A O   1 
HETATM 1470 O O   . HOH C 3 .   ? 5.521   -7.811  -8.177  1.00 53.46 ? 1391 HOH A O   1 
HETATM 1471 O O   . HOH C 3 .   ? 4.289   2.243   11.013  1.00 40.52 ? 1392 HOH A O   1 
HETATM 1472 O O   . HOH C 3 .   ? 16.163  -10.311 14.742  1.00 51.25 ? 1393 HOH A O   1 
HETATM 1473 O O   . HOH C 3 .   ? -6.113  -7.261  -3.630  1.00 46.87 ? 1394 HOH A O   1 
HETATM 1474 O O   . HOH C 3 .   ? -15.245 0.492   -8.520  1.00 58.22 ? 1395 HOH A O   1 
HETATM 1475 O O   . HOH C 3 .   ? -6.097  -12.597 2.070   1.00 46.84 ? 1396 HOH A O   1 
HETATM 1476 O O   . HOH C 3 .   ? -10.842 -8.130  11.072  1.00 41.57 ? 1397 HOH A O   1 
HETATM 1477 O O   . HOH C 3 .   ? 13.754  4.467   -2.216  1.00 48.75 ? 1398 HOH A O   1 
HETATM 1478 O O   . HOH C 3 .   ? -10.447 -5.638  -4.000  1.00 51.34 ? 1399 HOH A O   1 
HETATM 1479 O O   . HOH C 3 .   ? 8.954   11.507  -3.310  1.00 56.15 ? 1400 HOH A O   1 
HETATM 1480 O O   . HOH C 3 .   ? 8.972   3.399   -9.202  1.00 44.84 ? 1401 HOH A O   1 
HETATM 1481 O O   . HOH C 3 .   ? -7.612  24.710  0.981   1.00 39.52 ? 1402 HOH A O   1 
HETATM 1482 O O   . HOH C 3 .   ? -6.084  27.119  -3.640  1.00 56.77 ? 1403 HOH A O   1 
HETATM 1483 O O   . HOH C 3 .   ? 8.504   13.036  -5.354  1.00 49.43 ? 1404 HOH A O   1 
HETATM 1484 O O   . HOH C 3 .   ? -5.141  3.840   14.397  1.00 43.58 ? 1405 HOH A O   1 
HETATM 1485 O O   . HOH C 3 .   ? 3.268   -16.773 14.445  1.00 50.50 ? 1406 HOH A O   1 
HETATM 1486 O O   . HOH C 3 .   ? -13.316 0.040   3.537   1.00 57.34 ? 1407 HOH A O   1 
HETATM 1487 O O   . HOH C 3 .   ? -9.768  27.352  -1.082  1.00 52.37 ? 1408 HOH A O   1 
HETATM 1488 O O   . HOH C 3 .   ? -15.842 -0.863  -3.804  1.00 50.93 ? 1409 HOH A O   1 
HETATM 1489 O O   . HOH C 3 .   ? 1.714   15.850  -4.756  1.00 46.06 ? 1410 HOH A O   1 
HETATM 1490 O O   . HOH C 3 .   ? -23.888 5.848   -8.280  1.00 63.25 ? 1411 HOH A O   1 
HETATM 1491 O O   . HOH C 3 .   ? 7.347   -4.086  14.258  1.00 49.49 ? 1412 HOH A O   1 
HETATM 1492 O O   . HOH C 3 .   ? 9.519   11.349  3.582   1.00 56.51 ? 1413 HOH A O   1 
HETATM 1493 O O   . HOH C 3 .   ? -6.642  16.313  7.025   1.00 50.88 ? 1414 HOH A O   1 
HETATM 1494 O O   . HOH C 3 .   ? -10.479 21.270  -9.749  1.00 46.52 ? 1415 HOH A O   1 
HETATM 1495 O O   . HOH C 3 .   ? -16.036 20.511  -14.143 1.00 52.15 ? 1416 HOH A O   1 
HETATM 1496 O O   . HOH C 3 .   ? -2.562  -8.458  -11.789 1.00 67.61 ? 1417 HOH A O   1 
HETATM 1497 O O   . HOH C 3 .   ? -6.006  19.890  -9.195  1.00 52.22 ? 1418 HOH A O   1 
HETATM 1498 O O   . HOH C 3 .   ? -14.948 2.915   2.334   1.00 48.06 ? 1419 HOH A O   1 
HETATM 1499 O O   . HOH C 3 .   ? 16.650  2.296   4.536   1.00 44.53 ? 1420 HOH A O   1 
HETATM 1500 O O   . HOH C 3 .   ? -17.140 8.953   -0.074  1.00 48.05 ? 1421 HOH A O   1 
HETATM 1501 O O   . HOH C 3 .   ? -20.547 9.037   -2.856  1.00 56.82 ? 1422 HOH A O   1 
HETATM 1502 O O   . HOH C 3 .   ? 13.082  -0.490  -10.119 1.00 55.20 ? 1423 HOH A O   1 
HETATM 1503 O O   . HOH C 3 .   ? -9.422  5.667   -17.775 1.00 42.58 ? 1424 HOH A O   1 
HETATM 1504 O O   . HOH C 3 .   ? 10.150  -12.411 12.471  1.00 56.78 ? 1425 HOH A O   1 
HETATM 1505 O O   . HOH C 3 .   ? -6.697  5.417   -18.599 1.00 45.70 ? 1426 HOH A O   1 
HETATM 1506 O O   . HOH C 3 .   ? -0.369  20.213  -4.111  1.00 58.44 ? 1427 HOH A O   1 
HETATM 1507 O O   . HOH C 3 .   ? -18.053 19.549  -11.407 1.00 59.74 ? 1428 HOH A O   1 
HETATM 1508 O O   . HOH C 3 .   ? 12.110  -11.759 15.017  1.00 50.02 ? 1429 HOH A O   1 
HETATM 1509 O O   . HOH C 3 .   ? -12.413 7.648   9.160   1.00 55.90 ? 1430 HOH A O   1 
HETATM 1510 O O   . HOH C 3 .   ? 19.317  1.262   4.176   1.00 55.05 ? 1431 HOH A O   1 
HETATM 1511 O O   . HOH C 3 .   ? -18.685 14.793  -10.526 1.00 48.74 ? 1432 HOH A O   1 
HETATM 1512 O O   . HOH C 3 .   ? 17.601  -12.839 11.759  1.00 39.29 ? 1433 HOH A O   1 
HETATM 1513 O O   . HOH C 3 .   ? 20.242  -3.189  5.135   1.00 50.89 ? 1434 HOH A O   1 
HETATM 1514 O O   . HOH C 3 .   ? 21.212  -22.815 6.506   1.00 54.91 ? 1435 HOH A O   1 
HETATM 1515 O O   . HOH C 3 .   ? 23.511  -7.191  4.770   1.00 60.06 ? 1436 HOH A O   1 
HETATM 1516 O O   . HOH C 3 .   ? 8.171   -9.334  13.699  1.00 59.90 ? 1437 HOH A O   1 
HETATM 1517 O O   . HOH C 3 .   ? -8.887  14.998  -13.442 1.00 60.59 ? 1438 HOH A O   1 
HETATM 1518 O O   . HOH C 3 .   ? -8.666  -6.384  4.449   1.00 52.76 ? 1439 HOH A O   1 
HETATM 1519 O O   . HOH C 3 .   ? -21.372 6.120   -9.638  1.00 67.48 ? 1440 HOH A O   1 
HETATM 1520 O O   . HOH C 3 .   ? -17.717 -5.595  -9.461  1.00 64.14 ? 1441 HOH A O   1 
HETATM 1521 O O   . HOH C 3 .   ? -12.853 1.271   1.374   1.00 57.72 ? 1442 HOH A O   1 
HETATM 1522 O O   . HOH C 3 .   ? -12.316 11.965  5.901   1.00 64.21 ? 1443 HOH A O   1 
HETATM 1523 O O   . HOH C 3 .   ? -1.039  22.819  -1.311  1.00 56.17 ? 1444 HOH A O   1 
HETATM 1524 O O   . HOH C 3 .   ? 11.530  -20.611 9.865   1.00 69.48 ? 1445 HOH A O   1 
HETATM 1525 O O   . HOH C 3 .   ? -3.412  -1.697  16.350  1.00 72.02 ? 1446 HOH A O   1 
HETATM 1526 O O   . HOH C 3 .   ? -14.559 2.988   -7.801  1.00 73.75 ? 1447 HOH A O   1 
HETATM 1527 O O   . HOH C 3 .   ? -14.543 -3.131  -10.393 1.00 75.19 ? 1448 HOH A O   1 
HETATM 1528 O O   . HOH C 3 .   ? -7.750  -10.635 5.880   1.00 64.84 ? 1449 HOH A O   1 
HETATM 1529 O O   . HOH C 3 .   ? -8.766  -1.296  17.952  1.00 71.49 ? 1450 HOH A O   1 
HETATM 1530 O O   . HOH C 3 .   ? -9.331  11.010  -14.232 1.00 67.97 ? 1451 HOH A O   1 
# 
loop_
_pdbx_poly_seq_scheme.asym_id 
_pdbx_poly_seq_scheme.entity_id 
_pdbx_poly_seq_scheme.seq_id 
_pdbx_poly_seq_scheme.mon_id 
_pdbx_poly_seq_scheme.ndb_seq_num 
_pdbx_poly_seq_scheme.pdb_seq_num 
_pdbx_poly_seq_scheme.auth_seq_num 
_pdbx_poly_seq_scheme.pdb_mon_id 
_pdbx_poly_seq_scheme.auth_mon_id 
_pdbx_poly_seq_scheme.pdb_strand_id 
_pdbx_poly_seq_scheme.pdb_ins_code 
_pdbx_poly_seq_scheme.hetero 
A 1 1   MET 1   1   1   MET ALA A . n 
A 1 2   SER 2   2   2   SER SER A . n 
A 1 3   ILE 3   3   3   ILE ILE A . n 
A 1 4   VAL 4   4   4   VAL VAL A . n 
A 1 5   ASN 5   5   5   ASN ASN A . n 
A 1 6   ILE 6   6   6   ILE ILE A . n 
A 1 7   LEU 7   7   7   LEU LEU A . n 
A 1 8   SER 8   8   8   SER SER A . n 
A 1 9   VAL 9   9   9   VAL VAL A . n 
A 1 10  ASN 10  10  10  ASN ASN A . n 
A 1 11  VAL 11  11  11  VAL VAL A . n 
A 1 12  LEU 12  12  12  LEU LEU A . n 
A 1 13  ASN 13  13  13  ASN ASN A . n 
A 1 14  ASN 14  14  14  ASN ASN A . n 
A 1 15  PRO 15  15  15  PRO PRO A . n 
A 1 16  ALA 16  16  16  ALA ALA A . n 
A 1 17  LYS 17  17  17  LYS LYS A . n 
A 1 18  PHE 18  18  18  PHE PHE A . n 
A 1 19  SER 19  19  19  SER SER A . n 
A 1 20  ASP 20  20  20  ASP ASP A . n 
A 1 21  PRO 21  21  21  PRO PRO A . n 
A 1 22  TYR 22  22  22  TYR TYR A . n 
A 1 23  LYS 23  23  23  LYS LYS A . n 
A 1 24  PHE 24  24  24  PHE PHE A . n 
A 1 25  GLU 25  25  25  GLU GLU A . n 
A 1 26  ILE 26  26  26  ILE ILE A . n 
A 1 27  THR 27  27  27  THR THR A . n 
A 1 28  PHE 28  28  28  PHE PHE A . n 
A 1 29  GLU 29  29  29  GLU GLU A . n 
A 1 30  CYS 30  30  30  CYS CYS A . n 
A 1 31  LEU 31  31  31  LEU LEU A . n 
A 1 32  GLU 32  32  32  GLU GLU A . n 
A 1 33  PRO 33  33  33  PRO PRO A . n 
A 1 34  LEU 34  34  34  LEU LEU A . n 
A 1 35  LYS 35  35  35  LYS LYS A . n 
A 1 36  SER 36  36  36  SER SER A . n 
A 1 37  ASP 37  37  37  ASP ASP A . n 
A 1 38  LEU 38  38  38  LEU LEU A . n 
A 1 39  GLU 39  39  39  GLU GLU A . n 
A 1 40  TRP 40  40  40  TRP TRP A . n 
A 1 41  LYS 41  41  41  LYS LYS A . n 
A 1 42  LEU 42  42  42  LEU LEU A . n 
A 1 43  THR 43  43  43  THR THR A . n 
A 1 44  TYR 44  44  44  TYR TYR A . n 
A 1 45  VAL 45  45  45  VAL VAL A . n 
A 1 46  GLY 46  46  46  GLY GLY A . n 
A 1 47  SER 47  47  47  SER ALA A . n 
A 1 48  ALA 48  48  48  ALA ALA A . n 
A 1 49  THR 49  49  49  THR ALA A . n 
A 1 50  SER 50  50  50  SER SER A . n 
A 1 51  GLN 51  51  51  GLN ALA A . n 
A 1 52  SER 52  52  52  SER SER A . n 
A 1 53  TYR 53  53  53  TYR ALA A . n 
A 1 54  ASP 54  54  54  ASP ASP A . n 
A 1 55  GLN 55  55  55  GLN GLN A . n 
A 1 56  ILE 56  56  56  ILE ILE A . n 
A 1 57  LEU 57  57  57  LEU LEU A . n 
A 1 58  ASP 58  58  58  ASP ASP A . n 
A 1 59  THR 59  59  59  THR THR A . n 
A 1 60  LEU 60  60  60  LEU LEU A . n 
A 1 61  LEU 61  61  61  LEU LEU A . n 
A 1 62  VAL 62  62  62  VAL VAL A . n 
A 1 63  GLY 63  63  63  GLY GLY A . n 
A 1 64  PRO 64  64  64  PRO PRO A . n 
A 1 65  ILE 65  65  65  ILE ILE A . n 
A 1 66  PRO 66  66  66  PRO PRO A . n 
A 1 67  ILE 67  67  67  ILE ILE A . n 
A 1 68  GLY 68  68  68  GLY GLY A . n 
A 1 69  ILE 69  69  69  ILE ILE A . n 
A 1 70  ASN 70  70  70  ASN ASN A . n 
A 1 71  LYS 71  71  71  LYS LYS A . n 
A 1 72  PHE 72  72  72  PHE PHE A . n 
A 1 73  VAL 73  73  73  VAL VAL A . n 
A 1 74  PHE 74  74  74  PHE PHE A . n 
A 1 75  GLU 75  75  75  GLU GLU A . n 
A 1 76  ALA 76  76  76  ALA ALA A . n 
A 1 77  ASP 77  77  77  ASP ASP A . n 
A 1 78  PRO 78  78  78  PRO PRO A . n 
A 1 79  PRO 79  79  79  PRO PRO A . n 
A 1 80  ASN 80  80  80  ASN ASN A . n 
A 1 81  ILE 81  81  81  ILE ILE A . n 
A 1 82  ASP 82  82  82  ASP ASP A . n 
A 1 83  LEU 83  83  83  LEU LEU A . n 
A 1 84  LEU 84  84  84  LEU LEU A . n 
A 1 85  PRO 85  85  85  PRO PRO A . n 
A 1 86  GLN 86  86  86  GLN GLN A . n 
A 1 87  LEU 87  87  87  LEU LEU A . n 
A 1 88  SER 88  88  88  SER SER A . n 
A 1 89  ASP 89  89  89  ASP ASP A . n 
A 1 90  VAL 90  90  90  VAL VAL A . n 
A 1 91  LEU 91  91  91  LEU LEU A . n 
A 1 92  GLY 92  92  92  GLY GLY A . n 
A 1 93  VAL 93  93  93  VAL VAL A . n 
A 1 94  THR 94  94  94  THR THR A . n 
A 1 95  VAL 95  95  95  VAL VAL A . n 
A 1 96  ILE 96  96  96  ILE ILE A . n 
A 1 97  LEU 97  97  97  LEU LEU A . n 
A 1 98  LEU 98  98  98  LEU LEU A . n 
A 1 99  SER 99  99  99  SER SER A . n 
A 1 100 CYS 100 100 100 CYS CYS A . n 
A 1 101 ALA 101 101 101 ALA ALA A . n 
A 1 102 TYR 102 102 102 TYR TYR A . n 
A 1 103 GLU 103 103 103 GLU GLU A . n 
A 1 104 ASP 104 104 104 ASP ASP A . n 
A 1 105 ASN 105 105 105 ASN ASN A . n 
A 1 106 GLU 106 106 106 GLU GLU A . n 
A 1 107 PHE 107 107 107 PHE PHE A . n 
A 1 108 VAL 108 108 108 VAL VAL A . n 
A 1 109 ARG 109 109 109 ARG ARG A . n 
A 1 110 VAL 110 110 110 VAL VAL A . n 
A 1 111 GLY 111 111 111 GLY GLY A . n 
A 1 112 TYR 112 112 112 TYR TYR A . n 
A 1 113 TYR 113 113 113 TYR TYR A . n 
A 1 114 VAL 114 114 114 VAL VAL A . n 
A 1 115 ASN 115 115 115 ASN ASN A . n 
A 1 116 ASN 116 116 116 ASN ASN A . n 
A 1 117 GLU 117 117 117 GLU GLU A . n 
A 1 118 MET 118 118 118 MET MET A . n 
A 1 119 GLU 119 119 119 GLU GLU A . n 
A 1 120 GLY 120 120 120 GLY GLY A . n 
A 1 121 LEU 121 121 121 LEU LEU A . n 
A 1 122 ASN 122 122 122 ASN ASN A . n 
A 1 123 LEU 123 123 123 LEU LEU A . n 
A 1 124 GLN 124 124 124 GLN GLN A . n 
A 1 125 GLU 125 125 125 GLU GLU A . n 
A 1 126 MET 126 126 126 MET MET A . n 
A 1 127 ASP 127 127 127 ASP ASP A . n 
A 1 128 ASP 128 128 128 ASP ASP A . n 
A 1 129 ALA 129 129 129 ALA ALA A . n 
A 1 130 GLU 130 130 130 GLU GLU A . n 
A 1 131 ILE 131 131 131 ILE ILE A . n 
A 1 132 LYS 132 132 132 LYS LYS A . n 
A 1 133 LYS 133 133 133 LYS LYS A . n 
A 1 134 VAL 134 134 134 VAL VAL A . n 
A 1 135 LYS 135 135 135 LYS LYS A . n 
A 1 136 VAL 136 136 136 VAL VAL A . n 
A 1 137 ASP 137 137 137 ASP ASP A . n 
A 1 138 ILE 138 138 138 ILE ILE A . n 
A 1 139 SER 139 139 139 SER SER A . n 
A 1 140 LYS 140 140 140 LYS LYS A . n 
A 1 141 VAL 141 141 141 VAL VAL A . n 
A 1 142 TRP 142 142 142 TRP TRP A . n 
A 1 143 ARG 143 143 143 ARG ARG A . n 
A 1 144 SER 144 144 144 SER SER A . n 
A 1 145 ILE 145 145 145 ILE ILE A . n 
A 1 146 LEU 146 146 146 LEU LEU A . n 
A 1 147 ALA 147 147 147 ALA ALA A . n 
A 1 148 GLU 148 148 148 GLU GLU A . n 
A 1 149 LYS 149 149 149 LYS LYS A . n 
A 1 150 PRO 150 150 150 PRO PRO A . n 
A 1 151 ARG 151 151 151 ARG ARG A . n 
A 1 152 VAL 152 152 152 VAL VAL A . n 
A 1 153 THR 153 153 153 THR THR A . n 
A 1 154 ARG 154 154 154 ARG ARG A . n 
A 1 155 PHE 155 155 155 PHE PHE A . n 
A 1 156 ASN 156 156 156 ASN ASN A . n 
A 1 157 ILE 157 157 157 ILE ILE A . n 
A 1 158 GLN 158 158 158 GLN GLN A . n 
A 1 159 TRP 159 159 159 TRP TRP A . n 
A 1 160 ASP 160 160 160 ASP ASP A . n 
A 1 161 ASN 161 161 161 ASN ASN A . n 
# 
_pdbx_SG_project.id                    1 
_pdbx_SG_project.project_name          'NPPSFA, National Project on Protein Structural and Functional Analyses' 
_pdbx_SG_project.full_name_of_center   'RIKEN Structural Genomics/Proteomics Initiative' 
_pdbx_SG_project.initial_of_center     RSGI 
# 
loop_
_pdbx_nonpoly_scheme.asym_id 
_pdbx_nonpoly_scheme.entity_id 
_pdbx_nonpoly_scheme.mon_id 
_pdbx_nonpoly_scheme.ndb_seq_num 
_pdbx_nonpoly_scheme.pdb_seq_num 
_pdbx_nonpoly_scheme.auth_seq_num 
_pdbx_nonpoly_scheme.pdb_mon_id 
_pdbx_nonpoly_scheme.auth_mon_id 
_pdbx_nonpoly_scheme.pdb_strand_id 
_pdbx_nonpoly_scheme.pdb_ins_code 
B 2 PG0 1   1203 203 PG0 PEG A . 
C 3 HOH 1   1204 1   HOH WAT A . 
C 3 HOH 2   1205 2   HOH WAT A . 
C 3 HOH 3   1206 3   HOH WAT A . 
C 3 HOH 4   1207 4   HOH WAT A . 
C 3 HOH 5   1208 5   HOH WAT A . 
C 3 HOH 6   1209 6   HOH WAT A . 
C 3 HOH 7   1210 7   HOH WAT A . 
C 3 HOH 8   1211 8   HOH WAT A . 
C 3 HOH 9   1212 9   HOH WAT A . 
C 3 HOH 10  1213 10  HOH WAT A . 
C 3 HOH 11  1214 11  HOH WAT A . 
C 3 HOH 12  1215 12  HOH WAT A . 
C 3 HOH 13  1216 13  HOH WAT A . 
C 3 HOH 14  1217 14  HOH WAT A . 
C 3 HOH 15  1218 15  HOH WAT A . 
C 3 HOH 16  1219 16  HOH WAT A . 
C 3 HOH 17  1220 17  HOH WAT A . 
C 3 HOH 18  1221 18  HOH WAT A . 
C 3 HOH 19  1222 19  HOH WAT A . 
C 3 HOH 20  1223 20  HOH WAT A . 
C 3 HOH 21  1224 21  HOH WAT A . 
C 3 HOH 22  1225 22  HOH WAT A . 
C 3 HOH 23  1226 23  HOH WAT A . 
C 3 HOH 24  1227 24  HOH WAT A . 
C 3 HOH 25  1228 25  HOH WAT A . 
C 3 HOH 26  1229 26  HOH WAT A . 
C 3 HOH 27  1230 27  HOH WAT A . 
C 3 HOH 28  1231 28  HOH WAT A . 
C 3 HOH 29  1232 29  HOH WAT A . 
C 3 HOH 30  1233 30  HOH WAT A . 
C 3 HOH 31  1234 31  HOH WAT A . 
C 3 HOH 32  1235 32  HOH WAT A . 
C 3 HOH 33  1236 33  HOH WAT A . 
C 3 HOH 34  1237 34  HOH WAT A . 
C 3 HOH 35  1238 35  HOH WAT A . 
C 3 HOH 36  1239 36  HOH WAT A . 
C 3 HOH 37  1240 37  HOH WAT A . 
C 3 HOH 38  1241 38  HOH WAT A . 
C 3 HOH 39  1242 39  HOH WAT A . 
C 3 HOH 40  1243 40  HOH WAT A . 
C 3 HOH 41  1244 41  HOH WAT A . 
C 3 HOH 42  1245 42  HOH WAT A . 
C 3 HOH 43  1246 43  HOH WAT A . 
C 3 HOH 44  1247 44  HOH WAT A . 
C 3 HOH 45  1248 45  HOH WAT A . 
C 3 HOH 46  1249 46  HOH WAT A . 
C 3 HOH 47  1250 47  HOH WAT A . 
C 3 HOH 48  1251 48  HOH WAT A . 
C 3 HOH 49  1252 49  HOH WAT A . 
C 3 HOH 50  1253 50  HOH WAT A . 
C 3 HOH 51  1254 51  HOH WAT A . 
C 3 HOH 52  1255 52  HOH WAT A . 
C 3 HOH 53  1256 53  HOH WAT A . 
C 3 HOH 54  1257 54  HOH WAT A . 
C 3 HOH 55  1258 55  HOH WAT A . 
C 3 HOH 56  1259 56  HOH WAT A . 
C 3 HOH 57  1260 57  HOH WAT A . 
C 3 HOH 58  1261 58  HOH WAT A . 
C 3 HOH 59  1262 59  HOH WAT A . 
C 3 HOH 60  1263 60  HOH WAT A . 
C 3 HOH 61  1264 61  HOH WAT A . 
C 3 HOH 62  1265 62  HOH WAT A . 
C 3 HOH 63  1266 63  HOH WAT A . 
C 3 HOH 64  1267 64  HOH WAT A . 
C 3 HOH 65  1268 65  HOH WAT A . 
C 3 HOH 66  1269 66  HOH WAT A . 
C 3 HOH 67  1270 67  HOH WAT A . 
C 3 HOH 68  1271 68  HOH WAT A . 
C 3 HOH 69  1272 69  HOH WAT A . 
C 3 HOH 70  1273 70  HOH WAT A . 
C 3 HOH 71  1274 71  HOH WAT A . 
C 3 HOH 72  1275 72  HOH WAT A . 
C 3 HOH 73  1276 73  HOH WAT A . 
C 3 HOH 74  1277 74  HOH WAT A . 
C 3 HOH 75  1278 75  HOH WAT A . 
C 3 HOH 76  1279 76  HOH WAT A . 
C 3 HOH 77  1280 77  HOH WAT A . 
C 3 HOH 78  1281 78  HOH WAT A . 
C 3 HOH 79  1282 79  HOH WAT A . 
C 3 HOH 80  1283 80  HOH WAT A . 
C 3 HOH 81  1284 81  HOH WAT A . 
C 3 HOH 82  1285 82  HOH WAT A . 
C 3 HOH 83  1286 83  HOH WAT A . 
C 3 HOH 84  1287 84  HOH WAT A . 
C 3 HOH 85  1288 85  HOH WAT A . 
C 3 HOH 86  1289 86  HOH WAT A . 
C 3 HOH 87  1290 87  HOH WAT A . 
C 3 HOH 88  1291 88  HOH WAT A . 
C 3 HOH 89  1292 89  HOH WAT A . 
C 3 HOH 90  1293 90  HOH WAT A . 
C 3 HOH 91  1294 91  HOH WAT A . 
C 3 HOH 92  1295 92  HOH WAT A . 
C 3 HOH 93  1296 93  HOH WAT A . 
C 3 HOH 94  1297 94  HOH WAT A . 
C 3 HOH 95  1298 95  HOH WAT A . 
C 3 HOH 96  1299 96  HOH WAT A . 
C 3 HOH 97  1300 97  HOH WAT A . 
C 3 HOH 98  1301 98  HOH WAT A . 
C 3 HOH 99  1302 99  HOH WAT A . 
C 3 HOH 100 1303 100 HOH WAT A . 
C 3 HOH 101 1304 101 HOH WAT A . 
C 3 HOH 102 1305 102 HOH WAT A . 
C 3 HOH 103 1306 103 HOH WAT A . 
C 3 HOH 104 1307 104 HOH WAT A . 
C 3 HOH 105 1308 105 HOH WAT A . 
C 3 HOH 106 1309 106 HOH WAT A . 
C 3 HOH 107 1310 107 HOH WAT A . 
C 3 HOH 108 1311 108 HOH WAT A . 
C 3 HOH 109 1312 109 HOH WAT A . 
C 3 HOH 110 1313 110 HOH WAT A . 
C 3 HOH 111 1314 111 HOH WAT A . 
C 3 HOH 112 1315 112 HOH WAT A . 
C 3 HOH 113 1316 113 HOH WAT A . 
C 3 HOH 114 1317 114 HOH WAT A . 
C 3 HOH 115 1318 115 HOH WAT A . 
C 3 HOH 116 1319 116 HOH WAT A . 
C 3 HOH 117 1320 117 HOH WAT A . 
C 3 HOH 118 1321 118 HOH WAT A . 
C 3 HOH 119 1322 119 HOH WAT A . 
C 3 HOH 120 1323 120 HOH WAT A . 
C 3 HOH 121 1324 121 HOH WAT A . 
C 3 HOH 122 1325 122 HOH WAT A . 
C 3 HOH 123 1326 123 HOH WAT A . 
C 3 HOH 124 1327 124 HOH WAT A . 
C 3 HOH 125 1328 125 HOH WAT A . 
C 3 HOH 126 1329 126 HOH WAT A . 
C 3 HOH 127 1330 127 HOH WAT A . 
C 3 HOH 128 1331 128 HOH WAT A . 
C 3 HOH 129 1332 129 HOH WAT A . 
C 3 HOH 130 1333 130 HOH WAT A . 
C 3 HOH 131 1334 131 HOH WAT A . 
C 3 HOH 132 1335 132 HOH WAT A . 
C 3 HOH 133 1336 133 HOH WAT A . 
C 3 HOH 134 1337 134 HOH WAT A . 
C 3 HOH 135 1338 135 HOH WAT A . 
C 3 HOH 136 1339 136 HOH WAT A . 
C 3 HOH 137 1340 137 HOH WAT A . 
C 3 HOH 138 1341 138 HOH WAT A . 
C 3 HOH 139 1342 139 HOH WAT A . 
C 3 HOH 140 1343 140 HOH WAT A . 
C 3 HOH 141 1344 141 HOH WAT A . 
C 3 HOH 142 1345 142 HOH WAT A . 
C 3 HOH 143 1346 143 HOH WAT A . 
C 3 HOH 144 1347 144 HOH WAT A . 
C 3 HOH 145 1348 145 HOH WAT A . 
C 3 HOH 146 1349 146 HOH WAT A . 
C 3 HOH 147 1350 147 HOH WAT A . 
C 3 HOH 148 1351 148 HOH WAT A . 
C 3 HOH 149 1352 149 HOH WAT A . 
C 3 HOH 150 1353 150 HOH WAT A . 
C 3 HOH 151 1354 151 HOH WAT A . 
C 3 HOH 152 1355 152 HOH WAT A . 
C 3 HOH 153 1356 153 HOH WAT A . 
C 3 HOH 154 1357 154 HOH WAT A . 
C 3 HOH 155 1358 155 HOH WAT A . 
C 3 HOH 156 1359 156 HOH WAT A . 
C 3 HOH 157 1360 157 HOH WAT A . 
C 3 HOH 158 1361 158 HOH WAT A . 
C 3 HOH 159 1362 159 HOH WAT A . 
C 3 HOH 160 1363 160 HOH WAT A . 
C 3 HOH 161 1364 161 HOH WAT A . 
C 3 HOH 162 1365 162 HOH WAT A . 
C 3 HOH 163 1366 163 HOH WAT A . 
C 3 HOH 164 1367 164 HOH WAT A . 
C 3 HOH 165 1368 165 HOH WAT A . 
C 3 HOH 166 1369 166 HOH WAT A . 
C 3 HOH 167 1370 167 HOH WAT A . 
C 3 HOH 168 1371 168 HOH WAT A . 
C 3 HOH 169 1372 169 HOH WAT A . 
C 3 HOH 170 1373 170 HOH WAT A . 
C 3 HOH 171 1374 171 HOH WAT A . 
C 3 HOH 172 1375 172 HOH WAT A . 
C 3 HOH 173 1376 173 HOH WAT A . 
C 3 HOH 174 1377 174 HOH WAT A . 
C 3 HOH 175 1378 175 HOH WAT A . 
C 3 HOH 176 1379 176 HOH WAT A . 
C 3 HOH 177 1380 177 HOH WAT A . 
C 3 HOH 178 1381 178 HOH WAT A . 
C 3 HOH 179 1382 179 HOH WAT A . 
C 3 HOH 180 1383 180 HOH WAT A . 
C 3 HOH 181 1384 181 HOH WAT A . 
C 3 HOH 182 1385 182 HOH WAT A . 
C 3 HOH 183 1386 183 HOH WAT A . 
C 3 HOH 184 1387 184 HOH WAT A . 
C 3 HOH 185 1388 185 HOH WAT A . 
C 3 HOH 186 1389 186 HOH WAT A . 
C 3 HOH 187 1390 187 HOH WAT A . 
C 3 HOH 188 1391 188 HOH WAT A . 
C 3 HOH 189 1392 189 HOH WAT A . 
C 3 HOH 190 1393 190 HOH WAT A . 
C 3 HOH 191 1394 191 HOH WAT A . 
C 3 HOH 192 1395 192 HOH WAT A . 
C 3 HOH 193 1396 193 HOH WAT A . 
C 3 HOH 194 1397 194 HOH WAT A . 
C 3 HOH 195 1398 195 HOH WAT A . 
C 3 HOH 196 1399 196 HOH WAT A . 
C 3 HOH 197 1400 197 HOH WAT A . 
C 3 HOH 198 1401 198 HOH WAT A . 
C 3 HOH 199 1402 199 HOH WAT A . 
C 3 HOH 200 1403 200 HOH WAT A . 
C 3 HOH 201 1404 201 HOH WAT A . 
C 3 HOH 202 1405 202 HOH WAT A . 
C 3 HOH 203 1406 203 HOH WAT A . 
C 3 HOH 204 1407 204 HOH WAT A . 
C 3 HOH 205 1408 205 HOH WAT A . 
C 3 HOH 206 1409 206 HOH WAT A . 
C 3 HOH 207 1410 207 HOH WAT A . 
C 3 HOH 208 1411 208 HOH WAT A . 
C 3 HOH 209 1412 209 HOH WAT A . 
C 3 HOH 210 1413 210 HOH WAT A . 
C 3 HOH 211 1414 211 HOH WAT A . 
C 3 HOH 212 1415 212 HOH WAT A . 
C 3 HOH 213 1416 213 HOH WAT A . 
C 3 HOH 214 1417 214 HOH WAT A . 
C 3 HOH 215 1418 215 HOH WAT A . 
C 3 HOH 216 1419 216 HOH WAT A . 
C 3 HOH 217 1420 217 HOH WAT A . 
C 3 HOH 218 1421 218 HOH WAT A . 
C 3 HOH 219 1422 219 HOH WAT A . 
C 3 HOH 220 1423 220 HOH WAT A . 
C 3 HOH 221 1424 221 HOH WAT A . 
C 3 HOH 222 1425 222 HOH WAT A . 
C 3 HOH 223 1426 223 HOH WAT A . 
C 3 HOH 224 1427 224 HOH WAT A . 
C 3 HOH 225 1428 225 HOH WAT A . 
C 3 HOH 226 1429 226 HOH WAT A . 
C 3 HOH 227 1430 227 HOH WAT A . 
C 3 HOH 228 1431 228 HOH WAT A . 
C 3 HOH 229 1432 229 HOH WAT A . 
C 3 HOH 230 1433 230 HOH WAT A . 
C 3 HOH 231 1434 231 HOH WAT A . 
C 3 HOH 232 1435 232 HOH WAT A . 
C 3 HOH 233 1436 233 HOH WAT A . 
C 3 HOH 234 1437 234 HOH WAT A . 
C 3 HOH 235 1438 235 HOH WAT A . 
C 3 HOH 236 1439 236 HOH WAT A . 
C 3 HOH 237 1440 237 HOH WAT A . 
C 3 HOH 238 1441 238 HOH WAT A . 
C 3 HOH 239 1442 239 HOH WAT A . 
C 3 HOH 240 1443 240 HOH WAT A . 
C 3 HOH 241 1444 241 HOH WAT A . 
C 3 HOH 242 1445 242 HOH WAT A . 
C 3 HOH 243 1446 243 HOH WAT A . 
C 3 HOH 244 1447 244 HOH WAT A . 
C 3 HOH 245 1448 245 HOH WAT A . 
C 3 HOH 246 1449 246 HOH WAT A . 
C 3 HOH 247 1450 247 HOH WAT A . 
C 3 HOH 248 1451 248 HOH WAT A . 
# 
_pdbx_struct_assembly.id                   1 
_pdbx_struct_assembly.details              author_and_software_defined_assembly 
_pdbx_struct_assembly.method_details       PISA 
_pdbx_struct_assembly.oligomeric_details   monomeric 
_pdbx_struct_assembly.oligomeric_count     1 
# 
_pdbx_struct_assembly_gen.assembly_id       1 
_pdbx_struct_assembly_gen.oper_expression   1 
_pdbx_struct_assembly_gen.asym_id_list      A,B,C 
# 
_pdbx_struct_oper_list.id                   1 
_pdbx_struct_oper_list.type                 'identity operation' 
_pdbx_struct_oper_list.name                 1_555 
_pdbx_struct_oper_list.symmetry_operation   x,y,z 
_pdbx_struct_oper_list.matrix[1][1]         1.0000000000 
_pdbx_struct_oper_list.matrix[1][2]         0.0000000000 
_pdbx_struct_oper_list.matrix[1][3]         0.0000000000 
_pdbx_struct_oper_list.vector[1]            0.0000000000 
_pdbx_struct_oper_list.matrix[2][1]         0.0000000000 
_pdbx_struct_oper_list.matrix[2][2]         1.0000000000 
_pdbx_struct_oper_list.matrix[2][3]         0.0000000000 
_pdbx_struct_oper_list.vector[2]            0.0000000000 
_pdbx_struct_oper_list.matrix[3][1]         0.0000000000 
_pdbx_struct_oper_list.matrix[3][2]         0.0000000000 
_pdbx_struct_oper_list.matrix[3][3]         1.0000000000 
_pdbx_struct_oper_list.vector[3]            0.0000000000 
# 
loop_
_pdbx_audit_revision_history.ordinal 
_pdbx_audit_revision_history.data_content_type 
_pdbx_audit_revision_history.major_revision 
_pdbx_audit_revision_history.minor_revision 
_pdbx_audit_revision_history.revision_date 
1 'Structure model' 1 0 2006-08-29 
2 'Structure model' 1 1 2008-03-03 
3 'Structure model' 1 2 2011-07-13 
4 'Structure model' 1 3 2023-10-25 
# 
_pdbx_audit_revision_details.ordinal             1 
_pdbx_audit_revision_details.revision_ordinal    1 
_pdbx_audit_revision_details.data_content_type   'Structure model' 
_pdbx_audit_revision_details.provider            repository 
_pdbx_audit_revision_details.type                'Initial release' 
_pdbx_audit_revision_details.description         ? 
_pdbx_audit_revision_details.details             ? 
# 
loop_
_pdbx_audit_revision_group.ordinal 
_pdbx_audit_revision_group.revision_ordinal 
_pdbx_audit_revision_group.data_content_type 
_pdbx_audit_revision_group.group 
1 2 'Structure model' 'Version format compliance' 
2 3 'Structure model' 'Version format compliance' 
3 4 'Structure model' 'Data collection'           
4 4 'Structure model' 'Database references'       
5 4 'Structure model' 'Derived calculations'      
6 4 'Structure model' 'Refinement description'    
# 
loop_
_pdbx_audit_revision_category.ordinal 
_pdbx_audit_revision_category.revision_ordinal 
_pdbx_audit_revision_category.data_content_type 
_pdbx_audit_revision_category.category 
1 4 'Structure model' chem_comp_atom                
2 4 'Structure model' chem_comp_bond                
3 4 'Structure model' database_2                    
4 4 'Structure model' pdbx_initial_refinement_model 
5 4 'Structure model' struct_site                   
# 
loop_
_pdbx_audit_revision_item.ordinal 
_pdbx_audit_revision_item.revision_ordinal 
_pdbx_audit_revision_item.data_content_type 
_pdbx_audit_revision_item.item 
1 4 'Structure model' '_database_2.pdbx_DOI'                
2 4 'Structure model' '_database_2.pdbx_database_accession' 
3 4 'Structure model' '_struct_site.pdbx_auth_asym_id'      
4 4 'Structure model' '_struct_site.pdbx_auth_comp_id'      
5 4 'Structure model' '_struct_site.pdbx_auth_seq_id'       
# 
loop_
_software.name 
_software.classification 
_software.version 
_software.citation_id 
_software.pdbx_ordinal 
REFMAC    refinement       5.1.24 ? 1 
HKL-2000  'data reduction' .      ? 2 
SCALEPACK 'data scaling'   .      ? 3 
MOLREP    phasing          .      ? 4 
# 
loop_
_pdbx_validate_torsion.id 
_pdbx_validate_torsion.PDB_model_num 
_pdbx_validate_torsion.auth_comp_id 
_pdbx_validate_torsion.auth_asym_id 
_pdbx_validate_torsion.auth_seq_id 
_pdbx_validate_torsion.PDB_ins_code 
_pdbx_validate_torsion.label_alt_id 
_pdbx_validate_torsion.phi 
_pdbx_validate_torsion.psi 
1 1 SER A 47  ? ? -173.79 112.34  
2 1 THR A 49  ? ? 91.00   -25.85  
3 1 SER A 50  ? ? -98.69  -136.93 
4 1 TYR A 53  ? ? -85.95  48.57   
5 1 TRP A 159 ? ? 52.24   -126.20 
# 
loop_
_pdbx_unobs_or_zero_occ_atoms.id 
_pdbx_unobs_or_zero_occ_atoms.PDB_model_num 
_pdbx_unobs_or_zero_occ_atoms.polymer_flag 
_pdbx_unobs_or_zero_occ_atoms.occupancy_flag 
_pdbx_unobs_or_zero_occ_atoms.auth_asym_id 
_pdbx_unobs_or_zero_occ_atoms.auth_comp_id 
_pdbx_unobs_or_zero_occ_atoms.auth_seq_id 
_pdbx_unobs_or_zero_occ_atoms.PDB_ins_code 
_pdbx_unobs_or_zero_occ_atoms.auth_atom_id 
_pdbx_unobs_or_zero_occ_atoms.label_alt_id 
_pdbx_unobs_or_zero_occ_atoms.label_asym_id 
_pdbx_unobs_or_zero_occ_atoms.label_comp_id 
_pdbx_unobs_or_zero_occ_atoms.label_seq_id 
_pdbx_unobs_or_zero_occ_atoms.label_atom_id 
1  1 Y 1 A MET 1  ? CG  ? A MET 1  CG  
2  1 Y 1 A MET 1  ? SD  ? A MET 1  SD  
3  1 Y 1 A MET 1  ? CE  ? A MET 1  CE  
4  1 Y 1 A SER 47 ? OG  ? A SER 47 OG  
5  1 Y 1 A THR 49 ? OG1 ? A THR 49 OG1 
6  1 Y 1 A THR 49 ? CG2 ? A THR 49 CG2 
7  1 Y 1 A GLN 51 ? CG  ? A GLN 51 CG  
8  1 Y 1 A GLN 51 ? CD  ? A GLN 51 CD  
9  1 Y 1 A GLN 51 ? OE1 ? A GLN 51 OE1 
10 1 Y 1 A GLN 51 ? NE2 ? A GLN 51 NE2 
11 1 Y 1 A TYR 53 ? CG  ? A TYR 53 CG  
12 1 Y 1 A TYR 53 ? CD1 ? A TYR 53 CD1 
13 1 Y 1 A TYR 53 ? CD2 ? A TYR 53 CD2 
14 1 Y 1 A TYR 53 ? CE1 ? A TYR 53 CE1 
15 1 Y 1 A TYR 53 ? CE2 ? A TYR 53 CE2 
16 1 Y 1 A TYR 53 ? CZ  ? A TYR 53 CZ  
17 1 Y 1 A TYR 53 ? OH  ? A TYR 53 OH  
# 
loop_
_chem_comp_atom.comp_id 
_chem_comp_atom.atom_id 
_chem_comp_atom.type_symbol 
_chem_comp_atom.pdbx_aromatic_flag 
_chem_comp_atom.pdbx_stereo_config 
_chem_comp_atom.pdbx_ordinal 
ALA N    N N N 1   
ALA CA   C N S 2   
ALA C    C N N 3   
ALA O    O N N 4   
ALA CB   C N N 5   
ALA OXT  O N N 6   
ALA H    H N N 7   
ALA H2   H N N 8   
ALA HA   H N N 9   
ALA HB1  H N N 10  
ALA HB2  H N N 11  
ALA HB3  H N N 12  
ALA HXT  H N N 13  
ARG N    N N N 14  
ARG CA   C N S 15  
ARG C    C N N 16  
ARG O    O N N 17  
ARG CB   C N N 18  
ARG CG   C N N 19  
ARG CD   C N N 20  
ARG NE   N N N 21  
ARG CZ   C N N 22  
ARG NH1  N N N 23  
ARG NH2  N N N 24  
ARG OXT  O N N 25  
ARG H    H N N 26  
ARG H2   H N N 27  
ARG HA   H N N 28  
ARG HB2  H N N 29  
ARG HB3  H N N 30  
ARG HG2  H N N 31  
ARG HG3  H N N 32  
ARG HD2  H N N 33  
ARG HD3  H N N 34  
ARG HE   H N N 35  
ARG HH11 H N N 36  
ARG HH12 H N N 37  
ARG HH21 H N N 38  
ARG HH22 H N N 39  
ARG HXT  H N N 40  
ASN N    N N N 41  
ASN CA   C N S 42  
ASN C    C N N 43  
ASN O    O N N 44  
ASN CB   C N N 45  
ASN CG   C N N 46  
ASN OD1  O N N 47  
ASN ND2  N N N 48  
ASN OXT  O N N 49  
ASN H    H N N 50  
ASN H2   H N N 51  
ASN HA   H N N 52  
ASN HB2  H N N 53  
ASN HB3  H N N 54  
ASN HD21 H N N 55  
ASN HD22 H N N 56  
ASN HXT  H N N 57  
ASP N    N N N 58  
ASP CA   C N S 59  
ASP C    C N N 60  
ASP O    O N N 61  
ASP CB   C N N 62  
ASP CG   C N N 63  
ASP OD1  O N N 64  
ASP OD2  O N N 65  
ASP OXT  O N N 66  
ASP H    H N N 67  
ASP H2   H N N 68  
ASP HA   H N N 69  
ASP HB2  H N N 70  
ASP HB3  H N N 71  
ASP HD2  H N N 72  
ASP HXT  H N N 73  
CYS N    N N N 74  
CYS CA   C N R 75  
CYS C    C N N 76  
CYS O    O N N 77  
CYS CB   C N N 78  
CYS SG   S N N 79  
CYS OXT  O N N 80  
CYS H    H N N 81  
CYS H2   H N N 82  
CYS HA   H N N 83  
CYS HB2  H N N 84  
CYS HB3  H N N 85  
CYS HG   H N N 86  
CYS HXT  H N N 87  
GLN N    N N N 88  
GLN CA   C N S 89  
GLN C    C N N 90  
GLN O    O N N 91  
GLN CB   C N N 92  
GLN CG   C N N 93  
GLN CD   C N N 94  
GLN OE1  O N N 95  
GLN NE2  N N N 96  
GLN OXT  O N N 97  
GLN H    H N N 98  
GLN H2   H N N 99  
GLN HA   H N N 100 
GLN HB2  H N N 101 
GLN HB3  H N N 102 
GLN HG2  H N N 103 
GLN HG3  H N N 104 
GLN HE21 H N N 105 
GLN HE22 H N N 106 
GLN HXT  H N N 107 
GLU N    N N N 108 
GLU CA   C N S 109 
GLU C    C N N 110 
GLU O    O N N 111 
GLU CB   C N N 112 
GLU CG   C N N 113 
GLU CD   C N N 114 
GLU OE1  O N N 115 
GLU OE2  O N N 116 
GLU OXT  O N N 117 
GLU H    H N N 118 
GLU H2   H N N 119 
GLU HA   H N N 120 
GLU HB2  H N N 121 
GLU HB3  H N N 122 
GLU HG2  H N N 123 
GLU HG3  H N N 124 
GLU HE2  H N N 125 
GLU HXT  H N N 126 
GLY N    N N N 127 
GLY CA   C N N 128 
GLY C    C N N 129 
GLY O    O N N 130 
GLY OXT  O N N 131 
GLY H    H N N 132 
GLY H2   H N N 133 
GLY HA2  H N N 134 
GLY HA3  H N N 135 
GLY HXT  H N N 136 
HOH O    O N N 137 
HOH H1   H N N 138 
HOH H2   H N N 139 
ILE N    N N N 140 
ILE CA   C N S 141 
ILE C    C N N 142 
ILE O    O N N 143 
ILE CB   C N S 144 
ILE CG1  C N N 145 
ILE CG2  C N N 146 
ILE CD1  C N N 147 
ILE OXT  O N N 148 
ILE H    H N N 149 
ILE H2   H N N 150 
ILE HA   H N N 151 
ILE HB   H N N 152 
ILE HG12 H N N 153 
ILE HG13 H N N 154 
ILE HG21 H N N 155 
ILE HG22 H N N 156 
ILE HG23 H N N 157 
ILE HD11 H N N 158 
ILE HD12 H N N 159 
ILE HD13 H N N 160 
ILE HXT  H N N 161 
LEU N    N N N 162 
LEU CA   C N S 163 
LEU C    C N N 164 
LEU O    O N N 165 
LEU CB   C N N 166 
LEU CG   C N N 167 
LEU CD1  C N N 168 
LEU CD2  C N N 169 
LEU OXT  O N N 170 
LEU H    H N N 171 
LEU H2   H N N 172 
LEU HA   H N N 173 
LEU HB2  H N N 174 
LEU HB3  H N N 175 
LEU HG   H N N 176 
LEU HD11 H N N 177 
LEU HD12 H N N 178 
LEU HD13 H N N 179 
LEU HD21 H N N 180 
LEU HD22 H N N 181 
LEU HD23 H N N 182 
LEU HXT  H N N 183 
LYS N    N N N 184 
LYS CA   C N S 185 
LYS C    C N N 186 
LYS O    O N N 187 
LYS CB   C N N 188 
LYS CG   C N N 189 
LYS CD   C N N 190 
LYS CE   C N N 191 
LYS NZ   N N N 192 
LYS OXT  O N N 193 
LYS H    H N N 194 
LYS H2   H N N 195 
LYS HA   H N N 196 
LYS HB2  H N N 197 
LYS HB3  H N N 198 
LYS HG2  H N N 199 
LYS HG3  H N N 200 
LYS HD2  H N N 201 
LYS HD3  H N N 202 
LYS HE2  H N N 203 
LYS HE3  H N N 204 
LYS HZ1  H N N 205 
LYS HZ2  H N N 206 
LYS HZ3  H N N 207 
LYS HXT  H N N 208 
MET N    N N N 209 
MET CA   C N S 210 
MET C    C N N 211 
MET O    O N N 212 
MET CB   C N N 213 
MET CG   C N N 214 
MET SD   S N N 215 
MET CE   C N N 216 
MET OXT  O N N 217 
MET H    H N N 218 
MET H2   H N N 219 
MET HA   H N N 220 
MET HB2  H N N 221 
MET HB3  H N N 222 
MET HG2  H N N 223 
MET HG3  H N N 224 
MET HE1  H N N 225 
MET HE2  H N N 226 
MET HE3  H N N 227 
MET HXT  H N N 228 
PG0 C5   C N N 229 
PG0 O2   O N N 230 
PG0 C4   C N N 231 
PG0 C3   C N N 232 
PG0 O1   O N N 233 
PG0 C2   C N N 234 
PG0 C1   C N N 235 
PG0 OTT  O N N 236 
PG0 H51  H N N 237 
PG0 H52  H N N 238 
PG0 H53  H N N 239 
PG0 H41  H N N 240 
PG0 H42  H N N 241 
PG0 H31  H N N 242 
PG0 H32  H N N 243 
PG0 H21  H N N 244 
PG0 H22  H N N 245 
PG0 H11  H N N 246 
PG0 H12  H N N 247 
PG0 HTT  H N N 248 
PHE N    N N N 249 
PHE CA   C N S 250 
PHE C    C N N 251 
PHE O    O N N 252 
PHE CB   C N N 253 
PHE CG   C Y N 254 
PHE CD1  C Y N 255 
PHE CD2  C Y N 256 
PHE CE1  C Y N 257 
PHE CE2  C Y N 258 
PHE CZ   C Y N 259 
PHE OXT  O N N 260 
PHE H    H N N 261 
PHE H2   H N N 262 
PHE HA   H N N 263 
PHE HB2  H N N 264 
PHE HB3  H N N 265 
PHE HD1  H N N 266 
PHE HD2  H N N 267 
PHE HE1  H N N 268 
PHE HE2  H N N 269 
PHE HZ   H N N 270 
PHE HXT  H N N 271 
PRO N    N N N 272 
PRO CA   C N S 273 
PRO C    C N N 274 
PRO O    O N N 275 
PRO CB   C N N 276 
PRO CG   C N N 277 
PRO CD   C N N 278 
PRO OXT  O N N 279 
PRO H    H N N 280 
PRO HA   H N N 281 
PRO HB2  H N N 282 
PRO HB3  H N N 283 
PRO HG2  H N N 284 
PRO HG3  H N N 285 
PRO HD2  H N N 286 
PRO HD3  H N N 287 
PRO HXT  H N N 288 
SER N    N N N 289 
SER CA   C N S 290 
SER C    C N N 291 
SER O    O N N 292 
SER CB   C N N 293 
SER OG   O N N 294 
SER OXT  O N N 295 
SER H    H N N 296 
SER H2   H N N 297 
SER HA   H N N 298 
SER HB2  H N N 299 
SER HB3  H N N 300 
SER HG   H N N 301 
SER HXT  H N N 302 
THR N    N N N 303 
THR CA   C N S 304 
THR C    C N N 305 
THR O    O N N 306 
THR CB   C N R 307 
THR OG1  O N N 308 
THR CG2  C N N 309 
THR OXT  O N N 310 
THR H    H N N 311 
THR H2   H N N 312 
THR HA   H N N 313 
THR HB   H N N 314 
THR HG1  H N N 315 
THR HG21 H N N 316 
THR HG22 H N N 317 
THR HG23 H N N 318 
THR HXT  H N N 319 
TRP N    N N N 320 
TRP CA   C N S 321 
TRP C    C N N 322 
TRP O    O N N 323 
TRP CB   C N N 324 
TRP CG   C Y N 325 
TRP CD1  C Y N 326 
TRP CD2  C Y N 327 
TRP NE1  N Y N 328 
TRP CE2  C Y N 329 
TRP CE3  C Y N 330 
TRP CZ2  C Y N 331 
TRP CZ3  C Y N 332 
TRP CH2  C Y N 333 
TRP OXT  O N N 334 
TRP H    H N N 335 
TRP H2   H N N 336 
TRP HA   H N N 337 
TRP HB2  H N N 338 
TRP HB3  H N N 339 
TRP HD1  H N N 340 
TRP HE1  H N N 341 
TRP HE3  H N N 342 
TRP HZ2  H N N 343 
TRP HZ3  H N N 344 
TRP HH2  H N N 345 
TRP HXT  H N N 346 
TYR N    N N N 347 
TYR CA   C N S 348 
TYR C    C N N 349 
TYR O    O N N 350 
TYR CB   C N N 351 
TYR CG   C Y N 352 
TYR CD1  C Y N 353 
TYR CD2  C Y N 354 
TYR CE1  C Y N 355 
TYR CE2  C Y N 356 
TYR CZ   C Y N 357 
TYR OH   O N N 358 
TYR OXT  O N N 359 
TYR H    H N N 360 
TYR H2   H N N 361 
TYR HA   H N N 362 
TYR HB2  H N N 363 
TYR HB3  H N N 364 
TYR HD1  H N N 365 
TYR HD2  H N N 366 
TYR HE1  H N N 367 
TYR HE2  H N N 368 
TYR HH   H N N 369 
TYR HXT  H N N 370 
VAL N    N N N 371 
VAL CA   C N S 372 
VAL C    C N N 373 
VAL O    O N N 374 
VAL CB   C N N 375 
VAL CG1  C N N 376 
VAL CG2  C N N 377 
VAL OXT  O N N 378 
VAL H    H N N 379 
VAL H2   H N N 380 
VAL HA   H N N 381 
VAL HB   H N N 382 
VAL HG11 H N N 383 
VAL HG12 H N N 384 
VAL HG13 H N N 385 
VAL HG21 H N N 386 
VAL HG22 H N N 387 
VAL HG23 H N N 388 
VAL HXT  H N N 389 
# 
loop_
_chem_comp_bond.comp_id 
_chem_comp_bond.atom_id_1 
_chem_comp_bond.atom_id_2 
_chem_comp_bond.value_order 
_chem_comp_bond.pdbx_aromatic_flag 
_chem_comp_bond.pdbx_stereo_config 
_chem_comp_bond.pdbx_ordinal 
ALA N   CA   sing N N 1   
ALA N   H    sing N N 2   
ALA N   H2   sing N N 3   
ALA CA  C    sing N N 4   
ALA CA  CB   sing N N 5   
ALA CA  HA   sing N N 6   
ALA C   O    doub N N 7   
ALA C   OXT  sing N N 8   
ALA CB  HB1  sing N N 9   
ALA CB  HB2  sing N N 10  
ALA CB  HB3  sing N N 11  
ALA OXT HXT  sing N N 12  
ARG N   CA   sing N N 13  
ARG N   H    sing N N 14  
ARG N   H2   sing N N 15  
ARG CA  C    sing N N 16  
ARG CA  CB   sing N N 17  
ARG CA  HA   sing N N 18  
ARG C   O    doub N N 19  
ARG C   OXT  sing N N 20  
ARG CB  CG   sing N N 21  
ARG CB  HB2  sing N N 22  
ARG CB  HB3  sing N N 23  
ARG CG  CD   sing N N 24  
ARG CG  HG2  sing N N 25  
ARG CG  HG3  sing N N 26  
ARG CD  NE   sing N N 27  
ARG CD  HD2  sing N N 28  
ARG CD  HD3  sing N N 29  
ARG NE  CZ   sing N N 30  
ARG NE  HE   sing N N 31  
ARG CZ  NH1  sing N N 32  
ARG CZ  NH2  doub N N 33  
ARG NH1 HH11 sing N N 34  
ARG NH1 HH12 sing N N 35  
ARG NH2 HH21 sing N N 36  
ARG NH2 HH22 sing N N 37  
ARG OXT HXT  sing N N 38  
ASN N   CA   sing N N 39  
ASN N   H    sing N N 40  
ASN N   H2   sing N N 41  
ASN CA  C    sing N N 42  
ASN CA  CB   sing N N 43  
ASN CA  HA   sing N N 44  
ASN C   O    doub N N 45  
ASN C   OXT  sing N N 46  
ASN CB  CG   sing N N 47  
ASN CB  HB2  sing N N 48  
ASN CB  HB3  sing N N 49  
ASN CG  OD1  doub N N 50  
ASN CG  ND2  sing N N 51  
ASN ND2 HD21 sing N N 52  
ASN ND2 HD22 sing N N 53  
ASN OXT HXT  sing N N 54  
ASP N   CA   sing N N 55  
ASP N   H    sing N N 56  
ASP N   H2   sing N N 57  
ASP CA  C    sing N N 58  
ASP CA  CB   sing N N 59  
ASP CA  HA   sing N N 60  
ASP C   O    doub N N 61  
ASP C   OXT  sing N N 62  
ASP CB  CG   sing N N 63  
ASP CB  HB2  sing N N 64  
ASP CB  HB3  sing N N 65  
ASP CG  OD1  doub N N 66  
ASP CG  OD2  sing N N 67  
ASP OD2 HD2  sing N N 68  
ASP OXT HXT  sing N N 69  
CYS N   CA   sing N N 70  
CYS N   H    sing N N 71  
CYS N   H2   sing N N 72  
CYS CA  C    sing N N 73  
CYS CA  CB   sing N N 74  
CYS CA  HA   sing N N 75  
CYS C   O    doub N N 76  
CYS C   OXT  sing N N 77  
CYS CB  SG   sing N N 78  
CYS CB  HB2  sing N N 79  
CYS CB  HB3  sing N N 80  
CYS SG  HG   sing N N 81  
CYS OXT HXT  sing N N 82  
GLN N   CA   sing N N 83  
GLN N   H    sing N N 84  
GLN N   H2   sing N N 85  
GLN CA  C    sing N N 86  
GLN CA  CB   sing N N 87  
GLN CA  HA   sing N N 88  
GLN C   O    doub N N 89  
GLN C   OXT  sing N N 90  
GLN CB  CG   sing N N 91  
GLN CB  HB2  sing N N 92  
GLN CB  HB3  sing N N 93  
GLN CG  CD   sing N N 94  
GLN CG  HG2  sing N N 95  
GLN CG  HG3  sing N N 96  
GLN CD  OE1  doub N N 97  
GLN CD  NE2  sing N N 98  
GLN NE2 HE21 sing N N 99  
GLN NE2 HE22 sing N N 100 
GLN OXT HXT  sing N N 101 
GLU N   CA   sing N N 102 
GLU N   H    sing N N 103 
GLU N   H2   sing N N 104 
GLU CA  C    sing N N 105 
GLU CA  CB   sing N N 106 
GLU CA  HA   sing N N 107 
GLU C   O    doub N N 108 
GLU C   OXT  sing N N 109 
GLU CB  CG   sing N N 110 
GLU CB  HB2  sing N N 111 
GLU CB  HB3  sing N N 112 
GLU CG  CD   sing N N 113 
GLU CG  HG2  sing N N 114 
GLU CG  HG3  sing N N 115 
GLU CD  OE1  doub N N 116 
GLU CD  OE2  sing N N 117 
GLU OE2 HE2  sing N N 118 
GLU OXT HXT  sing N N 119 
GLY N   CA   sing N N 120 
GLY N   H    sing N N 121 
GLY N   H2   sing N N 122 
GLY CA  C    sing N N 123 
GLY CA  HA2  sing N N 124 
GLY CA  HA3  sing N N 125 
GLY C   O    doub N N 126 
GLY C   OXT  sing N N 127 
GLY OXT HXT  sing N N 128 
HOH O   H1   sing N N 129 
HOH O   H2   sing N N 130 
ILE N   CA   sing N N 131 
ILE N   H    sing N N 132 
ILE N   H2   sing N N 133 
ILE CA  C    sing N N 134 
ILE CA  CB   sing N N 135 
ILE CA  HA   sing N N 136 
ILE C   O    doub N N 137 
ILE C   OXT  sing N N 138 
ILE CB  CG1  sing N N 139 
ILE CB  CG2  sing N N 140 
ILE CB  HB   sing N N 141 
ILE CG1 CD1  sing N N 142 
ILE CG1 HG12 sing N N 143 
ILE CG1 HG13 sing N N 144 
ILE CG2 HG21 sing N N 145 
ILE CG2 HG22 sing N N 146 
ILE CG2 HG23 sing N N 147 
ILE CD1 HD11 sing N N 148 
ILE CD1 HD12 sing N N 149 
ILE CD1 HD13 sing N N 150 
ILE OXT HXT  sing N N 151 
LEU N   CA   sing N N 152 
LEU N   H    sing N N 153 
LEU N   H2   sing N N 154 
LEU CA  C    sing N N 155 
LEU CA  CB   sing N N 156 
LEU CA  HA   sing N N 157 
LEU C   O    doub N N 158 
LEU C   OXT  sing N N 159 
LEU CB  CG   sing N N 160 
LEU CB  HB2  sing N N 161 
LEU CB  HB3  sing N N 162 
LEU CG  CD1  sing N N 163 
LEU CG  CD2  sing N N 164 
LEU CG  HG   sing N N 165 
LEU CD1 HD11 sing N N 166 
LEU CD1 HD12 sing N N 167 
LEU CD1 HD13 sing N N 168 
LEU CD2 HD21 sing N N 169 
LEU CD2 HD22 sing N N 170 
LEU CD2 HD23 sing N N 171 
LEU OXT HXT  sing N N 172 
LYS N   CA   sing N N 173 
LYS N   H    sing N N 174 
LYS N   H2   sing N N 175 
LYS CA  C    sing N N 176 
LYS CA  CB   sing N N 177 
LYS CA  HA   sing N N 178 
LYS C   O    doub N N 179 
LYS C   OXT  sing N N 180 
LYS CB  CG   sing N N 181 
LYS CB  HB2  sing N N 182 
LYS CB  HB3  sing N N 183 
LYS CG  CD   sing N N 184 
LYS CG  HG2  sing N N 185 
LYS CG  HG3  sing N N 186 
LYS CD  CE   sing N N 187 
LYS CD  HD2  sing N N 188 
LYS CD  HD3  sing N N 189 
LYS CE  NZ   sing N N 190 
LYS CE  HE2  sing N N 191 
LYS CE  HE3  sing N N 192 
LYS NZ  HZ1  sing N N 193 
LYS NZ  HZ2  sing N N 194 
LYS NZ  HZ3  sing N N 195 
LYS OXT HXT  sing N N 196 
MET N   CA   sing N N 197 
MET N   H    sing N N 198 
MET N   H2   sing N N 199 
MET CA  C    sing N N 200 
MET CA  CB   sing N N 201 
MET CA  HA   sing N N 202 
MET C   O    doub N N 203 
MET C   OXT  sing N N 204 
MET CB  CG   sing N N 205 
MET CB  HB2  sing N N 206 
MET CB  HB3  sing N N 207 
MET CG  SD   sing N N 208 
MET CG  HG2  sing N N 209 
MET CG  HG3  sing N N 210 
MET SD  CE   sing N N 211 
MET CE  HE1  sing N N 212 
MET CE  HE2  sing N N 213 
MET CE  HE3  sing N N 214 
MET OXT HXT  sing N N 215 
PG0 C5  O2   sing N N 216 
PG0 C5  H51  sing N N 217 
PG0 C5  H52  sing N N 218 
PG0 C5  H53  sing N N 219 
PG0 O2  C4   sing N N 220 
PG0 C4  C3   sing N N 221 
PG0 C4  H41  sing N N 222 
PG0 C4  H42  sing N N 223 
PG0 C3  O1   sing N N 224 
PG0 C3  H31  sing N N 225 
PG0 C3  H32  sing N N 226 
PG0 O1  C2   sing N N 227 
PG0 C2  C1   sing N N 228 
PG0 C2  H21  sing N N 229 
PG0 C2  H22  sing N N 230 
PG0 C1  OTT  sing N N 231 
PG0 C1  H11  sing N N 232 
PG0 C1  H12  sing N N 233 
PG0 OTT HTT  sing N N 234 
PHE N   CA   sing N N 235 
PHE N   H    sing N N 236 
PHE N   H2   sing N N 237 
PHE CA  C    sing N N 238 
PHE CA  CB   sing N N 239 
PHE CA  HA   sing N N 240 
PHE C   O    doub N N 241 
PHE C   OXT  sing N N 242 
PHE CB  CG   sing N N 243 
PHE CB  HB2  sing N N 244 
PHE CB  HB3  sing N N 245 
PHE CG  CD1  doub Y N 246 
PHE CG  CD2  sing Y N 247 
PHE CD1 CE1  sing Y N 248 
PHE CD1 HD1  sing N N 249 
PHE CD2 CE2  doub Y N 250 
PHE CD2 HD2  sing N N 251 
PHE CE1 CZ   doub Y N 252 
PHE CE1 HE1  sing N N 253 
PHE CE2 CZ   sing Y N 254 
PHE CE2 HE2  sing N N 255 
PHE CZ  HZ   sing N N 256 
PHE OXT HXT  sing N N 257 
PRO N   CA   sing N N 258 
PRO N   CD   sing N N 259 
PRO N   H    sing N N 260 
PRO CA  C    sing N N 261 
PRO CA  CB   sing N N 262 
PRO CA  HA   sing N N 263 
PRO C   O    doub N N 264 
PRO C   OXT  sing N N 265 
PRO CB  CG   sing N N 266 
PRO CB  HB2  sing N N 267 
PRO CB  HB3  sing N N 268 
PRO CG  CD   sing N N 269 
PRO CG  HG2  sing N N 270 
PRO CG  HG3  sing N N 271 
PRO CD  HD2  sing N N 272 
PRO CD  HD3  sing N N 273 
PRO OXT HXT  sing N N 274 
SER N   CA   sing N N 275 
SER N   H    sing N N 276 
SER N   H2   sing N N 277 
SER CA  C    sing N N 278 
SER CA  CB   sing N N 279 
SER CA  HA   sing N N 280 
SER C   O    doub N N 281 
SER C   OXT  sing N N 282 
SER CB  OG   sing N N 283 
SER CB  HB2  sing N N 284 
SER CB  HB3  sing N N 285 
SER OG  HG   sing N N 286 
SER OXT HXT  sing N N 287 
THR N   CA   sing N N 288 
THR N   H    sing N N 289 
THR N   H2   sing N N 290 
THR CA  C    sing N N 291 
THR CA  CB   sing N N 292 
THR CA  HA   sing N N 293 
THR C   O    doub N N 294 
THR C   OXT  sing N N 295 
THR CB  OG1  sing N N 296 
THR CB  CG2  sing N N 297 
THR CB  HB   sing N N 298 
THR OG1 HG1  sing N N 299 
THR CG2 HG21 sing N N 300 
THR CG2 HG22 sing N N 301 
THR CG2 HG23 sing N N 302 
THR OXT HXT  sing N N 303 
TRP N   CA   sing N N 304 
TRP N   H    sing N N 305 
TRP N   H2   sing N N 306 
TRP CA  C    sing N N 307 
TRP CA  CB   sing N N 308 
TRP CA  HA   sing N N 309 
TRP C   O    doub N N 310 
TRP C   OXT  sing N N 311 
TRP CB  CG   sing N N 312 
TRP CB  HB2  sing N N 313 
TRP CB  HB3  sing N N 314 
TRP CG  CD1  doub Y N 315 
TRP CG  CD2  sing Y N 316 
TRP CD1 NE1  sing Y N 317 
TRP CD1 HD1  sing N N 318 
TRP CD2 CE2  doub Y N 319 
TRP CD2 CE3  sing Y N 320 
TRP NE1 CE2  sing Y N 321 
TRP NE1 HE1  sing N N 322 
TRP CE2 CZ2  sing Y N 323 
TRP CE3 CZ3  doub Y N 324 
TRP CE3 HE3  sing N N 325 
TRP CZ2 CH2  doub Y N 326 
TRP CZ2 HZ2  sing N N 327 
TRP CZ3 CH2  sing Y N 328 
TRP CZ3 HZ3  sing N N 329 
TRP CH2 HH2  sing N N 330 
TRP OXT HXT  sing N N 331 
TYR N   CA   sing N N 332 
TYR N   H    sing N N 333 
TYR N   H2   sing N N 334 
TYR CA  C    sing N N 335 
TYR CA  CB   sing N N 336 
TYR CA  HA   sing N N 337 
TYR C   O    doub N N 338 
TYR C   OXT  sing N N 339 
TYR CB  CG   sing N N 340 
TYR CB  HB2  sing N N 341 
TYR CB  HB3  sing N N 342 
TYR CG  CD1  doub Y N 343 
TYR CG  CD2  sing Y N 344 
TYR CD1 CE1  sing Y N 345 
TYR CD1 HD1  sing N N 346 
TYR CD2 CE2  doub Y N 347 
TYR CD2 HD2  sing N N 348 
TYR CE1 CZ   doub Y N 349 
TYR CE1 HE1  sing N N 350 
TYR CE2 CZ   sing Y N 351 
TYR CE2 HE2  sing N N 352 
TYR CZ  OH   sing N N 353 
TYR OH  HH   sing N N 354 
TYR OXT HXT  sing N N 355 
VAL N   CA   sing N N 356 
VAL N   H    sing N N 357 
VAL N   H2   sing N N 358 
VAL CA  C    sing N N 359 
VAL CA  CB   sing N N 360 
VAL CA  HA   sing N N 361 
VAL C   O    doub N N 362 
VAL C   OXT  sing N N 363 
VAL CB  CG1  sing N N 364 
VAL CB  CG2  sing N N 365 
VAL CB  HB   sing N N 366 
VAL CG1 HG11 sing N N 367 
VAL CG1 HG12 sing N N 368 
VAL CG1 HG13 sing N N 369 
VAL CG2 HG21 sing N N 370 
VAL CG2 HG22 sing N N 371 
VAL CG2 HG23 sing N N 372 
VAL OXT HXT  sing N N 373 
# 
loop_
_pdbx_entity_nonpoly.entity_id 
_pdbx_entity_nonpoly.name 
_pdbx_entity_nonpoly.comp_id 
2 '2-(2-METHOXYETHOXY)ETHANOL' PG0 
3 water                        HOH 
# 
_pdbx_initial_refinement_model.id               1 
_pdbx_initial_refinement_model.entity_id_list   ? 
_pdbx_initial_refinement_model.type             'experimental model' 
_pdbx_initial_refinement_model.source_name      PDB 
_pdbx_initial_refinement_model.accession_code   1WG3 
_pdbx_initial_refinement_model.details          'PDB ENTRY 1WG3' 
# 
